data_8WPV
# 
_entry.id   8WPV 
# 
_audit_conform.dict_name       mmcif_pdbx.dic 
_audit_conform.dict_version    5.392 
_audit_conform.dict_location   http://mmcif.pdb.org/dictionaries/ascii/mmcif_pdbx.dic 
# 
loop_
_database_2.database_id 
_database_2.database_code 
_database_2.pdbx_database_accession 
_database_2.pdbx_DOI 
PDB   8WPV         pdb_00008wpv 10.2210/pdb8wpv/pdb 
WWPDB D_1300041757 ?            ?                   
# 
_pdbx_audit_revision_history.ordinal             1 
_pdbx_audit_revision_history.data_content_type   'Structure model' 
_pdbx_audit_revision_history.major_revision      1 
_pdbx_audit_revision_history.minor_revision      0 
_pdbx_audit_revision_history.revision_date       2024-06-12 
# 
_pdbx_audit_revision_details.ordinal             1 
_pdbx_audit_revision_details.revision_ordinal    1 
_pdbx_audit_revision_details.data_content_type   'Structure model' 
_pdbx_audit_revision_details.provider            repository 
_pdbx_audit_revision_details.type                'Initial release' 
_pdbx_audit_revision_details.description         ? 
_pdbx_audit_revision_details.details             ? 
# 
_pdbx_database_status.status_code                     REL 
_pdbx_database_status.status_code_sf                  REL 
_pdbx_database_status.status_code_mr                  ? 
_pdbx_database_status.entry_id                        8WPV 
_pdbx_database_status.recvd_initial_deposition_date   2023-10-10 
_pdbx_database_status.SG_entry                        N 
_pdbx_database_status.deposit_site                    PDBJ 
_pdbx_database_status.process_site                    PDBJ 
_pdbx_database_status.status_code_cs                  ? 
_pdbx_database_status.status_code_nmr_data            ? 
_pdbx_database_status.methods_development_category    ? 
_pdbx_database_status.pdb_format_compatible           Y 
# 
_pdbx_database_related.db_name        PDB 
_pdbx_database_related.details        . 
_pdbx_database_related.db_id          8W6M 
_pdbx_database_related.content_type   unspecified 
# 
_pdbx_contact_author.id                 2 
_pdbx_contact_author.email              wangwm@sxu.edu.cn 
_pdbx_contact_author.name_first         'wen. ming' 
_pdbx_contact_author.name_last          Wang 
_pdbx_contact_author.name_mi            ? 
_pdbx_contact_author.role               'principal investigator/group leader' 
_pdbx_contact_author.identifier_ORCID   0000-0002-0903-3461 
# 
loop_
_audit_author.name 
_audit_author.pdbx_ordinal 
_audit_author.identifier_ORCID 
'Wang, W.M.' 1 0000-0002-0903-3461 
'Xi, H.F.'   2 ?                   
'Gong, W.J.' 3 0000-0003-3914-7977 
'Ma, D.Y.'   4 ?                   
'Wang, H.F.' 5 0000-0002-8162-9243 
# 
_citation.abstract                  ? 
_citation.abstract_id_CAS           ? 
_citation.book_id_ISBN              ? 
_citation.book_publisher            ? 
_citation.book_publisher_city       ? 
_citation.book_title                ? 
_citation.coordinate_linkage        ? 
_citation.country                   US 
_citation.database_id_Medline       ? 
_citation.details                   ? 
_citation.id                        primary 
_citation.journal_abbrev            J.Am.Chem.Soc. 
_citation.journal_id_ASTM           JACSAT 
_citation.journal_id_CSD            ? 
_citation.journal_id_ISSN           1520-5126 
_citation.journal_full              ? 
_citation.journal_issue             ? 
_citation.journal_volume            146 
_citation.language                  ? 
_citation.page_first                11657 
_citation.page_last                 11668 
_citation.title                     'Growth Process of Fe-O Nanoclusters with Different Sizes Biosynthesized by Protein Nanocages.' 
_citation.year                      2024 
_citation.database_id_CSD           ? 
_citation.pdbx_database_id_DOI      10.1021/jacs.3c13830 
_citation.pdbx_database_id_PubMed   38641862 
_citation.pdbx_database_id_patent   ? 
_citation.unpublished_flag          ? 
# 
loop_
_citation_author.citation_id 
_citation_author.name 
_citation_author.ordinal 
_citation_author.identifier_ORCID 
primary 'Wang, W.' 1  0000-0002-0903-3461 
primary 'Xi, H.'   2  ?                   
primary 'Fu, D.'   3  ?                   
primary 'Ma, D.'   4  ?                   
primary 'Gong, W.' 5  ?                   
primary 'Zhao, Y.' 6  ?                   
primary 'Li, X.'   7  ?                   
primary 'Wu, L.'   8  ?                   
primary 'Guo, Y.'  9  0000-0002-8109-7515 
primary 'Zhao, G.' 10 0000-0001-8587-9680 
primary 'Wang, H.' 11 0000-0002-8162-9243 
# 
loop_
_entity.id 
_entity.type 
_entity.src_method 
_entity.pdbx_description 
_entity.formula_weight 
_entity.pdbx_number_of_molecules 
_entity.pdbx_ec 
_entity.pdbx_mutation 
_entity.pdbx_fragment 
_entity.details 
1 polymer     man 'Truncated mutant of ferritin' 20027.717 1   ? ? ? ? 
2 non-polymer syn 'FE (III) ION'                 55.845    10  ? ? ? ? 
3 non-polymer syn 'MAGNESIUM ION'                24.305    1   ? ? ? ? 
4 non-polymer syn 'CHLORIDE ION'                 35.453    2   ? ? ? ? 
5 water       nat water                          18.015    102 ? ? ? ? 
# 
_entity_poly.entity_id                      1 
_entity_poly.type                           'polypeptide(L)' 
_entity_poly.nstd_linkage                   no 
_entity_poly.nstd_monomer                   no 
_entity_poly.pdbx_seq_one_letter_code       
;MLYRERNNIMQKSNKINDALNQHYKLNVELGLVYAHYAHVADDEFDMPYLGKFIQHLSEDKLGVHKEYISDYFKRNGMKL
KTDVSVAVKSIPSDAKALIQEVYARENEVRDHVKAIAKLALAEDDYESFYFIQWYVRDGLKDLTEVDDVVKLFNSSNDKL
IIEETIKEMVE
;
_entity_poly.pdbx_seq_one_letter_code_can   
;MLYRERNNIMQKSNKINDALNQHYKLNVELGLVYAHYAHVADDEFDMPYLGKFIQHLSEDKLGVHKEYISDYFKRNGMKL
KTDVSVAVKSIPSDAKALIQEVYARENEVRDHVKAIAKLALAEDDYESFYFIQWYVRDGLKDLTEVDDVVKLFNSSNDKL
IIEETIKEMVE
;
_entity_poly.pdbx_strand_id                 A 
_entity_poly.pdbx_target_identifier         ? 
# 
loop_
_pdbx_entity_nonpoly.entity_id 
_pdbx_entity_nonpoly.name 
_pdbx_entity_nonpoly.comp_id 
2 'FE (III) ION'  FE  
3 'MAGNESIUM ION' MG  
4 'CHLORIDE ION'  CL  
5 water           HOH 
# 
loop_
_entity_poly_seq.entity_id 
_entity_poly_seq.num 
_entity_poly_seq.mon_id 
_entity_poly_seq.hetero 
1 1   MET n 
1 2   LEU n 
1 3   TYR n 
1 4   ARG n 
1 5   GLU n 
1 6   ARG n 
1 7   ASN n 
1 8   ASN n 
1 9   ILE n 
1 10  MET n 
1 11  GLN n 
1 12  LYS n 
1 13  SER n 
1 14  ASN n 
1 15  LYS n 
1 16  ILE n 
1 17  ASN n 
1 18  ASP n 
1 19  ALA n 
1 20  LEU n 
1 21  ASN n 
1 22  GLN n 
1 23  HIS n 
1 24  TYR n 
1 25  LYS n 
1 26  LEU n 
1 27  ASN n 
1 28  VAL n 
1 29  GLU n 
1 30  LEU n 
1 31  GLY n 
1 32  LEU n 
1 33  VAL n 
1 34  TYR n 
1 35  ALA n 
1 36  HIS n 
1 37  TYR n 
1 38  ALA n 
1 39  HIS n 
1 40  VAL n 
1 41  ALA n 
1 42  ASP n 
1 43  ASP n 
1 44  GLU n 
1 45  PHE n 
1 46  ASP n 
1 47  MET n 
1 48  PRO n 
1 49  TYR n 
1 50  LEU n 
1 51  GLY n 
1 52  LYS n 
1 53  PHE n 
1 54  ILE n 
1 55  GLN n 
1 56  HIS n 
1 57  LEU n 
1 58  SER n 
1 59  GLU n 
1 60  ASP n 
1 61  LYS n 
1 62  LEU n 
1 63  GLY n 
1 64  VAL n 
1 65  HIS n 
1 66  LYS n 
1 67  GLU n 
1 68  TYR n 
1 69  ILE n 
1 70  SER n 
1 71  ASP n 
1 72  TYR n 
1 73  PHE n 
1 74  LYS n 
1 75  ARG n 
1 76  ASN n 
1 77  GLY n 
1 78  MET n 
1 79  LYS n 
1 80  LEU n 
1 81  LYS n 
1 82  THR n 
1 83  ASP n 
1 84  VAL n 
1 85  SER n 
1 86  VAL n 
1 87  ALA n 
1 88  VAL n 
1 89  LYS n 
1 90  SER n 
1 91  ILE n 
1 92  PRO n 
1 93  SER n 
1 94  ASP n 
1 95  ALA n 
1 96  LYS n 
1 97  ALA n 
1 98  LEU n 
1 99  ILE n 
1 100 GLN n 
1 101 GLU n 
1 102 VAL n 
1 103 TYR n 
1 104 ALA n 
1 105 ARG n 
1 106 GLU n 
1 107 ASN n 
1 108 GLU n 
1 109 VAL n 
1 110 ARG n 
1 111 ASP n 
1 112 HIS n 
1 113 VAL n 
1 114 LYS n 
1 115 ALA n 
1 116 ILE n 
1 117 ALA n 
1 118 LYS n 
1 119 LEU n 
1 120 ALA n 
1 121 LEU n 
1 122 ALA n 
1 123 GLU n 
1 124 ASP n 
1 125 ASP n 
1 126 TYR n 
1 127 GLU n 
1 128 SER n 
1 129 PHE n 
1 130 TYR n 
1 131 PHE n 
1 132 ILE n 
1 133 GLN n 
1 134 TRP n 
1 135 TYR n 
1 136 VAL n 
1 137 ARG n 
1 138 ASP n 
1 139 GLY n 
1 140 LEU n 
1 141 LYS n 
1 142 ASP n 
1 143 LEU n 
1 144 THR n 
1 145 GLU n 
1 146 VAL n 
1 147 ASP n 
1 148 ASP n 
1 149 VAL n 
1 150 VAL n 
1 151 LYS n 
1 152 LEU n 
1 153 PHE n 
1 154 ASN n 
1 155 SER n 
1 156 SER n 
1 157 ASN n 
1 158 ASP n 
1 159 LYS n 
1 160 LEU n 
1 161 ILE n 
1 162 ILE n 
1 163 GLU n 
1 164 GLU n 
1 165 THR n 
1 166 ILE n 
1 167 LYS n 
1 168 GLU n 
1 169 MET n 
1 170 VAL n 
1 171 GLU n 
# 
_entity_src_gen.entity_id                          1 
_entity_src_gen.pdbx_src_id                        1 
_entity_src_gen.pdbx_alt_source_flag               sample 
_entity_src_gen.pdbx_seq_type                      'Biological sequence' 
_entity_src_gen.pdbx_beg_seq_num                   1 
_entity_src_gen.pdbx_end_seq_num                   171 
_entity_src_gen.gene_src_common_name               ? 
_entity_src_gen.gene_src_genus                     ? 
_entity_src_gen.pdbx_gene_src_gene                 ? 
_entity_src_gen.gene_src_species                   ? 
_entity_src_gen.gene_src_strain                    ? 
_entity_src_gen.gene_src_tissue                    ? 
_entity_src_gen.gene_src_tissue_fraction           ? 
_entity_src_gen.gene_src_details                   ? 
_entity_src_gen.pdbx_gene_src_fragment             ? 
_entity_src_gen.pdbx_gene_src_scientific_name      'Ureaplasma diversum' 
_entity_src_gen.pdbx_gene_src_ncbi_taxonomy_id     42094 
_entity_src_gen.pdbx_gene_src_variant              ? 
_entity_src_gen.pdbx_gene_src_cell_line            ? 
_entity_src_gen.pdbx_gene_src_atcc                 ? 
_entity_src_gen.pdbx_gene_src_organ                ? 
_entity_src_gen.pdbx_gene_src_organelle            ? 
_entity_src_gen.pdbx_gene_src_cell                 ? 
_entity_src_gen.pdbx_gene_src_cellular_location    ? 
_entity_src_gen.host_org_common_name               ? 
_entity_src_gen.pdbx_host_org_scientific_name      'Escherichia coli' 
_entity_src_gen.pdbx_host_org_ncbi_taxonomy_id     562 
_entity_src_gen.host_org_genus                     ? 
_entity_src_gen.pdbx_host_org_gene                 ? 
_entity_src_gen.pdbx_host_org_organ                ? 
_entity_src_gen.host_org_species                   ? 
_entity_src_gen.pdbx_host_org_tissue               ? 
_entity_src_gen.pdbx_host_org_tissue_fraction      ? 
_entity_src_gen.pdbx_host_org_strain               ? 
_entity_src_gen.pdbx_host_org_variant              ? 
_entity_src_gen.pdbx_host_org_cell_line            ? 
_entity_src_gen.pdbx_host_org_atcc                 ? 
_entity_src_gen.pdbx_host_org_culture_collection   ? 
_entity_src_gen.pdbx_host_org_cell                 ? 
_entity_src_gen.pdbx_host_org_organelle            ? 
_entity_src_gen.pdbx_host_org_cellular_location    ? 
_entity_src_gen.pdbx_host_org_vector_type          ? 
_entity_src_gen.pdbx_host_org_vector               ? 
_entity_src_gen.host_org_details                   ? 
_entity_src_gen.expression_system_id               ? 
_entity_src_gen.plasmid_name                       ? 
_entity_src_gen.plasmid_details                    ? 
_entity_src_gen.pdbx_description                   ? 
# 
loop_
_chem_comp.id 
_chem_comp.type 
_chem_comp.mon_nstd_flag 
_chem_comp.name 
_chem_comp.pdbx_synonyms 
_chem_comp.formula 
_chem_comp.formula_weight 
ALA 'L-peptide linking' y ALANINE         ? 'C3 H7 N O2'     89.093  
ARG 'L-peptide linking' y ARGININE        ? 'C6 H15 N4 O2 1' 175.209 
ASN 'L-peptide linking' y ASPARAGINE      ? 'C4 H8 N2 O3'    132.118 
ASP 'L-peptide linking' y 'ASPARTIC ACID' ? 'C4 H7 N O4'     133.103 
CL  non-polymer         . 'CHLORIDE ION'  ? 'Cl -1'          35.453  
FE  non-polymer         . 'FE (III) ION'  ? 'Fe 3'           55.845  
GLN 'L-peptide linking' y GLUTAMINE       ? 'C5 H10 N2 O3'   146.144 
GLU 'L-peptide linking' y 'GLUTAMIC ACID' ? 'C5 H9 N O4'     147.129 
GLY 'peptide linking'   y GLYCINE         ? 'C2 H5 N O2'     75.067  
HIS 'L-peptide linking' y HISTIDINE       ? 'C6 H10 N3 O2 1' 156.162 
HOH non-polymer         . WATER           ? 'H2 O'           18.015  
ILE 'L-peptide linking' y ISOLEUCINE      ? 'C6 H13 N O2'    131.173 
LEU 'L-peptide linking' y LEUCINE         ? 'C6 H13 N O2'    131.173 
LYS 'L-peptide linking' y LYSINE          ? 'C6 H15 N2 O2 1' 147.195 
MET 'L-peptide linking' y METHIONINE      ? 'C5 H11 N O2 S'  149.211 
MG  non-polymer         . 'MAGNESIUM ION' ? 'Mg 2'           24.305  
PHE 'L-peptide linking' y PHENYLALANINE   ? 'C9 H11 N O2'    165.189 
PRO 'L-peptide linking' y PROLINE         ? 'C5 H9 N O2'     115.130 
SER 'L-peptide linking' y SERINE          ? 'C3 H7 N O3'     105.093 
THR 'L-peptide linking' y THREONINE       ? 'C4 H9 N O3'     119.119 
TRP 'L-peptide linking' y TRYPTOPHAN      ? 'C11 H12 N2 O2'  204.225 
TYR 'L-peptide linking' y TYROSINE        ? 'C9 H11 N O3'    181.189 
VAL 'L-peptide linking' y VALINE          ? 'C5 H11 N O2'    117.146 
# 
loop_
_pdbx_poly_seq_scheme.asym_id 
_pdbx_poly_seq_scheme.entity_id 
_pdbx_poly_seq_scheme.seq_id 
_pdbx_poly_seq_scheme.mon_id 
_pdbx_poly_seq_scheme.ndb_seq_num 
_pdbx_poly_seq_scheme.pdb_seq_num 
_pdbx_poly_seq_scheme.auth_seq_num 
_pdbx_poly_seq_scheme.pdb_mon_id 
_pdbx_poly_seq_scheme.auth_mon_id 
_pdbx_poly_seq_scheme.pdb_strand_id 
_pdbx_poly_seq_scheme.pdb_ins_code 
_pdbx_poly_seq_scheme.hetero 
A 1 1   MET 1   1   ?   ?   ?   A . n 
A 1 2   LEU 2   2   ?   ?   ?   A . n 
A 1 3   TYR 3   3   ?   ?   ?   A . n 
A 1 4   ARG 4   4   ?   ?   ?   A . n 
A 1 5   GLU 5   5   ?   ?   ?   A . n 
A 1 6   ARG 6   6   ?   ?   ?   A . n 
A 1 7   ASN 7   7   ?   ?   ?   A . n 
A 1 8   ASN 8   8   ?   ?   ?   A . n 
A 1 9   ILE 9   9   ?   ?   ?   A . n 
A 1 10  MET 10  10  ?   ?   ?   A . n 
A 1 11  GLN 11  11  ?   ?   ?   A . n 
A 1 12  LYS 12  12  12  LYS LYS A . n 
A 1 13  SER 13  13  13  SER SER A . n 
A 1 14  ASN 14  14  14  ASN ASN A . n 
A 1 15  LYS 15  15  15  LYS LYS A . n 
A 1 16  ILE 16  16  16  ILE ILE A . n 
A 1 17  ASN 17  17  17  ASN ASN A . n 
A 1 18  ASP 18  18  18  ASP ASP A . n 
A 1 19  ALA 19  19  19  ALA ALA A . n 
A 1 20  LEU 20  20  20  LEU LEU A . n 
A 1 21  ASN 21  21  21  ASN ASN A . n 
A 1 22  GLN 22  22  22  GLN GLN A . n 
A 1 23  HIS 23  23  23  HIS HIS A . n 
A 1 24  TYR 24  24  24  TYR TYR A . n 
A 1 25  LYS 25  25  25  LYS LYS A . n 
A 1 26  LEU 26  26  26  LEU LEU A . n 
A 1 27  ASN 27  27  27  ASN ASN A . n 
A 1 28  VAL 28  28  28  VAL VAL A . n 
A 1 29  GLU 29  29  29  GLU GLU A . n 
A 1 30  LEU 30  30  30  LEU LEU A . n 
A 1 31  GLY 31  31  31  GLY GLY A . n 
A 1 32  LEU 32  32  32  LEU LEU A . n 
A 1 33  VAL 33  33  33  VAL VAL A . n 
A 1 34  TYR 34  34  34  TYR TYR A . n 
A 1 35  ALA 35  35  35  ALA ALA A . n 
A 1 36  HIS 36  36  36  HIS HIS A . n 
A 1 37  TYR 37  37  37  TYR TYR A . n 
A 1 38  ALA 38  38  38  ALA ALA A . n 
A 1 39  HIS 39  39  39  HIS HIS A . n 
A 1 40  VAL 40  40  40  VAL VAL A . n 
A 1 41  ALA 41  41  41  ALA ALA A . n 
A 1 42  ASP 42  42  42  ASP ASP A . n 
A 1 43  ASP 43  43  43  ASP ASP A . n 
A 1 44  GLU 44  44  44  GLU GLU A . n 
A 1 45  PHE 45  45  45  PHE PHE A . n 
A 1 46  ASP 46  46  46  ASP ASP A . n 
A 1 47  MET 47  47  47  MET MET A . n 
A 1 48  PRO 48  48  48  PRO PRO A . n 
A 1 49  TYR 49  49  49  TYR TYR A . n 
A 1 50  LEU 50  50  50  LEU LEU A . n 
A 1 51  GLY 51  51  51  GLY GLY A . n 
A 1 52  LYS 52  52  52  LYS LYS A . n 
A 1 53  PHE 53  53  53  PHE PHE A . n 
A 1 54  ILE 54  54  54  ILE ILE A . n 
A 1 55  GLN 55  55  55  GLN GLN A . n 
A 1 56  HIS 56  56  56  HIS HIS A . n 
A 1 57  LEU 57  57  57  LEU LEU A . n 
A 1 58  SER 58  58  58  SER SER A . n 
A 1 59  GLU 59  59  59  GLU GLU A . n 
A 1 60  ASP 60  60  60  ASP ASP A . n 
A 1 61  LYS 61  61  61  LYS LYS A . n 
A 1 62  LEU 62  62  62  LEU LEU A . n 
A 1 63  GLY 63  63  63  GLY GLY A . n 
A 1 64  VAL 64  64  64  VAL VAL A . n 
A 1 65  HIS 65  65  65  HIS HIS A . n 
A 1 66  LYS 66  66  66  LYS LYS A . n 
A 1 67  GLU 67  67  67  GLU GLU A . n 
A 1 68  TYR 68  68  68  TYR TYR A . n 
A 1 69  ILE 69  69  69  ILE ILE A . n 
A 1 70  SER 70  70  70  SER SER A . n 
A 1 71  ASP 71  71  71  ASP ASP A . n 
A 1 72  TYR 72  72  72  TYR TYR A . n 
A 1 73  PHE 73  73  73  PHE PHE A . n 
A 1 74  LYS 74  74  74  LYS LYS A . n 
A 1 75  ARG 75  75  75  ARG ARG A . n 
A 1 76  ASN 76  76  76  ASN ASN A . n 
A 1 77  GLY 77  77  77  GLY GLY A . n 
A 1 78  MET 78  78  78  MET MET A . n 
A 1 79  LYS 79  79  79  LYS LYS A . n 
A 1 80  LEU 80  80  80  LEU LEU A . n 
A 1 81  LYS 81  81  81  LYS LYS A . n 
A 1 82  THR 82  82  82  THR THR A . n 
A 1 83  ASP 83  83  83  ASP ASP A . n 
A 1 84  VAL 84  84  84  VAL VAL A . n 
A 1 85  SER 85  85  85  SER SER A . n 
A 1 86  VAL 86  86  86  VAL VAL A . n 
A 1 87  ALA 87  87  87  ALA ALA A . n 
A 1 88  VAL 88  88  88  VAL VAL A . n 
A 1 89  LYS 89  89  89  LYS LYS A . n 
A 1 90  SER 90  90  90  SER SER A . n 
A 1 91  ILE 91  91  91  ILE ILE A . n 
A 1 92  PRO 92  92  92  PRO PRO A . n 
A 1 93  SER 93  93  93  SER SER A . n 
A 1 94  ASP 94  94  94  ASP ASP A . n 
A 1 95  ALA 95  95  95  ALA ALA A . n 
A 1 96  LYS 96  96  96  LYS LYS A . n 
A 1 97  ALA 97  97  97  ALA ALA A . n 
A 1 98  LEU 98  98  98  LEU LEU A . n 
A 1 99  ILE 99  99  99  ILE ILE A . n 
A 1 100 GLN 100 100 100 GLN GLN A . n 
A 1 101 GLU 101 101 101 GLU GLU A . n 
A 1 102 VAL 102 102 102 VAL VAL A . n 
A 1 103 TYR 103 103 103 TYR TYR A . n 
A 1 104 ALA 104 104 104 ALA ALA A . n 
A 1 105 ARG 105 105 105 ARG ARG A . n 
A 1 106 GLU 106 106 106 GLU GLU A . n 
A 1 107 ASN 107 107 107 ASN ASN A . n 
A 1 108 GLU 108 108 108 GLU GLU A . n 
A 1 109 VAL 109 109 109 VAL VAL A . n 
A 1 110 ARG 110 110 110 ARG ARG A . n 
A 1 111 ASP 111 111 111 ASP ASP A . n 
A 1 112 HIS 112 112 112 HIS HIS A . n 
A 1 113 VAL 113 113 113 VAL VAL A . n 
A 1 114 LYS 114 114 114 LYS LYS A . n 
A 1 115 ALA 115 115 115 ALA ALA A . n 
A 1 116 ILE 116 116 116 ILE ILE A . n 
A 1 117 ALA 117 117 117 ALA ALA A . n 
A 1 118 LYS 118 118 118 LYS LYS A . n 
A 1 119 LEU 119 119 119 LEU LEU A . n 
A 1 120 ALA 120 120 120 ALA ALA A . n 
A 1 121 LEU 121 121 121 LEU LEU A . n 
A 1 122 ALA 122 122 122 ALA ALA A . n 
A 1 123 GLU 123 123 123 GLU GLU A . n 
A 1 124 ASP 124 124 124 ASP ASP A . n 
A 1 125 ASP 125 125 125 ASP ASP A . n 
A 1 126 TYR 126 126 126 TYR TYR A . n 
A 1 127 GLU 127 127 127 GLU GLU A . n 
A 1 128 SER 128 128 128 SER SER A . n 
A 1 129 PHE 129 129 129 PHE PHE A . n 
A 1 130 TYR 130 130 130 TYR TYR A . n 
A 1 131 PHE 131 131 131 PHE PHE A . n 
A 1 132 ILE 132 132 132 ILE ILE A . n 
A 1 133 GLN 133 133 133 GLN GLN A . n 
A 1 134 TRP 134 134 134 TRP TRP A . n 
A 1 135 TYR 135 135 135 TYR TYR A . n 
A 1 136 VAL 136 136 136 VAL VAL A . n 
A 1 137 ARG 137 137 137 ARG ARG A . n 
A 1 138 ASP 138 138 138 ASP ASP A . n 
A 1 139 GLY 139 139 139 GLY GLY A . n 
A 1 140 LEU 140 140 140 LEU LEU A . n 
A 1 141 LYS 141 141 141 LYS LYS A . n 
A 1 142 ASP 142 142 142 ASP ASP A . n 
A 1 143 LEU 143 143 143 LEU LEU A . n 
A 1 144 THR 144 144 144 THR THR A . n 
A 1 145 GLU 145 145 145 GLU GLU A . n 
A 1 146 VAL 146 146 146 VAL VAL A . n 
A 1 147 ASP 147 147 147 ASP ASP A . n 
A 1 148 ASP 148 148 148 ASP ASP A . n 
A 1 149 VAL 149 149 149 VAL VAL A . n 
A 1 150 VAL 150 150 150 VAL VAL A . n 
A 1 151 LYS 151 151 151 LYS LYS A . n 
A 1 152 LEU 152 152 152 LEU LEU A . n 
A 1 153 PHE 153 153 153 PHE PHE A . n 
A 1 154 ASN 154 154 154 ASN ASN A . n 
A 1 155 SER 155 155 155 SER SER A . n 
A 1 156 SER 156 156 156 SER SER A . n 
A 1 157 ASN 157 157 157 ASN ASN A . n 
A 1 158 ASP 158 158 158 ASP ASP A . n 
A 1 159 LYS 159 159 159 LYS LYS A . n 
A 1 160 LEU 160 160 160 LEU LEU A . n 
A 1 161 ILE 161 161 161 ILE ILE A . n 
A 1 162 ILE 162 162 162 ILE ILE A . n 
A 1 163 GLU 163 163 163 GLU GLU A . n 
A 1 164 GLU 164 164 164 GLU GLU A . n 
A 1 165 THR 165 165 165 THR THR A . n 
A 1 166 ILE 166 166 166 ILE ILE A . n 
A 1 167 LYS 167 167 167 LYS LYS A . n 
A 1 168 GLU 168 168 168 GLU GLU A . n 
A 1 169 MET 169 169 169 MET MET A . n 
A 1 170 VAL 170 170 170 VAL VAL A . n 
A 1 171 GLU 171 171 ?   ?   ?   A . n 
# 
loop_
_pdbx_nonpoly_scheme.asym_id 
_pdbx_nonpoly_scheme.entity_id 
_pdbx_nonpoly_scheme.mon_id 
_pdbx_nonpoly_scheme.ndb_seq_num 
_pdbx_nonpoly_scheme.pdb_seq_num 
_pdbx_nonpoly_scheme.auth_seq_num 
_pdbx_nonpoly_scheme.pdb_mon_id 
_pdbx_nonpoly_scheme.auth_mon_id 
_pdbx_nonpoly_scheme.pdb_strand_id 
_pdbx_nonpoly_scheme.pdb_ins_code 
B 2 FE  1   201 1   FE  FE  A . 
C 2 FE  1   202 2   FE  FE  A . 
D 2 FE  1   203 3   FE  FE  A . 
E 2 FE  1   204 4   FE  FE  A . 
F 2 FE  1   205 5   FE  FE  A . 
G 2 FE  1   206 6   FE  FE  A . 
H 2 FE  1   207 7   FE  FE  A . 
I 2 FE  1   208 8   FE  FE  A . 
J 2 FE  1   209 9   FE  FE  A . 
K 2 FE  1   210 10  FE  FE  A . 
L 3 MG  1   211 1   MG  MG  A . 
M 4 CL  1   212 1   CL  CL  A . 
N 4 CL  1   213 2   CL  CL  A . 
O 5 HOH 1   301 46  HOH HOH A . 
O 5 HOH 2   302 4   HOH HOH A . 
O 5 HOH 3   303 33  HOH HOH A . 
O 5 HOH 4   304 106 HOH HOH A . 
O 5 HOH 5   305 32  HOH HOH A . 
O 5 HOH 6   306 28  HOH HOH A . 
O 5 HOH 7   307 38  HOH HOH A . 
O 5 HOH 8   308 42  HOH HOH A . 
O 5 HOH 9   309 36  HOH HOH A . 
O 5 HOH 10  310 14  HOH HOH A . 
O 5 HOH 11  311 47  HOH HOH A . 
O 5 HOH 12  312 92  HOH HOH A . 
O 5 HOH 13  313 5   HOH HOH A . 
O 5 HOH 14  314 72  HOH HOH A . 
O 5 HOH 15  315 30  HOH HOH A . 
O 5 HOH 16  316 15  HOH HOH A . 
O 5 HOH 17  317 53  HOH HOH A . 
O 5 HOH 18  318 105 HOH HOH A . 
O 5 HOH 19  319 70  HOH HOH A . 
O 5 HOH 20  320 27  HOH HOH A . 
O 5 HOH 21  321 20  HOH HOH A . 
O 5 HOH 22  322 11  HOH HOH A . 
O 5 HOH 23  323 25  HOH HOH A . 
O 5 HOH 24  324 29  HOH HOH A . 
O 5 HOH 25  325 26  HOH HOH A . 
O 5 HOH 26  326 18  HOH HOH A . 
O 5 HOH 27  327 7   HOH HOH A . 
O 5 HOH 28  328 41  HOH HOH A . 
O 5 HOH 29  329 63  HOH HOH A . 
O 5 HOH 30  330 35  HOH HOH A . 
O 5 HOH 31  331 97  HOH HOH A . 
O 5 HOH 32  332 48  HOH HOH A . 
O 5 HOH 33  333 68  HOH HOH A . 
O 5 HOH 34  334 22  HOH HOH A . 
O 5 HOH 35  335 17  HOH HOH A . 
O 5 HOH 36  336 100 HOH HOH A . 
O 5 HOH 37  337 9   HOH HOH A . 
O 5 HOH 38  338 112 HOH HOH A . 
O 5 HOH 39  339 61  HOH HOH A . 
O 5 HOH 40  340 39  HOH HOH A . 
O 5 HOH 41  341 24  HOH HOH A . 
O 5 HOH 42  342 73  HOH HOH A . 
O 5 HOH 43  343 62  HOH HOH A . 
O 5 HOH 44  344 52  HOH HOH A . 
O 5 HOH 45  345 64  HOH HOH A . 
O 5 HOH 46  346 67  HOH HOH A . 
O 5 HOH 47  347 55  HOH HOH A . 
O 5 HOH 48  348 16  HOH HOH A . 
O 5 HOH 49  349 45  HOH HOH A . 
O 5 HOH 50  350 10  HOH HOH A . 
O 5 HOH 51  351 109 HOH HOH A . 
O 5 HOH 52  352 75  HOH HOH A . 
O 5 HOH 53  353 69  HOH HOH A . 
O 5 HOH 54  354 99  HOH HOH A . 
O 5 HOH 55  355 65  HOH HOH A . 
O 5 HOH 56  356 71  HOH HOH A . 
O 5 HOH 57  357 44  HOH HOH A . 
O 5 HOH 58  358 74  HOH HOH A . 
O 5 HOH 59  359 94  HOH HOH A . 
O 5 HOH 60  360 90  HOH HOH A . 
O 5 HOH 61  361 34  HOH HOH A . 
O 5 HOH 62  362 19  HOH HOH A . 
O 5 HOH 63  363 82  HOH HOH A . 
O 5 HOH 64  364 107 HOH HOH A . 
O 5 HOH 65  365 101 HOH HOH A . 
O 5 HOH 66  366 98  HOH HOH A . 
O 5 HOH 67  367 12  HOH HOH A . 
O 5 HOH 68  368 81  HOH HOH A . 
O 5 HOH 69  369 88  HOH HOH A . 
O 5 HOH 70  370 79  HOH HOH A . 
O 5 HOH 71  371 102 HOH HOH A . 
O 5 HOH 72  372 3   HOH HOH A . 
O 5 HOH 73  373 21  HOH HOH A . 
O 5 HOH 74  374 89  HOH HOH A . 
O 5 HOH 75  375 110 HOH HOH A . 
O 5 HOH 76  376 49  HOH HOH A . 
O 5 HOH 77  377 2   HOH HOH A . 
O 5 HOH 78  378 31  HOH HOH A . 
O 5 HOH 79  379 93  HOH HOH A . 
O 5 HOH 80  380 50  HOH HOH A . 
O 5 HOH 81  381 96  HOH HOH A . 
O 5 HOH 82  382 57  HOH HOH A . 
O 5 HOH 83  383 59  HOH HOH A . 
O 5 HOH 84  384 23  HOH HOH A . 
O 5 HOH 85  385 54  HOH HOH A . 
O 5 HOH 86  386 56  HOH HOH A . 
O 5 HOH 87  387 108 HOH HOH A . 
O 5 HOH 88  388 85  HOH HOH A . 
O 5 HOH 89  389 111 HOH HOH A . 
O 5 HOH 90  390 40  HOH HOH A . 
O 5 HOH 91  391 91  HOH HOH A . 
O 5 HOH 92  392 77  HOH HOH A . 
O 5 HOH 93  393 60  HOH HOH A . 
O 5 HOH 94  394 58  HOH HOH A . 
O 5 HOH 95  395 78  HOH HOH A . 
O 5 HOH 96  396 8   HOH HOH A . 
O 5 HOH 97  397 104 HOH HOH A . 
O 5 HOH 98  398 95  HOH HOH A . 
O 5 HOH 99  399 84  HOH HOH A . 
O 5 HOH 100 400 103 HOH HOH A . 
O 5 HOH 101 401 6   HOH HOH A . 
O 5 HOH 102 402 83  HOH HOH A . 
# 
loop_
_software.citation_id 
_software.classification 
_software.compiler_name 
_software.compiler_version 
_software.contact_author 
_software.contact_author_email 
_software.date 
_software.description 
_software.dependencies 
_software.hardware 
_software.language 
_software.location 
_software.mods 
_software.name 
_software.os 
_software.os_version 
_software.type 
_software.version 
_software.pdbx_ordinal 
? refinement       ? ? ? ? ? ? ? ? ? ? ? PHENIX  ? ? ? '(1.15.2_3472: ???)' 1 
? 'data scaling'   ? ? ? ? ? ? ? ? ? ? ? Aimless ? ? ? .                    2 
? 'data reduction' ? ? ? ? ? ? ? ? ? ? ? XDS     ? ? ? .                    3 
? phasing          ? ? ? ? ? ? ? ? ? ? ? PHASER  ? ? ? .                    4 
# 
_cell.angle_alpha                  90.00 
_cell.angle_alpha_esd              ? 
_cell.angle_beta                   90.00 
_cell.angle_beta_esd               ? 
_cell.angle_gamma                  90.00 
_cell.angle_gamma_esd              ? 
_cell.entry_id                     8WPV 
_cell.details                      ? 
_cell.formula_units_Z              ? 
_cell.length_a                     180.599 
_cell.length_a_esd                 ? 
_cell.length_b                     180.599 
_cell.length_b_esd                 ? 
_cell.length_c                     180.599 
_cell.length_c_esd                 ? 
_cell.volume                       ? 
_cell.volume_esd                   ? 
_cell.Z_PDB                        96 
_cell.reciprocal_angle_alpha       ? 
_cell.reciprocal_angle_beta        ? 
_cell.reciprocal_angle_gamma       ? 
_cell.reciprocal_angle_alpha_esd   ? 
_cell.reciprocal_angle_beta_esd    ? 
_cell.reciprocal_angle_gamma_esd   ? 
_cell.reciprocal_length_a          ? 
_cell.reciprocal_length_b          ? 
_cell.reciprocal_length_c          ? 
_cell.reciprocal_length_a_esd      ? 
_cell.reciprocal_length_b_esd      ? 
_cell.reciprocal_length_c_esd      ? 
_cell.pdbx_unique_axis             ? 
_cell.pdbx_esd_method              ? 
# 
_symmetry.entry_id                         8WPV 
_symmetry.cell_setting                     ? 
_symmetry.Int_Tables_number                209 
_symmetry.space_group_name_Hall            ? 
_symmetry.space_group_name_H-M             'F 4 3 2' 
_symmetry.pdbx_full_space_group_name_H-M   ? 
# 
_exptl.absorpt_coefficient_mu     ? 
_exptl.absorpt_correction_T_max   ? 
_exptl.absorpt_correction_T_min   ? 
_exptl.absorpt_correction_type    ? 
_exptl.absorpt_process_details    ? 
_exptl.entry_id                   8WPV 
_exptl.crystals_number            1 
_exptl.details                    ? 
_exptl.method                     'X-RAY DIFFRACTION' 
_exptl.method_details             ? 
# 
_exptl_crystal.colour                       ? 
_exptl_crystal.density_diffrn               ? 
_exptl_crystal.density_Matthews             3.06 
_exptl_crystal.density_method               ? 
_exptl_crystal.density_percent_sol          59.85 
_exptl_crystal.description                  ? 
_exptl_crystal.F_000                        ? 
_exptl_crystal.id                           1 
_exptl_crystal.preparation                  ? 
_exptl_crystal.size_max                     ? 
_exptl_crystal.size_mid                     ? 
_exptl_crystal.size_min                     ? 
_exptl_crystal.size_rad                     ? 
_exptl_crystal.colour_lustre                ? 
_exptl_crystal.colour_modifier              ? 
_exptl_crystal.colour_primary               ? 
_exptl_crystal.density_meas                 ? 
_exptl_crystal.density_meas_esd             ? 
_exptl_crystal.density_meas_gt              ? 
_exptl_crystal.density_meas_lt              ? 
_exptl_crystal.density_meas_temp            ? 
_exptl_crystal.density_meas_temp_esd        ? 
_exptl_crystal.density_meas_temp_gt         ? 
_exptl_crystal.density_meas_temp_lt         ? 
_exptl_crystal.pdbx_crystal_image_url       ? 
_exptl_crystal.pdbx_crystal_image_format    ? 
_exptl_crystal.pdbx_mosaicity               ? 
_exptl_crystal.pdbx_mosaicity_esd           ? 
_exptl_crystal.pdbx_mosaic_method           ? 
_exptl_crystal.pdbx_mosaic_block_size       ? 
_exptl_crystal.pdbx_mosaic_block_size_esd   ? 
# 
_exptl_crystal_grow.apparatus       ? 
_exptl_crystal_grow.atmosphere      ? 
_exptl_crystal_grow.crystal_id      1 
_exptl_crystal_grow.details         ? 
_exptl_crystal_grow.method          'VAPOR DIFFUSION, HANGING DROP' 
_exptl_crystal_grow.method_ref      ? 
_exptl_crystal_grow.pH              ? 
_exptl_crystal_grow.pressure        ? 
_exptl_crystal_grow.pressure_esd    ? 
_exptl_crystal_grow.seeding         ? 
_exptl_crystal_grow.seeding_ref     ? 
_exptl_crystal_grow.temp_details    ? 
_exptl_crystal_grow.temp_esd        ? 
_exptl_crystal_grow.time            ? 
_exptl_crystal_grow.pdbx_details    'Bicine, MgCl2' 
_exptl_crystal_grow.pdbx_pH_range   ? 
_exptl_crystal_grow.temp            279 
# 
_diffrn.ambient_environment              ? 
_diffrn.ambient_temp                     100 
_diffrn.ambient_temp_details             ? 
_diffrn.ambient_temp_esd                 ? 
_diffrn.crystal_id                       1 
_diffrn.crystal_support                  ? 
_diffrn.crystal_treatment                ? 
_diffrn.details                          ? 
_diffrn.id                               1 
_diffrn.ambient_pressure                 ? 
_diffrn.ambient_pressure_esd             ? 
_diffrn.ambient_pressure_gt              ? 
_diffrn.ambient_pressure_lt              ? 
_diffrn.ambient_temp_gt                  ? 
_diffrn.ambient_temp_lt                  ? 
_diffrn.pdbx_serial_crystal_experiment   N 
# 
_diffrn_detector.details                      ? 
_diffrn_detector.detector                     PIXEL 
_diffrn_detector.diffrn_id                    1 
_diffrn_detector.type                         'DECTRIS EIGER2 S 9M' 
_diffrn_detector.area_resol_mean              ? 
_diffrn_detector.dtime                        ? 
_diffrn_detector.pdbx_frames_total            ? 
_diffrn_detector.pdbx_collection_time_total   ? 
_diffrn_detector.pdbx_collection_date         2023-10-06 
_diffrn_detector.pdbx_frequency               ? 
_diffrn_detector.id                           ? 
_diffrn_detector.number_of_axes               ? 
# 
_diffrn_radiation.collimation                      ? 
_diffrn_radiation.diffrn_id                        1 
_diffrn_radiation.filter_edge                      ? 
_diffrn_radiation.inhomogeneity                    ? 
_diffrn_radiation.monochromator                    ? 
_diffrn_radiation.polarisn_norm                    ? 
_diffrn_radiation.polarisn_ratio                   ? 
_diffrn_radiation.probe                            ? 
_diffrn_radiation.type                             ? 
_diffrn_radiation.xray_symbol                      ? 
_diffrn_radiation.wavelength_id                    1 
_diffrn_radiation.pdbx_monochromatic_or_laue_m_l   M 
_diffrn_radiation.pdbx_wavelength_list             ? 
_diffrn_radiation.pdbx_wavelength                  ? 
_diffrn_radiation.pdbx_diffrn_protocol             'SINGLE WAVELENGTH' 
_diffrn_radiation.pdbx_analyzer                    ? 
_diffrn_radiation.pdbx_scattering_type             x-ray 
# 
_diffrn_radiation_wavelength.id           1 
_diffrn_radiation_wavelength.wavelength   0.9791 
_diffrn_radiation_wavelength.wt           1.0 
# 
_diffrn_source.current                     ? 
_diffrn_source.details                     ? 
_diffrn_source.diffrn_id                   1 
_diffrn_source.power                       ? 
_diffrn_source.size                        ? 
_diffrn_source.source                      SYNCHROTRON 
_diffrn_source.target                      ? 
_diffrn_source.type                        'SSRF BEAMLINE BL02U1' 
_diffrn_source.voltage                     ? 
_diffrn_source.take-off_angle              ? 
_diffrn_source.pdbx_wavelength_list        0.9791 
_diffrn_source.pdbx_wavelength             ? 
_diffrn_source.pdbx_synchrotron_beamline   BL02U1 
_diffrn_source.pdbx_synchrotron_site       SSRF 
# 
_reflns.B_iso_Wilson_estimate                          ? 
_reflns.entry_id                                       8WPV 
_reflns.data_reduction_details                         ? 
_reflns.data_reduction_method                          ? 
_reflns.d_resolution_high                              2.059 
_reflns.d_resolution_low                               104.27 
_reflns.details                                        ? 
_reflns.limit_h_max                                    ? 
_reflns.limit_h_min                                    ? 
_reflns.limit_k_max                                    ? 
_reflns.limit_k_min                                    ? 
_reflns.limit_l_max                                    ? 
_reflns.limit_l_min                                    ? 
_reflns.number_all                                     ? 
_reflns.number_obs                                     29497 
_reflns.observed_criterion                             ? 
_reflns.observed_criterion_F_max                       ? 
_reflns.observed_criterion_F_min                       ? 
_reflns.observed_criterion_I_max                       ? 
_reflns.observed_criterion_I_min                       ? 
_reflns.observed_criterion_sigma_F                     ? 
_reflns.observed_criterion_sigma_I                     ? 
_reflns.percent_possible_obs                           100.0 
_reflns.R_free_details                                 ? 
_reflns.Rmerge_F_all                                   ? 
_reflns.Rmerge_F_obs                                   ? 
_reflns.Friedel_coverage                               ? 
_reflns.number_gt                                      ? 
_reflns.threshold_expression                           ? 
_reflns.pdbx_redundancy                                38.6 
_reflns.pdbx_netI_over_av_sigmaI                       ? 
_reflns.pdbx_netI_over_sigmaI                          16.3 
_reflns.pdbx_res_netI_over_av_sigmaI_2                 ? 
_reflns.pdbx_res_netI_over_sigmaI_2                    ? 
_reflns.pdbx_chi_squared                               0.95 
_reflns.pdbx_scaling_rejects                           ? 
_reflns.pdbx_d_res_high_opt                            ? 
_reflns.pdbx_d_res_low_opt                             ? 
_reflns.pdbx_d_res_opt_method                          ? 
_reflns.phase_calculation_details                      ? 
_reflns.pdbx_Rrim_I_all                                0.282 
_reflns.pdbx_Rpim_I_all                                0.045 
_reflns.pdbx_d_opt                                     ? 
_reflns.pdbx_number_measured_all                       ? 
_reflns.pdbx_diffrn_id                                 1 
_reflns.pdbx_ordinal                                   1 
_reflns.pdbx_CC_half                                   0.999 
_reflns.pdbx_CC_star                                   ? 
_reflns.pdbx_R_split                                   ? 
_reflns.pdbx_Rmerge_I_obs                              0.278 
_reflns.pdbx_Rmerge_I_all                              ? 
_reflns.pdbx_Rsym_value                                ? 
_reflns.pdbx_CC_split_method                           ? 
_reflns.pdbx_aniso_diffraction_limit_axis_1_ortho[1]   ? 
_reflns.pdbx_aniso_diffraction_limit_axis_1_ortho[2]   ? 
_reflns.pdbx_aniso_diffraction_limit_axis_1_ortho[3]   ? 
_reflns.pdbx_aniso_diffraction_limit_axis_2_ortho[1]   ? 
_reflns.pdbx_aniso_diffraction_limit_axis_2_ortho[2]   ? 
_reflns.pdbx_aniso_diffraction_limit_axis_2_ortho[3]   ? 
_reflns.pdbx_aniso_diffraction_limit_axis_3_ortho[1]   ? 
_reflns.pdbx_aniso_diffraction_limit_axis_3_ortho[2]   ? 
_reflns.pdbx_aniso_diffraction_limit_axis_3_ortho[3]   ? 
_reflns.pdbx_aniso_diffraction_limit_1                 ? 
_reflns.pdbx_aniso_diffraction_limit_2                 ? 
_reflns.pdbx_aniso_diffraction_limit_3                 ? 
_reflns.pdbx_aniso_B_tensor_eigenvector_1_ortho[1]     ? 
_reflns.pdbx_aniso_B_tensor_eigenvector_1_ortho[2]     ? 
_reflns.pdbx_aniso_B_tensor_eigenvector_1_ortho[3]     ? 
_reflns.pdbx_aniso_B_tensor_eigenvector_2_ortho[1]     ? 
_reflns.pdbx_aniso_B_tensor_eigenvector_2_ortho[2]     ? 
_reflns.pdbx_aniso_B_tensor_eigenvector_2_ortho[3]     ? 
_reflns.pdbx_aniso_B_tensor_eigenvector_3_ortho[1]     ? 
_reflns.pdbx_aniso_B_tensor_eigenvector_3_ortho[2]     ? 
_reflns.pdbx_aniso_B_tensor_eigenvector_3_ortho[3]     ? 
_reflns.pdbx_aniso_B_tensor_eigenvalue_1               ? 
_reflns.pdbx_aniso_B_tensor_eigenvalue_2               ? 
_reflns.pdbx_aniso_B_tensor_eigenvalue_3               ? 
_reflns.pdbx_orthogonalization_convention              ? 
_reflns.pdbx_percent_possible_ellipsoidal              ? 
_reflns.pdbx_percent_possible_spherical                ? 
_reflns.pdbx_percent_possible_ellipsoidal_anomalous    ? 
_reflns.pdbx_percent_possible_spherical_anomalous      ? 
_reflns.pdbx_redundancy_anomalous                      ? 
_reflns.pdbx_CC_half_anomalous                         ? 
_reflns.pdbx_absDiff_over_sigma_anomalous              ? 
_reflns.pdbx_percent_possible_anomalous                ? 
_reflns.pdbx_observed_signal_threshold                 ? 
_reflns.pdbx_signal_type                               ? 
_reflns.pdbx_signal_details                            ? 
_reflns.pdbx_signal_software_id                        ? 
# 
_reflns_shell.d_res_high                                    2.06 
_reflns_shell.d_res_low                                     2.17 
_reflns_shell.meanI_over_sigI_all                           ? 
_reflns_shell.meanI_over_sigI_obs                           ? 
_reflns_shell.number_measured_all                           87898 
_reflns_shell.number_measured_obs                           ? 
_reflns_shell.number_possible                               ? 
_reflns_shell.number_unique_all                             ? 
_reflns_shell.number_unique_obs                             2301 
_reflns_shell.percent_possible_obs                          100.0 
_reflns_shell.Rmerge_F_all                                  ? 
_reflns_shell.Rmerge_F_obs                                  ? 
_reflns_shell.meanI_over_sigI_gt                            ? 
_reflns_shell.meanI_over_uI_all                             ? 
_reflns_shell.meanI_over_uI_gt                              ? 
_reflns_shell.number_measured_gt                            ? 
_reflns_shell.number_unique_gt                              ? 
_reflns_shell.percent_possible_gt                           ? 
_reflns_shell.Rmerge_F_gt                                   ? 
_reflns_shell.Rmerge_I_gt                                   ? 
_reflns_shell.pdbx_redundancy                               38.2 
_reflns_shell.pdbx_chi_squared                              0.88 
_reflns_shell.pdbx_netI_over_sigmaI_all                     ? 
_reflns_shell.pdbx_netI_over_sigmaI_obs                     0.9 
_reflns_shell.pdbx_Rrim_I_all                               ? 
_reflns_shell.pdbx_Rpim_I_all                               0.998 
_reflns_shell.pdbx_rejects                                  ? 
_reflns_shell.pdbx_ordinal                                  1 
_reflns_shell.pdbx_diffrn_id                                1 
_reflns_shell.pdbx_CC_half                                  0.482 
_reflns_shell.pdbx_CC_star                                  ? 
_reflns_shell.pdbx_R_split                                  ? 
_reflns_shell.percent_possible_all                          ? 
_reflns_shell.Rmerge_I_all                                  ? 
_reflns_shell.Rmerge_I_obs                                  ? 
_reflns_shell.pdbx_Rsym_value                               ? 
_reflns_shell.pdbx_percent_possible_ellipsoidal             ? 
_reflns_shell.pdbx_percent_possible_spherical               ? 
_reflns_shell.pdbx_percent_possible_ellipsoidal_anomalous   ? 
_reflns_shell.pdbx_percent_possible_spherical_anomalous     ? 
_reflns_shell.pdbx_redundancy_anomalous                     ? 
_reflns_shell.pdbx_CC_half_anomalous                        ? 
_reflns_shell.pdbx_absDiff_over_sigma_anomalous             ? 
_reflns_shell.pdbx_percent_possible_anomalous               ? 
# 
_refine.aniso_B[1][1]                            ? 
_refine.aniso_B[1][2]                            ? 
_refine.aniso_B[1][3]                            ? 
_refine.aniso_B[2][2]                            ? 
_refine.aniso_B[2][3]                            ? 
_refine.aniso_B[3][3]                            ? 
_refine.B_iso_max                                ? 
_refine.B_iso_mean                               ? 
_refine.B_iso_min                                ? 
_refine.correlation_coeff_Fo_to_Fc               ? 
_refine.correlation_coeff_Fo_to_Fc_free          ? 
_refine.details                                  ? 
_refine.diff_density_max                         ? 
_refine.diff_density_max_esd                     ? 
_refine.diff_density_min                         ? 
_refine.diff_density_min_esd                     ? 
_refine.diff_density_rms                         ? 
_refine.diff_density_rms_esd                     ? 
_refine.entry_id                                 8WPV 
_refine.pdbx_refine_id                           'X-RAY DIFFRACTION' 
_refine.ls_abs_structure_details                 ? 
_refine.ls_abs_structure_Flack                   ? 
_refine.ls_abs_structure_Flack_esd               ? 
_refine.ls_abs_structure_Rogers                  ? 
_refine.ls_abs_structure_Rogers_esd              ? 
_refine.ls_d_res_high                            2.059 
_refine.ls_d_res_low                             31.926 
_refine.ls_extinction_coef                       ? 
_refine.ls_extinction_coef_esd                   ? 
_refine.ls_extinction_expression                 ? 
_refine.ls_extinction_method                     ? 
_refine.ls_goodness_of_fit_all                   ? 
_refine.ls_goodness_of_fit_all_esd               ? 
_refine.ls_goodness_of_fit_obs                   ? 
_refine.ls_goodness_of_fit_obs_esd               ? 
_refine.ls_hydrogen_treatment                    ? 
_refine.ls_matrix_type                           ? 
_refine.ls_number_constraints                    ? 
_refine.ls_number_parameters                     ? 
_refine.ls_number_reflns_all                     ? 
_refine.ls_number_reflns_obs                     29497 
_refine.ls_number_reflns_R_free                  2947 
_refine.ls_number_reflns_R_work                  ? 
_refine.ls_number_restraints                     ? 
_refine.ls_percent_reflns_obs                    99.91 
_refine.ls_percent_reflns_R_free                 9.99 
_refine.ls_R_factor_all                          ? 
_refine.ls_R_factor_obs                          0.2199 
_refine.ls_R_factor_R_free                       0.2491 
_refine.ls_R_factor_R_free_error                 ? 
_refine.ls_R_factor_R_free_error_details         ? 
_refine.ls_R_factor_R_work                       0.2167 
_refine.ls_R_Fsqd_factor_obs                     ? 
_refine.ls_R_I_factor_obs                        ? 
_refine.ls_redundancy_reflns_all                 ? 
_refine.ls_redundancy_reflns_obs                 ? 
_refine.ls_restrained_S_all                      ? 
_refine.ls_restrained_S_obs                      ? 
_refine.ls_shift_over_esd_max                    ? 
_refine.ls_shift_over_esd_mean                   ? 
_refine.ls_structure_factor_coef                 ? 
_refine.ls_weighting_details                     ? 
_refine.ls_weighting_scheme                      ? 
_refine.ls_wR_factor_all                         ? 
_refine.ls_wR_factor_obs                         ? 
_refine.ls_wR_factor_R_free                      ? 
_refine.ls_wR_factor_R_work                      ? 
_refine.occupancy_max                            ? 
_refine.occupancy_min                            ? 
_refine.solvent_model_details                    'FLAT BULK SOLVENT MODEL' 
_refine.solvent_model_param_bsol                 ? 
_refine.solvent_model_param_ksol                 ? 
_refine.pdbx_R_complete                          ? 
_refine.ls_R_factor_gt                           ? 
_refine.ls_goodness_of_fit_gt                    ? 
_refine.ls_goodness_of_fit_ref                   ? 
_refine.ls_shift_over_su_max                     ? 
_refine.ls_shift_over_su_max_lt                  ? 
_refine.ls_shift_over_su_mean                    ? 
_refine.ls_shift_over_su_mean_lt                 ? 
_refine.pdbx_ls_sigma_I                          ? 
_refine.pdbx_ls_sigma_F                          1.33 
_refine.pdbx_ls_sigma_Fsqd                       ? 
_refine.pdbx_data_cutoff_high_absF               ? 
_refine.pdbx_data_cutoff_high_rms_absF           ? 
_refine.pdbx_data_cutoff_low_absF                ? 
_refine.pdbx_isotropic_thermal_model             ? 
_refine.pdbx_ls_cross_valid_method               'FREE R-VALUE' 
_refine.pdbx_method_to_determine_struct          'MOLECULAR REPLACEMENT' 
_refine.pdbx_starting_model                      ? 
_refine.pdbx_stereochemistry_target_values       ML 
_refine.pdbx_R_Free_selection_details            ? 
_refine.pdbx_stereochem_target_val_spec_case     ? 
_refine.pdbx_overall_ESU_R                       ? 
_refine.pdbx_overall_ESU_R_Free                  ? 
_refine.pdbx_solvent_vdw_probe_radii             1.11 
_refine.pdbx_solvent_ion_probe_radii             ? 
_refine.pdbx_solvent_shrinkage_radii             0.90 
_refine.pdbx_real_space_R                        ? 
_refine.pdbx_density_correlation                 ? 
_refine.pdbx_pd_number_of_powder_patterns        ? 
_refine.pdbx_pd_number_of_points                 ? 
_refine.pdbx_pd_meas_number_of_points            ? 
_refine.pdbx_pd_proc_ls_prof_R_factor            ? 
_refine.pdbx_pd_proc_ls_prof_wR_factor           ? 
_refine.pdbx_pd_Marquardt_correlation_coeff      ? 
_refine.pdbx_pd_Fsqrd_R_factor                   ? 
_refine.pdbx_pd_ls_matrix_band_width             ? 
_refine.pdbx_overall_phase_error                 27.42 
_refine.pdbx_overall_SU_R_free_Cruickshank_DPI   ? 
_refine.pdbx_overall_SU_R_free_Blow_DPI          ? 
_refine.pdbx_overall_SU_R_Blow_DPI               ? 
_refine.pdbx_TLS_residual_ADP_flag               ? 
_refine.pdbx_diffrn_id                           1 
_refine.overall_SU_B                             ? 
_refine.overall_SU_ML                            0.31 
_refine.overall_SU_R_Cruickshank_DPI             ? 
_refine.overall_SU_R_free                        ? 
_refine.overall_FOM_free_R_set                   ? 
_refine.overall_FOM_work_R_set                   ? 
_refine.pdbx_average_fsc_overall                 ? 
_refine.pdbx_average_fsc_work                    ? 
_refine.pdbx_average_fsc_free                    ? 
# 
_refine_hist.pdbx_refine_id                   'X-RAY DIFFRACTION' 
_refine_hist.cycle_id                         LAST 
_refine_hist.pdbx_number_atoms_protein        1300 
_refine_hist.pdbx_number_atoms_nucleic_acid   0 
_refine_hist.pdbx_number_atoms_ligand         13 
_refine_hist.number_atoms_solvent             102 
_refine_hist.number_atoms_total               1415 
_refine_hist.d_res_high                       2.059 
_refine_hist.d_res_low                        31.926 
# 
loop_
_refine_ls_restr.pdbx_refine_id 
_refine_ls_restr.criterion 
_refine_ls_restr.dev_ideal 
_refine_ls_restr.dev_ideal_target 
_refine_ls_restr.number 
_refine_ls_restr.rejects 
_refine_ls_restr.type 
_refine_ls_restr.weight 
_refine_ls_restr.pdbx_restraint_function 
'X-RAY DIFFRACTION' ? 0.003 ? 1346 ? f_bond_d           ? ? 
'X-RAY DIFFRACTION' ? 0.629 ? 1818 ? f_angle_d          ? ? 
'X-RAY DIFFRACTION' ? 7.933 ? 1131 ? f_dihedral_angle_d ? ? 
'X-RAY DIFFRACTION' ? 0.036 ? 199  ? f_chiral_restr     ? ? 
'X-RAY DIFFRACTION' ? 0.004 ? 233  ? f_plane_restr      ? ? 
# 
loop_
_refine_ls_shell.pdbx_refine_id 
_refine_ls_shell.d_res_high 
_refine_ls_shell.d_res_low 
_refine_ls_shell.number_reflns_all 
_refine_ls_shell.number_reflns_obs 
_refine_ls_shell.number_reflns_R_free 
_refine_ls_shell.number_reflns_R_work 
_refine_ls_shell.percent_reflns_obs 
_refine_ls_shell.percent_reflns_R_free 
_refine_ls_shell.R_factor_all 
_refine_ls_shell.R_factor_obs 
_refine_ls_shell.R_factor_R_free_error 
_refine_ls_shell.R_factor_R_work 
_refine_ls_shell.redundancy_reflns_all 
_refine_ls_shell.redundancy_reflns_obs 
_refine_ls_shell.wR_factor_all 
_refine_ls_shell.wR_factor_obs 
_refine_ls_shell.wR_factor_R_free 
_refine_ls_shell.wR_factor_R_work 
_refine_ls_shell.pdbx_R_complete 
_refine_ls_shell.pdbx_total_number_of_bins_used 
_refine_ls_shell.pdbx_phase_error 
_refine_ls_shell.pdbx_fsc_work 
_refine_ls_shell.pdbx_fsc_free 
_refine_ls_shell.R_factor_R_free 
'X-RAY DIFFRACTION' 2.059  2.0924 . . 142 1258 100.00 . . . . 0.3434 . . . . . . . . . . . 0.3909 
'X-RAY DIFFRACTION' 2.0924 2.1285 . . 144 1280 100.00 . . . . 0.3302 . . . . . . . . . . . 0.3833 
'X-RAY DIFFRACTION' 2.1285 2.1672 . . 139 1247 100.00 . . . . 0.3168 . . . . . . . . . . . 0.3619 
'X-RAY DIFFRACTION' 2.1672 2.2088 . . 138 1253 100.00 . . . . 0.3035 . . . . . . . . . . . 0.2974 
'X-RAY DIFFRACTION' 2.2088 2.2539 . . 138 1244 100.00 . . . . 0.2976 . . . . . . . . . . . 0.3062 
'X-RAY DIFFRACTION' 2.2539 2.3029 . . 141 1299 100.00 . . . . 0.2843 . . . . . . . . . . . 0.3367 
'X-RAY DIFFRACTION' 2.3029 2.3565 . . 141 1257 100.00 . . . . 0.3019 . . . . . . . . . . . 0.3239 
'X-RAY DIFFRACTION' 2.3565 2.4154 . . 137 1254 100.00 . . . . 0.2947 . . . . . . . . . . . 0.3566 
'X-RAY DIFFRACTION' 2.4154 2.4807 . . 136 1252 100.00 . . . . 0.2742 . . . . . . . . . . . 0.2933 
'X-RAY DIFFRACTION' 2.4807 2.5536 . . 145 1290 100.00 . . . . 0.2597 . . . . . . . . . . . 0.3169 
'X-RAY DIFFRACTION' 2.5536 2.6360 . . 140 1244 100.00 . . . . 0.2513 . . . . . . . . . . . 0.2924 
'X-RAY DIFFRACTION' 2.6360 2.7302 . . 137 1285 100.00 . . . . 0.2587 . . . . . . . . . . . 0.3005 
'X-RAY DIFFRACTION' 2.7302 2.8394 . . 141 1260 100.00 . . . . 0.2488 . . . . . . . . . . . 0.2736 
'X-RAY DIFFRACTION' 2.8394 2.9686 . . 137 1264 100.00 . . . . 0.2323 . . . . . . . . . . . 0.3353 
'X-RAY DIFFRACTION' 2.9686 3.1249 . . 137 1255 100.00 . . . . 0.2274 . . . . . . . . . . . 0.2497 
'X-RAY DIFFRACTION' 3.1249 3.3205 . . 144 1267 100.00 . . . . 0.2112 . . . . . . . . . . . 0.2413 
'X-RAY DIFFRACTION' 3.3205 3.5766 . . 145 1257 100.00 . . . . 0.1939 . . . . . . . . . . . 0.2457 
'X-RAY DIFFRACTION' 3.5766 3.9359 . . 141 1264 100.00 . . . . 0.1681 . . . . . . . . . . . 0.2361 
'X-RAY DIFFRACTION' 3.9359 4.5041 . . 143 1271 100.00 . . . . 0.1731 . . . . . . . . . . . 0.1529 
'X-RAY DIFFRACTION' 4.5041 5.6695 . . 137 1267 100.00 . . . . 0.1850 . . . . . . . . . . . 0.1984 
'X-RAY DIFFRACTION' 5.6695 31.926 . . 144 1282 100.00 . . . . 0.1834 . . . . . . . . . . . 0.2164 
# 
_struct.entry_id                     8WPV 
_struct.title                        
'Truncated mutant (1-171) of ferritin from Ureaplasma diversum soaked in Fe2+ solution for 30min' 
_struct.pdbx_model_details           ? 
_struct.pdbx_formula_weight          ? 
_struct.pdbx_formula_weight_method   ? 
_struct.pdbx_model_type_details      ? 
_struct.pdbx_CASP_flag               N 
# 
_struct_keywords.entry_id        8WPV 
_struct_keywords.text            'Ferritin, Iron, Fe-O cluster, 4-fold channel cavity, METAL BINDING PROTEIN' 
_struct_keywords.pdbx_keywords   'METAL BINDING PROTEIN' 
# 
loop_
_struct_asym.id 
_struct_asym.pdbx_blank_PDB_chainid_flag 
_struct_asym.pdbx_modified 
_struct_asym.entity_id 
_struct_asym.details 
A N N 1 ? 
B N N 2 ? 
C N N 2 ? 
D N N 2 ? 
E N N 2 ? 
F N N 2 ? 
G N N 2 ? 
H N N 2 ? 
I N N 2 ? 
J N N 2 ? 
K N N 2 ? 
L N N 3 ? 
M N N 4 ? 
N N N 4 ? 
O N N 5 ? 
# 
_struct_ref.id                         1 
_struct_ref.db_name                    PDB 
_struct_ref.db_code                    8WPV 
_struct_ref.pdbx_db_accession          8WPV 
_struct_ref.pdbx_db_isoform            ? 
_struct_ref.entity_id                  1 
_struct_ref.pdbx_seq_one_letter_code   ? 
_struct_ref.pdbx_align_begin           1 
# 
_struct_ref_seq.align_id                      1 
_struct_ref_seq.ref_id                        1 
_struct_ref_seq.pdbx_PDB_id_code              8WPV 
_struct_ref_seq.pdbx_strand_id                A 
_struct_ref_seq.seq_align_beg                 1 
_struct_ref_seq.pdbx_seq_align_beg_ins_code   ? 
_struct_ref_seq.seq_align_end                 171 
_struct_ref_seq.pdbx_seq_align_end_ins_code   ? 
_struct_ref_seq.pdbx_db_accession             8WPV 
_struct_ref_seq.db_align_beg                  1 
_struct_ref_seq.pdbx_db_align_beg_ins_code    ? 
_struct_ref_seq.db_align_end                  171 
_struct_ref_seq.pdbx_db_align_end_ins_code    ? 
_struct_ref_seq.pdbx_auth_seq_align_beg       1 
_struct_ref_seq.pdbx_auth_seq_align_end       171 
# 
_pdbx_struct_assembly.id                   1 
_pdbx_struct_assembly.details              author_and_software_defined_assembly 
_pdbx_struct_assembly.method_details       PISA 
_pdbx_struct_assembly.oligomeric_details   24-meric 
_pdbx_struct_assembly.oligomeric_count     24 
# 
loop_
_pdbx_struct_assembly_prop.biol_id 
_pdbx_struct_assembly_prop.type 
_pdbx_struct_assembly_prop.value 
_pdbx_struct_assembly_prop.details 
1 'ABSA (A^2)' 71410  ? 
1 MORE         -380   ? 
1 'SSA (A^2)'  142800 ? 
# 
_pdbx_struct_assembly_gen.assembly_id       1 
_pdbx_struct_assembly_gen.oper_expression   1,2,3,4,5,6,7,8,9,10,11,12,13,14,15,16,17,18,19,20,21,22,23,24 
_pdbx_struct_assembly_gen.asym_id_list      A,B,C,D,E,F,G,H,I,J,K,L,M,N,O 
# 
_pdbx_struct_assembly_auth_evidence.id                     1 
_pdbx_struct_assembly_auth_evidence.assembly_id            1 
_pdbx_struct_assembly_auth_evidence.experimental_support   'electron microscopy' 
_pdbx_struct_assembly_auth_evidence.details                ? 
# 
loop_
_pdbx_struct_oper_list.id 
_pdbx_struct_oper_list.type 
_pdbx_struct_oper_list.name 
_pdbx_struct_oper_list.symmetry_operation 
_pdbx_struct_oper_list.matrix[1][1] 
_pdbx_struct_oper_list.matrix[1][2] 
_pdbx_struct_oper_list.matrix[1][3] 
_pdbx_struct_oper_list.vector[1] 
_pdbx_struct_oper_list.matrix[2][1] 
_pdbx_struct_oper_list.matrix[2][2] 
_pdbx_struct_oper_list.matrix[2][3] 
_pdbx_struct_oper_list.vector[2] 
_pdbx_struct_oper_list.matrix[3][1] 
_pdbx_struct_oper_list.matrix[3][2] 
_pdbx_struct_oper_list.matrix[3][3] 
_pdbx_struct_oper_list.vector[3] 
1  'identity operation'         1_555  x,y,z          1.0000000000  0.0000000000  0.0000000000  0.0000000000   0.0000000000  1.0000000000  0.0000000000  0.0000000000   0.0000000000  0.0000000000  1.0000000000  0.0000000000   
2  'crystal symmetry operation' 2_665  -x+1,-y+1,z    -0.9168495057 0.2641882445  0.2993184848  37.8712615549  0.2641882445  -0.1606131851 0.9510036678  -72.0792877042 0.2993184848  0.9510036678  0.0774626908  53.0989136277  
3  'crystal symmetry operation' 3_656  -x+1,y,-z+1    0.4052493906  -0.8430143251 0.3536944714  -24.6201570151 -0.8430143251 -0.4942725775 -0.2121826261 -19.8966588967 0.3536944714  -0.2121826261 -0.9109768131 50.3946021579  
4  'crystal symmetry operation' 4_566  x,-y+1,-z+1    -0.4883998849 0.5788260805  -0.6530129562 70.2718129163  0.5788260805  -0.3451142374 -0.7388210417 -27.4625265174 -0.6530129562 -0.7388210417 -0.1664858777 30.7115514329  
5  'crystal symmetry operation' 5_555  z,x,y          -0.3561587585 -0.9098425452 0.2129260005  -5.9939041349  0.6806856082  -0.4087311448 -0.6079522630 -35.8798176256 0.6401703223  -0.0715918591 0.7648899033  -7.6166872483  
6  'crystal symmetry operation' 6_566  z,-x+1,-y+1    0.1499069647  0.2545331594  -0.9553746766 57.4048562554  -0.9140395772 -0.3326880851 -0.2320566512 -12.9219498500 -0.3769078843 0.9080371737  0.1827811203  62.4024835860  
7  'crystal symmetry operation' 7_665  -z+1,-x+1,y    0.6979879285  0.7047779574  -0.1268892526 31.6079282792  0.4053842838  -0.2428062144 0.8813107992  -75.1435324358 0.5903189258  -0.6665832079 -0.4551817141 16.5929800722  
8  'crystal symmetry operation' 8_656  -z+1,x,-y+1    -0.4917361347 -0.0494685716 0.8693379287  0.5040370564   -0.1720303147 0.9842254443  -0.0413018850 4.5068267930   -0.8535813638 -0.1698621067 -0.4924893096 62.8262908088  
9  'crystal symmetry operation' 9_555  y,z,x          -0.3561587585 0.6806856082  0.6401703223  27.1640711566  -0.9098425452 -0.4087311448 -0.0715918591 -20.6640007257 0.2129260005  -0.6079522630 0.7648899033  -14.7110311151 
10 'crystal symmetry operation' 10_656 -y+1,z,-x+1    0.6979879285  0.4053842838  0.5903189258  -1.3950954804  0.7047779574  -0.2428062144 -0.6665832079 -29.4612858939 -0.1268892526 0.8813107992  -0.4551817141 77.7883341304  
11 'crystal symmetry operation' 11_566 y,-z+1,-x+1    -0.4917361347 -0.1720303147 -0.8535813638 54.6505150577  -0.0494685716 0.9842254443  -0.1698621067 6.2610065064   0.8693379287  -0.0413018850 -0.4924893096 30.6892384941  
12 'crystal symmetry operation' 12_665 -y+1,-z+1,x    0.1499069647  -0.9140395772 -0.3769078843 3.1034267223   0.2545331594  -0.3326880851 0.9080371737  -75.5741930051 -0.9553746766 -0.2320566512 0.1827811203  40.4385257092  
13 'crystal symmetry operation' 13_556 y,x,-z+1       -0.8894701404 -0.3574220340 0.2847672015  19.2267287904  -0.3574220340 0.1558008920  -0.9208558908 13.1516513262  0.2847672015  -0.9208558908 -0.2663307517 9.0444486559   
14 'crystal symmetry operation' 14_666 -y+1,-x+1,-z+1 0.8063196461  0.0932337894  -0.5840856862 26.4249271107  0.0932337894  -0.9951877069 -0.0301477770 -60.5108367403 -0.5840856862 -0.0301477770 -0.8111319391 72.0617049350  
15 'crystal symmetry operation' 15_565 y,-x+1,z       0.0415752471  0.8660773274  -0.4981782430 62.5878574239  -0.6018890829 0.4196934075  0.6794019250  -27.5546455455 0.7974967277  0.2716017428  0.5387313454  6.9337587232   
16 'crystal symmetry operation' 16_655 -y+1,x,z       0.0415752471  -0.6018890829 0.7974967277  -24.7165958689 0.8660773274  0.4196934075  0.2716017428  -44.5246421587 -0.4981782430 0.6794019250  0.5387313454  46.1651549046  
17 'crystal symmetry operation' 17_556 x,z,-y+1       0.2558000575  0.9349802801  0.2457197720  35.2133822241  -0.3561541996 0.3274428813  -0.8751773224 16.7177684622  -0.8987327282 0.1363562807  0.4167570612  42.4062808122  
18 'crystal symmetry operation' 18_655 -x+1,z,y       0.0860291124  0.1510896118  0.9847694761  -9.4444065479  0.1510896118  -0.9789802405 0.1370022554  -66.8430550818 0.9847694761  0.1370022554  -0.1070488719 20.6710222031  
19 'crystal symmetry operation' 19_666 -x+1,-z+1,-y+1 -0.5976292275 -0.7299156923 -0.3317565199 22.6955110877  -0.7299156923 0.3240944779  0.6018187862  -25.1328915191 -0.3317565199 0.6018187862  -0.7264652504 82.8224935826  
20 'crystal symmetry operation' 20_565 x,-z+1,y       0.2558000575  -0.3561541996 -0.8987327282 35.0584306922  0.9349802801  0.3274428813  0.1363562807  -44.1802949796 0.2457197720  -0.8751773224 0.4167570612  -11.6947293793 
21 'crystal symmetry operation' 21_556 z,y,-x+1       0.7026246953  -0.6324848709 -0.3260083213 -1.7383513867  -0.2105294542 0.2528637112  -0.9443184275 13.7698836793  0.6797027927  0.7321358013  0.0445115934  39.7264519508  
22 'crystal symmetry operation' 22_565 z,-y+1,x       -0.9088764891 -0.0228245149 -0.4164403547 53.1493035073  -0.0228245149 -0.9942829411 0.1043095133  -62.5716511548 -0.4164403547 0.1043095133  0.9031594302  15.0593443869  
23 'crystal symmetry operation' 23_655 -z+1,y,x       0.7026246953  -0.2105294542 0.6797027927  -22.8818056284 -0.6324848709 0.2528637112  0.7321358013  -33.6665425760 -0.3260083213 -0.9443184275 0.0445115934  10.6681502072  
24 'crystal symmetry operation' 24_666 -z+1,-y+1,-x+1 -0.4963729015 0.8658388399  0.0627458833  54.9937709639  0.8658388399  0.4885555186  0.1078731129  -36.9701630668 0.0627458833  0.1078731129  -0.9921826171 68.7511206738 
# 
loop_
_struct_conf.conf_type_id 
_struct_conf.id 
_struct_conf.pdbx_PDB_helix_id 
_struct_conf.beg_label_comp_id 
_struct_conf.beg_label_asym_id 
_struct_conf.beg_label_seq_id 
_struct_conf.pdbx_beg_PDB_ins_code 
_struct_conf.end_label_comp_id 
_struct_conf.end_label_asym_id 
_struct_conf.end_label_seq_id 
_struct_conf.pdbx_end_PDB_ins_code 
_struct_conf.beg_auth_comp_id 
_struct_conf.beg_auth_asym_id 
_struct_conf.beg_auth_seq_id 
_struct_conf.end_auth_comp_id 
_struct_conf.end_auth_asym_id 
_struct_conf.end_auth_seq_id 
_struct_conf.pdbx_PDB_helix_class 
_struct_conf.details 
_struct_conf.pdbx_PDB_helix_length 
HELX_P HELX_P1 AA1 SER A 13  ? GLU A 44  ? SER A 13  GLU A 44  1 ? 32 
HELX_P HELX_P2 AA2 MET A 47  ? GLY A 63  ? MET A 47  GLY A 63  1 ? 17 
HELX_P HELX_P3 AA3 GLY A 63  ? GLY A 77  ? GLY A 63  GLY A 77  1 ? 15 
HELX_P HELX_P4 AA4 ASP A 94  ? GLU A 123 ? ASP A 94  GLU A 123 1 ? 30 
HELX_P HELX_P5 AA5 ASP A 125 ? SER A 156 ? ASP A 125 SER A 156 1 ? 32 
HELX_P HELX_P6 AA6 ASP A 158 ? MET A 169 ? ASP A 158 MET A 169 1 ? 12 
# 
_struct_conf_type.id          HELX_P 
_struct_conf_type.criteria    ? 
_struct_conf_type.reference   ? 
# 
loop_
_struct_conn.id 
_struct_conn.conn_type_id 
_struct_conn.pdbx_leaving_atom_flag 
_struct_conn.pdbx_PDB_id 
_struct_conn.ptnr1_label_asym_id 
_struct_conn.ptnr1_label_comp_id 
_struct_conn.ptnr1_label_seq_id 
_struct_conn.ptnr1_label_atom_id 
_struct_conn.pdbx_ptnr1_label_alt_id 
_struct_conn.pdbx_ptnr1_PDB_ins_code 
_struct_conn.pdbx_ptnr1_standard_comp_id 
_struct_conn.ptnr1_symmetry 
_struct_conn.ptnr2_label_asym_id 
_struct_conn.ptnr2_label_comp_id 
_struct_conn.ptnr2_label_seq_id 
_struct_conn.ptnr2_label_atom_id 
_struct_conn.pdbx_ptnr2_label_alt_id 
_struct_conn.pdbx_ptnr2_PDB_ins_code 
_struct_conn.ptnr1_auth_asym_id 
_struct_conn.ptnr1_auth_comp_id 
_struct_conn.ptnr1_auth_seq_id 
_struct_conn.ptnr2_auth_asym_id 
_struct_conn.ptnr2_auth_comp_id 
_struct_conn.ptnr2_auth_seq_id 
_struct_conn.ptnr2_symmetry 
_struct_conn.pdbx_ptnr3_label_atom_id 
_struct_conn.pdbx_ptnr3_label_seq_id 
_struct_conn.pdbx_ptnr3_label_comp_id 
_struct_conn.pdbx_ptnr3_label_asym_id 
_struct_conn.pdbx_ptnr3_label_alt_id 
_struct_conn.pdbx_ptnr3_PDB_ins_code 
_struct_conn.details 
_struct_conn.pdbx_dist_value 
_struct_conn.pdbx_value_order 
_struct_conn.pdbx_role 
metalc1  metalc ? ? A ASP 60  OD2 ? ? ? 1_555 B FE  . FE ? ? A ASP 60  A FE  201 1_555  ? ? ? ? ? ? ? 2.073 ? ? 
metalc2  metalc ? ? A HIS 65  NE2 ? ? ? 1_555 B FE  . FE ? ? A HIS 65  A FE  201 1_555  ? ? ? ? ? ? ? 2.059 ? ? 
metalc3  metalc ? ? A ASP 94  OD2 ? ? ? 1_555 I FE  . FE ? ? A ASP 94  A FE  208 1_555  ? ? ? ? ? ? ? 2.653 ? ? 
metalc4  metalc ? ? A ASP 138 OD2 ? ? ? 1_555 B FE  . FE ? ? A ASP 138 A FE  201 1_555  ? ? ? ? ? ? ? 1.897 ? ? 
metalc5  metalc ? ? A ASP 138 OD1 ? ? ? 1_555 C FE  . FE ? ? A ASP 138 A FE  202 1_555  ? ? ? ? ? ? ? 2.636 ? ? 
metalc6  metalc ? ? A ASP 142 OD2 ? ? ? 1_555 B FE  . FE ? ? A ASP 142 A FE  201 1_555  ? ? ? ? ? ? ? 2.171 ? ? 
metalc7  metalc ? ? A ASP 142 OD1 ? ? ? 1_555 C FE  . FE ? ? A ASP 142 A FE  202 1_555  ? ? ? ? ? ? ? 2.768 ? ? 
metalc8  metalc ? ? A GLU 164 OE2 ? ? ? 1_555 D FE  . FE ? ? A GLU 164 A FE  203 1_555  ? ? ? ? ? ? ? 2.578 ? ? 
metalc9  metalc ? ? A GLU 164 OE2 ? ? ? 1_555 D FE  . FE ? ? A GLU 164 A FE  203 21_556 ? ? ? ? ? ? ? 2.579 ? ? 
metalc10 metalc ? ? A GLU 164 OE1 ? ? ? 1_555 E FE  . FE ? ? A GLU 164 A FE  204 1_555  ? ? ? ? ? ? ? 2.133 ? ? 
metalc11 metalc ? ? A GLU 164 OE1 ? ? ? 1_555 E FE  . FE ? ? A GLU 164 A FE  204 21_556 ? ? ? ? ? ? ? 2.129 ? ? 
metalc12 metalc ? ? A GLU 164 OE1 ? ? ? 1_555 F FE  . FE ? ? A GLU 164 A FE  205 1_555  ? ? ? ? ? ? ? 2.300 ? ? 
metalc13 metalc ? ? A GLU 164 OE1 ? ? ? 1_555 F FE  . FE ? ? A GLU 164 A FE  205 21_556 ? ? ? ? ? ? ? 2.649 ? ? 
metalc14 metalc ? ? C FE  .   FE  ? ? ? 1_555 O HOH . O  ? ? A FE  202 A HOH 360 1_555  ? ? ? ? ? ? ? 2.708 ? ? 
metalc15 metalc ? ? C FE  .   FE  ? ? ? 1_555 O HOH . O  ? ? A FE  202 A HOH 363 1_555  ? ? ? ? ? ? ? 1.964 ? ? 
metalc16 metalc ? ? G FE  .   FE  ? ? ? 1_555 O HOH . O  ? ? A FE  206 A HOH 380 1_555  ? ? ? ? ? ? ? 2.760 ? ? 
metalc17 metalc ? ? G FE  .   FE  ? ? ? 1_555 O HOH . O  ? ? A FE  206 A HOH 380 3_656  ? ? ? ? ? ? ? 2.761 ? ? 
metalc18 metalc ? ? H FE  .   FE  ? ? ? 1_555 O HOH . O  ? ? A FE  207 A HOH 360 1_555  ? ? ? ? ? ? ? 2.450 ? ? 
metalc19 metalc ? ? J FE  .   FE  ? ? ? 1_555 O HOH . O  ? ? A FE  209 A HOH 371 21_556 ? ? ? ? ? ? ? 2.198 ? ? 
metalc20 metalc ? ? K FE  .   FE  ? ? ? 1_555 O HOH . O  ? ? A FE  210 A HOH 318 74_555 ? ? ? ? ? ? ? 2.286 ? ? 
metalc21 metalc ? ? L MG  .   MG  ? ? ? 1_555 O HOH . O  ? ? A MG  211 A HOH 302 1_555  ? ? ? ? ? ? ? 2.236 ? ? 
metalc22 metalc ? ? L MG  .   MG  ? ? ? 1_555 O HOH . O  ? ? A MG  211 A HOH 313 1_555  ? ? ? ? ? ? ? 2.268 ? ? 
metalc23 metalc ? ? L MG  .   MG  ? ? ? 1_555 O HOH . O  ? ? A MG  211 A HOH 327 1_555  ? ? ? ? ? ? ? 2.044 ? ? 
metalc24 metalc ? ? L MG  .   MG  ? ? ? 1_555 O HOH . O  ? ? A MG  211 A HOH 396 1_555  ? ? ? ? ? ? ? 2.168 ? ? 
metalc25 metalc ? ? L MG  .   MG  ? ? ? 1_555 O HOH . O  ? ? A MG  211 A HOH 399 9_555  ? ? ? ? ? ? ? 2.022 ? ? 
metalc26 metalc ? ? L MG  .   MG  ? ? ? 1_555 O HOH . O  ? ? A MG  211 A HOH 401 1_555  ? ? ? ? ? ? ? 2.204 ? ? 
# 
_struct_conn_type.id          metalc 
_struct_conn_type.criteria    ? 
_struct_conn_type.reference   ? 
# 
loop_
_pdbx_struct_conn_angle.id 
_pdbx_struct_conn_angle.ptnr1_label_atom_id 
_pdbx_struct_conn_angle.ptnr1_label_alt_id 
_pdbx_struct_conn_angle.ptnr1_label_asym_id 
_pdbx_struct_conn_angle.ptnr1_label_comp_id 
_pdbx_struct_conn_angle.ptnr1_label_seq_id 
_pdbx_struct_conn_angle.ptnr1_auth_atom_id 
_pdbx_struct_conn_angle.ptnr1_auth_asym_id 
_pdbx_struct_conn_angle.ptnr1_auth_comp_id 
_pdbx_struct_conn_angle.ptnr1_auth_seq_id 
_pdbx_struct_conn_angle.ptnr1_PDB_ins_code 
_pdbx_struct_conn_angle.ptnr1_symmetry 
_pdbx_struct_conn_angle.ptnr2_label_atom_id 
_pdbx_struct_conn_angle.ptnr2_label_alt_id 
_pdbx_struct_conn_angle.ptnr2_label_asym_id 
_pdbx_struct_conn_angle.ptnr2_label_comp_id 
_pdbx_struct_conn_angle.ptnr2_label_seq_id 
_pdbx_struct_conn_angle.ptnr2_auth_atom_id 
_pdbx_struct_conn_angle.ptnr2_auth_asym_id 
_pdbx_struct_conn_angle.ptnr2_auth_comp_id 
_pdbx_struct_conn_angle.ptnr2_auth_seq_id 
_pdbx_struct_conn_angle.ptnr2_PDB_ins_code 
_pdbx_struct_conn_angle.ptnr2_symmetry 
_pdbx_struct_conn_angle.ptnr3_label_atom_id 
_pdbx_struct_conn_angle.ptnr3_label_alt_id 
_pdbx_struct_conn_angle.ptnr3_label_asym_id 
_pdbx_struct_conn_angle.ptnr3_label_comp_id 
_pdbx_struct_conn_angle.ptnr3_label_seq_id 
_pdbx_struct_conn_angle.ptnr3_auth_atom_id 
_pdbx_struct_conn_angle.ptnr3_auth_asym_id 
_pdbx_struct_conn_angle.ptnr3_auth_comp_id 
_pdbx_struct_conn_angle.ptnr3_auth_seq_id 
_pdbx_struct_conn_angle.ptnr3_PDB_ins_code 
_pdbx_struct_conn_angle.ptnr3_symmetry 
_pdbx_struct_conn_angle.value 
_pdbx_struct_conn_angle.value_esd 
1  OD2 ? A ASP 60  ? A ASP 60  ? 1_555 FE ? B FE . ? A FE 201 ? 1_555 NE2 ? A HIS 65  ? A HIS 65  ? 1_555 97.0  ? 
2  OD2 ? A ASP 60  ? A ASP 60  ? 1_555 FE ? B FE . ? A FE 201 ? 1_555 OD2 ? A ASP 138 ? A ASP 138 ? 1_555 153.5 ? 
3  NE2 ? A HIS 65  ? A HIS 65  ? 1_555 FE ? B FE . ? A FE 201 ? 1_555 OD2 ? A ASP 138 ? A ASP 138 ? 1_555 96.2  ? 
4  OD2 ? A ASP 60  ? A ASP 60  ? 1_555 FE ? B FE . ? A FE 201 ? 1_555 OD2 ? A ASP 142 ? A ASP 142 ? 1_555 108.1 ? 
5  NE2 ? A HIS 65  ? A HIS 65  ? 1_555 FE ? B FE . ? A FE 201 ? 1_555 OD2 ? A ASP 142 ? A ASP 142 ? 1_555 114.0 ? 
6  OD2 ? A ASP 138 ? A ASP 138 ? 1_555 FE ? B FE . ? A FE 201 ? 1_555 OD2 ? A ASP 142 ? A ASP 142 ? 1_555 87.2  ? 
7  OD1 ? A ASP 138 ? A ASP 138 ? 1_555 FE ? C FE . ? A FE 202 ? 1_555 OD1 ? A ASP 142 ? A ASP 142 ? 1_555 110.4 ? 
8  OD1 ? A ASP 138 ? A ASP 138 ? 1_555 FE ? C FE . ? A FE 202 ? 1_555 O   ? O HOH .   ? A HOH 360 ? 1_555 72.2  ? 
9  OD1 ? A ASP 142 ? A ASP 142 ? 1_555 FE ? C FE . ? A FE 202 ? 1_555 O   ? O HOH .   ? A HOH 360 ? 1_555 172.4 ? 
10 OD1 ? A ASP 138 ? A ASP 138 ? 1_555 FE ? C FE . ? A FE 202 ? 1_555 O   ? O HOH .   ? A HOH 363 ? 1_555 109.2 ? 
11 OD1 ? A ASP 142 ? A ASP 142 ? 1_555 FE ? C FE . ? A FE 202 ? 1_555 O   ? O HOH .   ? A HOH 363 ? 1_555 86.6  ? 
12 O   ? O HOH .   ? A HOH 360 ? 1_555 FE ? C FE . ? A FE 202 ? 1_555 O   ? O HOH .   ? A HOH 363 ? 1_555 85.7  ? 
13 OE2 ? A GLU 164 ? A GLU 164 ? 1_555 FE ? D FE . ? A FE 203 ? 1_555 OE2 ? A GLU 164 ? A GLU 164 ? 1_555 0.0   ? 
14 OE1 ? A GLU 164 ? A GLU 164 ? 1_555 FE ? E FE . ? A FE 204 ? 1_555 OE1 ? A GLU 164 ? A GLU 164 ? 1_555 0.0   ? 
15 OE1 ? A GLU 164 ? A GLU 164 ? 1_555 FE ? F FE . ? A FE 205 ? 1_555 OE1 ? A GLU 164 ? A GLU 164 ? 1_555 0.0   ? 
16 O   ? O HOH .   ? A HOH 380 ? 1_555 FE ? G FE . ? A FE 206 ? 1_555 O   ? O HOH .   ? A HOH 380 ? 3_656 0.0   ? 
17 O   ? O HOH .   ? A HOH 302 ? 1_555 MG ? L MG . ? A MG 211 ? 1_555 O   ? O HOH .   ? A HOH 313 ? 1_555 77.6  ? 
18 O   ? O HOH .   ? A HOH 302 ? 1_555 MG ? L MG . ? A MG 211 ? 1_555 O   ? O HOH .   ? A HOH 327 ? 1_555 107.3 ? 
19 O   ? O HOH .   ? A HOH 313 ? 1_555 MG ? L MG . ? A MG 211 ? 1_555 O   ? O HOH .   ? A HOH 327 ? 1_555 80.3  ? 
20 O   ? O HOH .   ? A HOH 302 ? 1_555 MG ? L MG . ? A MG 211 ? 1_555 O   ? O HOH .   ? A HOH 396 ? 1_555 154.0 ? 
21 O   ? O HOH .   ? A HOH 313 ? 1_555 MG ? L MG . ? A MG 211 ? 1_555 O   ? O HOH .   ? A HOH 396 ? 1_555 77.4  ? 
22 O   ? O HOH .   ? A HOH 327 ? 1_555 MG ? L MG . ? A MG 211 ? 1_555 O   ? O HOH .   ? A HOH 396 ? 1_555 75.4  ? 
23 O   ? O HOH .   ? A HOH 302 ? 1_555 MG ? L MG . ? A MG 211 ? 1_555 O   ? O HOH .   ? A HOH 399 ? 9_555 91.0  ? 
24 O   ? O HOH .   ? A HOH 313 ? 1_555 MG ? L MG . ? A MG 211 ? 1_555 O   ? O HOH .   ? A HOH 399 ? 9_555 80.9  ? 
25 O   ? O HOH .   ? A HOH 327 ? 1_555 MG ? L MG . ? A MG 211 ? 1_555 O   ? O HOH .   ? A HOH 399 ? 9_555 150.2 ? 
26 O   ? O HOH .   ? A HOH 396 ? 1_555 MG ? L MG . ? A MG 211 ? 1_555 O   ? O HOH .   ? A HOH 399 ? 9_555 78.1  ? 
27 O   ? O HOH .   ? A HOH 302 ? 1_555 MG ? L MG . ? A MG 211 ? 1_555 O   ? O HOH .   ? A HOH 401 ? 1_555 107.6 ? 
28 O   ? O HOH .   ? A HOH 313 ? 1_555 MG ? L MG . ? A MG 211 ? 1_555 O   ? O HOH .   ? A HOH 401 ? 1_555 174.2 ? 
29 O   ? O HOH .   ? A HOH 327 ? 1_555 MG ? L MG . ? A MG 211 ? 1_555 O   ? O HOH .   ? A HOH 401 ? 1_555 95.6  ? 
30 O   ? O HOH .   ? A HOH 396 ? 1_555 MG ? L MG . ? A MG 211 ? 1_555 O   ? O HOH .   ? A HOH 401 ? 1_555 97.7  ? 
31 O   ? O HOH .   ? A HOH 399 ? 9_555 MG ? L MG . ? A MG 211 ? 1_555 O   ? O HOH .   ? A HOH 401 ? 1_555 101.1 ? 
# 
loop_
_pdbx_struct_special_symmetry.id 
_pdbx_struct_special_symmetry.PDB_model_num 
_pdbx_struct_special_symmetry.auth_asym_id 
_pdbx_struct_special_symmetry.auth_comp_id 
_pdbx_struct_special_symmetry.auth_seq_id 
_pdbx_struct_special_symmetry.PDB_ins_code 
_pdbx_struct_special_symmetry.label_asym_id 
_pdbx_struct_special_symmetry.label_comp_id 
_pdbx_struct_special_symmetry.label_seq_id 
1 1 A FE  203 ? D FE  . 
2 1 A FE  204 ? E FE  . 
3 1 A HOH 380 ? O HOH . 
4 1 A HOH 402 ? O HOH . 
# 
_pdbx_entry_details.entry_id                 8WPV 
_pdbx_entry_details.has_ligand_of_interest   Y 
_pdbx_entry_details.compound_details         ? 
_pdbx_entry_details.source_details           ? 
_pdbx_entry_details.nonpolymer_details       ? 
_pdbx_entry_details.sequence_details         ? 
# 
_pdbx_distant_solvent_atoms.id                                1 
_pdbx_distant_solvent_atoms.PDB_model_num                     1 
_pdbx_distant_solvent_atoms.auth_atom_id                      O 
_pdbx_distant_solvent_atoms.label_alt_id                      ? 
_pdbx_distant_solvent_atoms.auth_asym_id                      A 
_pdbx_distant_solvent_atoms.auth_comp_id                      HOH 
_pdbx_distant_solvent_atoms.auth_seq_id                       402 
_pdbx_distant_solvent_atoms.PDB_ins_code                      ? 
_pdbx_distant_solvent_atoms.neighbor_macromolecule_distance   6.44 
_pdbx_distant_solvent_atoms.neighbor_ligand_distance          . 
# 
loop_
_pdbx_unobs_or_zero_occ_residues.id 
_pdbx_unobs_or_zero_occ_residues.PDB_model_num 
_pdbx_unobs_or_zero_occ_residues.polymer_flag 
_pdbx_unobs_or_zero_occ_residues.occupancy_flag 
_pdbx_unobs_or_zero_occ_residues.auth_asym_id 
_pdbx_unobs_or_zero_occ_residues.auth_comp_id 
_pdbx_unobs_or_zero_occ_residues.auth_seq_id 
_pdbx_unobs_or_zero_occ_residues.PDB_ins_code 
_pdbx_unobs_or_zero_occ_residues.label_asym_id 
_pdbx_unobs_or_zero_occ_residues.label_comp_id 
_pdbx_unobs_or_zero_occ_residues.label_seq_id 
1  1 Y 1 A MET 1   ? A MET 1   
2  1 Y 1 A LEU 2   ? A LEU 2   
3  1 Y 1 A TYR 3   ? A TYR 3   
4  1 Y 1 A ARG 4   ? A ARG 4   
5  1 Y 1 A GLU 5   ? A GLU 5   
6  1 Y 1 A ARG 6   ? A ARG 6   
7  1 Y 1 A ASN 7   ? A ASN 7   
8  1 Y 1 A ASN 8   ? A ASN 8   
9  1 Y 1 A ILE 9   ? A ILE 9   
10 1 Y 1 A MET 10  ? A MET 10  
11 1 Y 1 A GLN 11  ? A GLN 11  
12 1 Y 1 A GLU 171 ? A GLU 171 
# 
loop_
_chem_comp_atom.comp_id 
_chem_comp_atom.atom_id 
_chem_comp_atom.type_symbol 
_chem_comp_atom.pdbx_aromatic_flag 
_chem_comp_atom.pdbx_stereo_config 
_chem_comp_atom.pdbx_ordinal 
ALA N    N  N N 1   
ALA CA   C  N S 2   
ALA C    C  N N 3   
ALA O    O  N N 4   
ALA CB   C  N N 5   
ALA OXT  O  N N 6   
ALA H    H  N N 7   
ALA H2   H  N N 8   
ALA HA   H  N N 9   
ALA HB1  H  N N 10  
ALA HB2  H  N N 11  
ALA HB3  H  N N 12  
ALA HXT  H  N N 13  
ARG N    N  N N 14  
ARG CA   C  N S 15  
ARG C    C  N N 16  
ARG O    O  N N 17  
ARG CB   C  N N 18  
ARG CG   C  N N 19  
ARG CD   C  N N 20  
ARG NE   N  N N 21  
ARG CZ   C  N N 22  
ARG NH1  N  N N 23  
ARG NH2  N  N N 24  
ARG OXT  O  N N 25  
ARG H    H  N N 26  
ARG H2   H  N N 27  
ARG HA   H  N N 28  
ARG HB2  H  N N 29  
ARG HB3  H  N N 30  
ARG HG2  H  N N 31  
ARG HG3  H  N N 32  
ARG HD2  H  N N 33  
ARG HD3  H  N N 34  
ARG HE   H  N N 35  
ARG HH11 H  N N 36  
ARG HH12 H  N N 37  
ARG HH21 H  N N 38  
ARG HH22 H  N N 39  
ARG HXT  H  N N 40  
ASN N    N  N N 41  
ASN CA   C  N S 42  
ASN C    C  N N 43  
ASN O    O  N N 44  
ASN CB   C  N N 45  
ASN CG   C  N N 46  
ASN OD1  O  N N 47  
ASN ND2  N  N N 48  
ASN OXT  O  N N 49  
ASN H    H  N N 50  
ASN H2   H  N N 51  
ASN HA   H  N N 52  
ASN HB2  H  N N 53  
ASN HB3  H  N N 54  
ASN HD21 H  N N 55  
ASN HD22 H  N N 56  
ASN HXT  H  N N 57  
ASP N    N  N N 58  
ASP CA   C  N S 59  
ASP C    C  N N 60  
ASP O    O  N N 61  
ASP CB   C  N N 62  
ASP CG   C  N N 63  
ASP OD1  O  N N 64  
ASP OD2  O  N N 65  
ASP OXT  O  N N 66  
ASP H    H  N N 67  
ASP H2   H  N N 68  
ASP HA   H  N N 69  
ASP HB2  H  N N 70  
ASP HB3  H  N N 71  
ASP HD2  H  N N 72  
ASP HXT  H  N N 73  
CL  CL   CL N N 74  
FE  FE   FE N N 75  
GLN N    N  N N 76  
GLN CA   C  N S 77  
GLN C    C  N N 78  
GLN O    O  N N 79  
GLN CB   C  N N 80  
GLN CG   C  N N 81  
GLN CD   C  N N 82  
GLN OE1  O  N N 83  
GLN NE2  N  N N 84  
GLN OXT  O  N N 85  
GLN H    H  N N 86  
GLN H2   H  N N 87  
GLN HA   H  N N 88  
GLN HB2  H  N N 89  
GLN HB3  H  N N 90  
GLN HG2  H  N N 91  
GLN HG3  H  N N 92  
GLN HE21 H  N N 93  
GLN HE22 H  N N 94  
GLN HXT  H  N N 95  
GLU N    N  N N 96  
GLU CA   C  N S 97  
GLU C    C  N N 98  
GLU O    O  N N 99  
GLU CB   C  N N 100 
GLU CG   C  N N 101 
GLU CD   C  N N 102 
GLU OE1  O  N N 103 
GLU OE2  O  N N 104 
GLU OXT  O  N N 105 
GLU H    H  N N 106 
GLU H2   H  N N 107 
GLU HA   H  N N 108 
GLU HB2  H  N N 109 
GLU HB3  H  N N 110 
GLU HG2  H  N N 111 
GLU HG3  H  N N 112 
GLU HE2  H  N N 113 
GLU HXT  H  N N 114 
GLY N    N  N N 115 
GLY CA   C  N N 116 
GLY C    C  N N 117 
GLY O    O  N N 118 
GLY OXT  O  N N 119 
GLY H    H  N N 120 
GLY H2   H  N N 121 
GLY HA2  H  N N 122 
GLY HA3  H  N N 123 
GLY HXT  H  N N 124 
HIS N    N  N N 125 
HIS CA   C  N S 126 
HIS C    C  N N 127 
HIS O    O  N N 128 
HIS CB   C  N N 129 
HIS CG   C  Y N 130 
HIS ND1  N  Y N 131 
HIS CD2  C  Y N 132 
HIS CE1  C  Y N 133 
HIS NE2  N  Y N 134 
HIS OXT  O  N N 135 
HIS H    H  N N 136 
HIS H2   H  N N 137 
HIS HA   H  N N 138 
HIS HB2  H  N N 139 
HIS HB3  H  N N 140 
HIS HD1  H  N N 141 
HIS HD2  H  N N 142 
HIS HE1  H  N N 143 
HIS HE2  H  N N 144 
HIS HXT  H  N N 145 
HOH O    O  N N 146 
HOH H1   H  N N 147 
HOH H2   H  N N 148 
ILE N    N  N N 149 
ILE CA   C  N S 150 
ILE C    C  N N 151 
ILE O    O  N N 152 
ILE CB   C  N S 153 
ILE CG1  C  N N 154 
ILE CG2  C  N N 155 
ILE CD1  C  N N 156 
ILE OXT  O  N N 157 
ILE H    H  N N 158 
ILE H2   H  N N 159 
ILE HA   H  N N 160 
ILE HB   H  N N 161 
ILE HG12 H  N N 162 
ILE HG13 H  N N 163 
ILE HG21 H  N N 164 
ILE HG22 H  N N 165 
ILE HG23 H  N N 166 
ILE HD11 H  N N 167 
ILE HD12 H  N N 168 
ILE HD13 H  N N 169 
ILE HXT  H  N N 170 
LEU N    N  N N 171 
LEU CA   C  N S 172 
LEU C    C  N N 173 
LEU O    O  N N 174 
LEU CB   C  N N 175 
LEU CG   C  N N 176 
LEU CD1  C  N N 177 
LEU CD2  C  N N 178 
LEU OXT  O  N N 179 
LEU H    H  N N 180 
LEU H2   H  N N 181 
LEU HA   H  N N 182 
LEU HB2  H  N N 183 
LEU HB3  H  N N 184 
LEU HG   H  N N 185 
LEU HD11 H  N N 186 
LEU HD12 H  N N 187 
LEU HD13 H  N N 188 
LEU HD21 H  N N 189 
LEU HD22 H  N N 190 
LEU HD23 H  N N 191 
LEU HXT  H  N N 192 
LYS N    N  N N 193 
LYS CA   C  N S 194 
LYS C    C  N N 195 
LYS O    O  N N 196 
LYS CB   C  N N 197 
LYS CG   C  N N 198 
LYS CD   C  N N 199 
LYS CE   C  N N 200 
LYS NZ   N  N N 201 
LYS OXT  O  N N 202 
LYS H    H  N N 203 
LYS H2   H  N N 204 
LYS HA   H  N N 205 
LYS HB2  H  N N 206 
LYS HB3  H  N N 207 
LYS HG2  H  N N 208 
LYS HG3  H  N N 209 
LYS HD2  H  N N 210 
LYS HD3  H  N N 211 
LYS HE2  H  N N 212 
LYS HE3  H  N N 213 
LYS HZ1  H  N N 214 
LYS HZ2  H  N N 215 
LYS HZ3  H  N N 216 
LYS HXT  H  N N 217 
MET N    N  N N 218 
MET CA   C  N S 219 
MET C    C  N N 220 
MET O    O  N N 221 
MET CB   C  N N 222 
MET CG   C  N N 223 
MET SD   S  N N 224 
MET CE   C  N N 225 
MET OXT  O  N N 226 
MET H    H  N N 227 
MET H2   H  N N 228 
MET HA   H  N N 229 
MET HB2  H  N N 230 
MET HB3  H  N N 231 
MET HG2  H  N N 232 
MET HG3  H  N N 233 
MET HE1  H  N N 234 
MET HE2  H  N N 235 
MET HE3  H  N N 236 
MET HXT  H  N N 237 
MG  MG   MG N N 238 
PHE N    N  N N 239 
PHE CA   C  N S 240 
PHE C    C  N N 241 
PHE O    O  N N 242 
PHE CB   C  N N 243 
PHE CG   C  Y N 244 
PHE CD1  C  Y N 245 
PHE CD2  C  Y N 246 
PHE CE1  C  Y N 247 
PHE CE2  C  Y N 248 
PHE CZ   C  Y N 249 
PHE OXT  O  N N 250 
PHE H    H  N N 251 
PHE H2   H  N N 252 
PHE HA   H  N N 253 
PHE HB2  H  N N 254 
PHE HB3  H  N N 255 
PHE HD1  H  N N 256 
PHE HD2  H  N N 257 
PHE HE1  H  N N 258 
PHE HE2  H  N N 259 
PHE HZ   H  N N 260 
PHE HXT  H  N N 261 
PRO N    N  N N 262 
PRO CA   C  N S 263 
PRO C    C  N N 264 
PRO O    O  N N 265 
PRO CB   C  N N 266 
PRO CG   C  N N 267 
PRO CD   C  N N 268 
PRO OXT  O  N N 269 
PRO H    H  N N 270 
PRO HA   H  N N 271 
PRO HB2  H  N N 272 
PRO HB3  H  N N 273 
PRO HG2  H  N N 274 
PRO HG3  H  N N 275 
PRO HD2  H  N N 276 
PRO HD3  H  N N 277 
PRO HXT  H  N N 278 
SER N    N  N N 279 
SER CA   C  N S 280 
SER C    C  N N 281 
SER O    O  N N 282 
SER CB   C  N N 283 
SER OG   O  N N 284 
SER OXT  O  N N 285 
SER H    H  N N 286 
SER H2   H  N N 287 
SER HA   H  N N 288 
SER HB2  H  N N 289 
SER HB3  H  N N 290 
SER HG   H  N N 291 
SER HXT  H  N N 292 
THR N    N  N N 293 
THR CA   C  N S 294 
THR C    C  N N 295 
THR O    O  N N 296 
THR CB   C  N R 297 
THR OG1  O  N N 298 
THR CG2  C  N N 299 
THR OXT  O  N N 300 
THR H    H  N N 301 
THR H2   H  N N 302 
THR HA   H  N N 303 
THR HB   H  N N 304 
THR HG1  H  N N 305 
THR HG21 H  N N 306 
THR HG22 H  N N 307 
THR HG23 H  N N 308 
THR HXT  H  N N 309 
TRP N    N  N N 310 
TRP CA   C  N S 311 
TRP C    C  N N 312 
TRP O    O  N N 313 
TRP CB   C  N N 314 
TRP CG   C  Y N 315 
TRP CD1  C  Y N 316 
TRP CD2  C  Y N 317 
TRP NE1  N  Y N 318 
TRP CE2  C  Y N 319 
TRP CE3  C  Y N 320 
TRP CZ2  C  Y N 321 
TRP CZ3  C  Y N 322 
TRP CH2  C  Y N 323 
TRP OXT  O  N N 324 
TRP H    H  N N 325 
TRP H2   H  N N 326 
TRP HA   H  N N 327 
TRP HB2  H  N N 328 
TRP HB3  H  N N 329 
TRP HD1  H  N N 330 
TRP HE1  H  N N 331 
TRP HE3  H  N N 332 
TRP HZ2  H  N N 333 
TRP HZ3  H  N N 334 
TRP HH2  H  N N 335 
TRP HXT  H  N N 336 
TYR N    N  N N 337 
TYR CA   C  N S 338 
TYR C    C  N N 339 
TYR O    O  N N 340 
TYR CB   C  N N 341 
TYR CG   C  Y N 342 
TYR CD1  C  Y N 343 
TYR CD2  C  Y N 344 
TYR CE1  C  Y N 345 
TYR CE2  C  Y N 346 
TYR CZ   C  Y N 347 
TYR OH   O  N N 348 
TYR OXT  O  N N 349 
TYR H    H  N N 350 
TYR H2   H  N N 351 
TYR HA   H  N N 352 
TYR HB2  H  N N 353 
TYR HB3  H  N N 354 
TYR HD1  H  N N 355 
TYR HD2  H  N N 356 
TYR HE1  H  N N 357 
TYR HE2  H  N N 358 
TYR HH   H  N N 359 
TYR HXT  H  N N 360 
VAL N    N  N N 361 
VAL CA   C  N S 362 
VAL C    C  N N 363 
VAL O    O  N N 364 
VAL CB   C  N N 365 
VAL CG1  C  N N 366 
VAL CG2  C  N N 367 
VAL OXT  O  N N 368 
VAL H    H  N N 369 
VAL H2   H  N N 370 
VAL HA   H  N N 371 
VAL HB   H  N N 372 
VAL HG11 H  N N 373 
VAL HG12 H  N N 374 
VAL HG13 H  N N 375 
VAL HG21 H  N N 376 
VAL HG22 H  N N 377 
VAL HG23 H  N N 378 
VAL HXT  H  N N 379 
# 
loop_
_chem_comp_bond.comp_id 
_chem_comp_bond.atom_id_1 
_chem_comp_bond.atom_id_2 
_chem_comp_bond.value_order 
_chem_comp_bond.pdbx_aromatic_flag 
_chem_comp_bond.pdbx_stereo_config 
_chem_comp_bond.pdbx_ordinal 
ALA N   CA   sing N N 1   
ALA N   H    sing N N 2   
ALA N   H2   sing N N 3   
ALA CA  C    sing N N 4   
ALA CA  CB   sing N N 5   
ALA CA  HA   sing N N 6   
ALA C   O    doub N N 7   
ALA C   OXT  sing N N 8   
ALA CB  HB1  sing N N 9   
ALA CB  HB2  sing N N 10  
ALA CB  HB3  sing N N 11  
ALA OXT HXT  sing N N 12  
ARG N   CA   sing N N 13  
ARG N   H    sing N N 14  
ARG N   H2   sing N N 15  
ARG CA  C    sing N N 16  
ARG CA  CB   sing N N 17  
ARG CA  HA   sing N N 18  
ARG C   O    doub N N 19  
ARG C   OXT  sing N N 20  
ARG CB  CG   sing N N 21  
ARG CB  HB2  sing N N 22  
ARG CB  HB3  sing N N 23  
ARG CG  CD   sing N N 24  
ARG CG  HG2  sing N N 25  
ARG CG  HG3  sing N N 26  
ARG CD  NE   sing N N 27  
ARG CD  HD2  sing N N 28  
ARG CD  HD3  sing N N 29  
ARG NE  CZ   sing N N 30  
ARG NE  HE   sing N N 31  
ARG CZ  NH1  sing N N 32  
ARG CZ  NH2  doub N N 33  
ARG NH1 HH11 sing N N 34  
ARG NH1 HH12 sing N N 35  
ARG NH2 HH21 sing N N 36  
ARG NH2 HH22 sing N N 37  
ARG OXT HXT  sing N N 38  
ASN N   CA   sing N N 39  
ASN N   H    sing N N 40  
ASN N   H2   sing N N 41  
ASN CA  C    sing N N 42  
ASN CA  CB   sing N N 43  
ASN CA  HA   sing N N 44  
ASN C   O    doub N N 45  
ASN C   OXT  sing N N 46  
ASN CB  CG   sing N N 47  
ASN CB  HB2  sing N N 48  
ASN CB  HB3  sing N N 49  
ASN CG  OD1  doub N N 50  
ASN CG  ND2  sing N N 51  
ASN ND2 HD21 sing N N 52  
ASN ND2 HD22 sing N N 53  
ASN OXT HXT  sing N N 54  
ASP N   CA   sing N N 55  
ASP N   H    sing N N 56  
ASP N   H2   sing N N 57  
ASP CA  C    sing N N 58  
ASP CA  CB   sing N N 59  
ASP CA  HA   sing N N 60  
ASP C   O    doub N N 61  
ASP C   OXT  sing N N 62  
ASP CB  CG   sing N N 63  
ASP CB  HB2  sing N N 64  
ASP CB  HB3  sing N N 65  
ASP CG  OD1  doub N N 66  
ASP CG  OD2  sing N N 67  
ASP OD2 HD2  sing N N 68  
ASP OXT HXT  sing N N 69  
GLN N   CA   sing N N 70  
GLN N   H    sing N N 71  
GLN N   H2   sing N N 72  
GLN CA  C    sing N N 73  
GLN CA  CB   sing N N 74  
GLN CA  HA   sing N N 75  
GLN C   O    doub N N 76  
GLN C   OXT  sing N N 77  
GLN CB  CG   sing N N 78  
GLN CB  HB2  sing N N 79  
GLN CB  HB3  sing N N 80  
GLN CG  CD   sing N N 81  
GLN CG  HG2  sing N N 82  
GLN CG  HG3  sing N N 83  
GLN CD  OE1  doub N N 84  
GLN CD  NE2  sing N N 85  
GLN NE2 HE21 sing N N 86  
GLN NE2 HE22 sing N N 87  
GLN OXT HXT  sing N N 88  
GLU N   CA   sing N N 89  
GLU N   H    sing N N 90  
GLU N   H2   sing N N 91  
GLU CA  C    sing N N 92  
GLU CA  CB   sing N N 93  
GLU CA  HA   sing N N 94  
GLU C   O    doub N N 95  
GLU C   OXT  sing N N 96  
GLU CB  CG   sing N N 97  
GLU CB  HB2  sing N N 98  
GLU CB  HB3  sing N N 99  
GLU CG  CD   sing N N 100 
GLU CG  HG2  sing N N 101 
GLU CG  HG3  sing N N 102 
GLU CD  OE1  doub N N 103 
GLU CD  OE2  sing N N 104 
GLU OE2 HE2  sing N N 105 
GLU OXT HXT  sing N N 106 
GLY N   CA   sing N N 107 
GLY N   H    sing N N 108 
GLY N   H2   sing N N 109 
GLY CA  C    sing N N 110 
GLY CA  HA2  sing N N 111 
GLY CA  HA3  sing N N 112 
GLY C   O    doub N N 113 
GLY C   OXT  sing N N 114 
GLY OXT HXT  sing N N 115 
HIS N   CA   sing N N 116 
HIS N   H    sing N N 117 
HIS N   H2   sing N N 118 
HIS CA  C    sing N N 119 
HIS CA  CB   sing N N 120 
HIS CA  HA   sing N N 121 
HIS C   O    doub N N 122 
HIS C   OXT  sing N N 123 
HIS CB  CG   sing N N 124 
HIS CB  HB2  sing N N 125 
HIS CB  HB3  sing N N 126 
HIS CG  ND1  sing Y N 127 
HIS CG  CD2  doub Y N 128 
HIS ND1 CE1  doub Y N 129 
HIS ND1 HD1  sing N N 130 
HIS CD2 NE2  sing Y N 131 
HIS CD2 HD2  sing N N 132 
HIS CE1 NE2  sing Y N 133 
HIS CE1 HE1  sing N N 134 
HIS NE2 HE2  sing N N 135 
HIS OXT HXT  sing N N 136 
HOH O   H1   sing N N 137 
HOH O   H2   sing N N 138 
ILE N   CA   sing N N 139 
ILE N   H    sing N N 140 
ILE N   H2   sing N N 141 
ILE CA  C    sing N N 142 
ILE CA  CB   sing N N 143 
ILE CA  HA   sing N N 144 
ILE C   O    doub N N 145 
ILE C   OXT  sing N N 146 
ILE CB  CG1  sing N N 147 
ILE CB  CG2  sing N N 148 
ILE CB  HB   sing N N 149 
ILE CG1 CD1  sing N N 150 
ILE CG1 HG12 sing N N 151 
ILE CG1 HG13 sing N N 152 
ILE CG2 HG21 sing N N 153 
ILE CG2 HG22 sing N N 154 
ILE CG2 HG23 sing N N 155 
ILE CD1 HD11 sing N N 156 
ILE CD1 HD12 sing N N 157 
ILE CD1 HD13 sing N N 158 
ILE OXT HXT  sing N N 159 
LEU N   CA   sing N N 160 
LEU N   H    sing N N 161 
LEU N   H2   sing N N 162 
LEU CA  C    sing N N 163 
LEU CA  CB   sing N N 164 
LEU CA  HA   sing N N 165 
LEU C   O    doub N N 166 
LEU C   OXT  sing N N 167 
LEU CB  CG   sing N N 168 
LEU CB  HB2  sing N N 169 
LEU CB  HB3  sing N N 170 
LEU CG  CD1  sing N N 171 
LEU CG  CD2  sing N N 172 
LEU CG  HG   sing N N 173 
LEU CD1 HD11 sing N N 174 
LEU CD1 HD12 sing N N 175 
LEU CD1 HD13 sing N N 176 
LEU CD2 HD21 sing N N 177 
LEU CD2 HD22 sing N N 178 
LEU CD2 HD23 sing N N 179 
LEU OXT HXT  sing N N 180 
LYS N   CA   sing N N 181 
LYS N   H    sing N N 182 
LYS N   H2   sing N N 183 
LYS CA  C    sing N N 184 
LYS CA  CB   sing N N 185 
LYS CA  HA   sing N N 186 
LYS C   O    doub N N 187 
LYS C   OXT  sing N N 188 
LYS CB  CG   sing N N 189 
LYS CB  HB2  sing N N 190 
LYS CB  HB3  sing N N 191 
LYS CG  CD   sing N N 192 
LYS CG  HG2  sing N N 193 
LYS CG  HG3  sing N N 194 
LYS CD  CE   sing N N 195 
LYS CD  HD2  sing N N 196 
LYS CD  HD3  sing N N 197 
LYS CE  NZ   sing N N 198 
LYS CE  HE2  sing N N 199 
LYS CE  HE3  sing N N 200 
LYS NZ  HZ1  sing N N 201 
LYS NZ  HZ2  sing N N 202 
LYS NZ  HZ3  sing N N 203 
LYS OXT HXT  sing N N 204 
MET N   CA   sing N N 205 
MET N   H    sing N N 206 
MET N   H2   sing N N 207 
MET CA  C    sing N N 208 
MET CA  CB   sing N N 209 
MET CA  HA   sing N N 210 
MET C   O    doub N N 211 
MET C   OXT  sing N N 212 
MET CB  CG   sing N N 213 
MET CB  HB2  sing N N 214 
MET CB  HB3  sing N N 215 
MET CG  SD   sing N N 216 
MET CG  HG2  sing N N 217 
MET CG  HG3  sing N N 218 
MET SD  CE   sing N N 219 
MET CE  HE1  sing N N 220 
MET CE  HE2  sing N N 221 
MET CE  HE3  sing N N 222 
MET OXT HXT  sing N N 223 
PHE N   CA   sing N N 224 
PHE N   H    sing N N 225 
PHE N   H2   sing N N 226 
PHE CA  C    sing N N 227 
PHE CA  CB   sing N N 228 
PHE CA  HA   sing N N 229 
PHE C   O    doub N N 230 
PHE C   OXT  sing N N 231 
PHE CB  CG   sing N N 232 
PHE CB  HB2  sing N N 233 
PHE CB  HB3  sing N N 234 
PHE CG  CD1  doub Y N 235 
PHE CG  CD2  sing Y N 236 
PHE CD1 CE1  sing Y N 237 
PHE CD1 HD1  sing N N 238 
PHE CD2 CE2  doub Y N 239 
PHE CD2 HD2  sing N N 240 
PHE CE1 CZ   doub Y N 241 
PHE CE1 HE1  sing N N 242 
PHE CE2 CZ   sing Y N 243 
PHE CE2 HE2  sing N N 244 
PHE CZ  HZ   sing N N 245 
PHE OXT HXT  sing N N 246 
PRO N   CA   sing N N 247 
PRO N   CD   sing N N 248 
PRO N   H    sing N N 249 
PRO CA  C    sing N N 250 
PRO CA  CB   sing N N 251 
PRO CA  HA   sing N N 252 
PRO C   O    doub N N 253 
PRO C   OXT  sing N N 254 
PRO CB  CG   sing N N 255 
PRO CB  HB2  sing N N 256 
PRO CB  HB3  sing N N 257 
PRO CG  CD   sing N N 258 
PRO CG  HG2  sing N N 259 
PRO CG  HG3  sing N N 260 
PRO CD  HD2  sing N N 261 
PRO CD  HD3  sing N N 262 
PRO OXT HXT  sing N N 263 
SER N   CA   sing N N 264 
SER N   H    sing N N 265 
SER N   H2   sing N N 266 
SER CA  C    sing N N 267 
SER CA  CB   sing N N 268 
SER CA  HA   sing N N 269 
SER C   O    doub N N 270 
SER C   OXT  sing N N 271 
SER CB  OG   sing N N 272 
SER CB  HB2  sing N N 273 
SER CB  HB3  sing N N 274 
SER OG  HG   sing N N 275 
SER OXT HXT  sing N N 276 
THR N   CA   sing N N 277 
THR N   H    sing N N 278 
THR N   H2   sing N N 279 
THR CA  C    sing N N 280 
THR CA  CB   sing N N 281 
THR CA  HA   sing N N 282 
THR C   O    doub N N 283 
THR C   OXT  sing N N 284 
THR CB  OG1  sing N N 285 
THR CB  CG2  sing N N 286 
THR CB  HB   sing N N 287 
THR OG1 HG1  sing N N 288 
THR CG2 HG21 sing N N 289 
THR CG2 HG22 sing N N 290 
THR CG2 HG23 sing N N 291 
THR OXT HXT  sing N N 292 
TRP N   CA   sing N N 293 
TRP N   H    sing N N 294 
TRP N   H2   sing N N 295 
TRP CA  C    sing N N 296 
TRP CA  CB   sing N N 297 
TRP CA  HA   sing N N 298 
TRP C   O    doub N N 299 
TRP C   OXT  sing N N 300 
TRP CB  CG   sing N N 301 
TRP CB  HB2  sing N N 302 
TRP CB  HB3  sing N N 303 
TRP CG  CD1  doub Y N 304 
TRP CG  CD2  sing Y N 305 
TRP CD1 NE1  sing Y N 306 
TRP CD1 HD1  sing N N 307 
TRP CD2 CE2  doub Y N 308 
TRP CD2 CE3  sing Y N 309 
TRP NE1 CE2  sing Y N 310 
TRP NE1 HE1  sing N N 311 
TRP CE2 CZ2  sing Y N 312 
TRP CE3 CZ3  doub Y N 313 
TRP CE3 HE3  sing N N 314 
TRP CZ2 CH2  doub Y N 315 
TRP CZ2 HZ2  sing N N 316 
TRP CZ3 CH2  sing Y N 317 
TRP CZ3 HZ3  sing N N 318 
TRP CH2 HH2  sing N N 319 
TRP OXT HXT  sing N N 320 
TYR N   CA   sing N N 321 
TYR N   H    sing N N 322 
TYR N   H2   sing N N 323 
TYR CA  C    sing N N 324 
TYR CA  CB   sing N N 325 
TYR CA  HA   sing N N 326 
TYR C   O    doub N N 327 
TYR C   OXT  sing N N 328 
TYR CB  CG   sing N N 329 
TYR CB  HB2  sing N N 330 
TYR CB  HB3  sing N N 331 
TYR CG  CD1  doub Y N 332 
TYR CG  CD2  sing Y N 333 
TYR CD1 CE1  sing Y N 334 
TYR CD1 HD1  sing N N 335 
TYR CD2 CE2  doub Y N 336 
TYR CD2 HD2  sing N N 337 
TYR CE1 CZ   doub Y N 338 
TYR CE1 HE1  sing N N 339 
TYR CE2 CZ   sing Y N 340 
TYR CE2 HE2  sing N N 341 
TYR CZ  OH   sing N N 342 
TYR OH  HH   sing N N 343 
TYR OXT HXT  sing N N 344 
VAL N   CA   sing N N 345 
VAL N   H    sing N N 346 
VAL N   H2   sing N N 347 
VAL CA  C    sing N N 348 
VAL CA  CB   sing N N 349 
VAL CA  HA   sing N N 350 
VAL C   O    doub N N 351 
VAL C   OXT  sing N N 352 
VAL CB  CG1  sing N N 353 
VAL CB  CG2  sing N N 354 
VAL CB  HB   sing N N 355 
VAL CG1 HG11 sing N N 356 
VAL CG1 HG12 sing N N 357 
VAL CG1 HG13 sing N N 358 
VAL CG2 HG21 sing N N 359 
VAL CG2 HG22 sing N N 360 
VAL CG2 HG23 sing N N 361 
VAL OXT HXT  sing N N 362 
# 
_pdbx_audit_support.funding_organization   'National Natural Science Foundation of China (NSFC)' 
_pdbx_audit_support.country                China 
_pdbx_audit_support.grant_number           '62075118, 21601112' 
_pdbx_audit_support.ordinal                1 
# 
_pdbx_entity_instance_feature.ordinal        1 
_pdbx_entity_instance_feature.comp_id        FE 
_pdbx_entity_instance_feature.asym_id        ? 
_pdbx_entity_instance_feature.seq_num        ? 
_pdbx_entity_instance_feature.auth_comp_id   FE 
_pdbx_entity_instance_feature.auth_asym_id   ? 
_pdbx_entity_instance_feature.auth_seq_num   ? 
_pdbx_entity_instance_feature.feature_type   'SUBJECT OF INVESTIGATION' 
_pdbx_entity_instance_feature.details        ? 
# 
_pdbx_initial_refinement_model.id               1 
_pdbx_initial_refinement_model.entity_id_list   ? 
_pdbx_initial_refinement_model.type             'experimental model' 
_pdbx_initial_refinement_model.source_name      PDB 
_pdbx_initial_refinement_model.accession_code   8W6M 
_pdbx_initial_refinement_model.details          ? 
# 
_atom_sites.entry_id                    8WPV 
_atom_sites.Cartn_transf_matrix[1][1]   ? 
_atom_sites.Cartn_transf_matrix[1][2]   ? 
_atom_sites.Cartn_transf_matrix[1][3]   ? 
_atom_sites.Cartn_transf_matrix[2][1]   ? 
_atom_sites.Cartn_transf_matrix[2][2]   ? 
_atom_sites.Cartn_transf_matrix[2][3]   ? 
_atom_sites.Cartn_transf_matrix[3][1]   ? 
_atom_sites.Cartn_transf_matrix[3][2]   ? 
_atom_sites.Cartn_transf_matrix[3][3]   ? 
_atom_sites.Cartn_transf_vector[1]      ? 
_atom_sites.Cartn_transf_vector[2]      ? 
_atom_sites.Cartn_transf_vector[3]      ? 
_atom_sites.Cartn_transform_axes        ? 
_atom_sites.fract_transf_matrix[1][1]   -0.00280043 
_atom_sites.fract_transf_matrix[1][2]   -0.00316842 
_atom_sites.fract_transf_matrix[1][3]   0.00357451 
_atom_sites.fract_transf_matrix[2][1]   0.00464126 
_atom_sites.fract_transf_matrix[2][2]   -0.00278431 
_atom_sites.fract_transf_matrix[2][3]   0.00116818 
_atom_sites.fract_transf_matrix[3][1]   0.00112899 
_atom_sites.fract_transf_matrix[3][2]   0.00358708 
_atom_sites.fract_transf_matrix[3][3]   0.00406407 
_atom_sites.fract_transf_vector[1]      0.343926 
_atom_sites.fract_transf_vector[2]      0.280743 
_atom_sites.fract_transf_vector[3]      0.447168 
_atom_sites.solution_primary            ? 
_atom_sites.solution_secondary          ? 
_atom_sites.solution_hydrogens          ? 
_atom_sites.special_details             ? 
# 
loop_
_atom_type.symbol 
C  
CL 
FE 
MG 
N  
O  
S  
# 
loop_
_atom_site.group_PDB 
_atom_site.id 
_atom_site.type_symbol 
_atom_site.label_atom_id 
_atom_site.label_alt_id 
_atom_site.label_comp_id 
_atom_site.label_asym_id 
_atom_site.label_entity_id 
_atom_site.label_seq_id 
_atom_site.pdbx_PDB_ins_code 
_atom_site.Cartn_x 
_atom_site.Cartn_y 
_atom_site.Cartn_z 
_atom_site.occupancy 
_atom_site.B_iso_or_equiv 
_atom_site.pdbx_formal_charge 
_atom_site.auth_seq_id 
_atom_site.auth_comp_id 
_atom_site.auth_asym_id 
_atom_site.auth_atom_id 
_atom_site.pdbx_PDB_model_num 
ATOM   1    N  N   . LYS A 1 12  ? 18.264  -4.002  -20.371 1.00 57.00  ? 12  LYS A N   1 
ATOM   2    C  CA  . LYS A 1 12  ? 17.133  -3.650  -19.518 1.00 64.54  ? 12  LYS A CA  1 
ATOM   3    C  C   . LYS A 1 12  ? 16.078  -2.858  -20.289 1.00 69.22  ? 12  LYS A C   1 
ATOM   4    O  O   . LYS A 1 12  ? 16.402  -2.096  -21.203 1.00 57.02  ? 12  LYS A O   1 
ATOM   5    C  CB  . LYS A 1 12  ? 17.614  -2.860  -18.296 1.00 60.89  ? 12  LYS A CB  1 
ATOM   6    C  CG  . LYS A 1 12  ? 18.210  -1.494  -18.611 1.00 61.04  ? 12  LYS A CG  1 
ATOM   7    C  CD  . LYS A 1 12  ? 17.234  -0.366  -18.318 1.00 60.96  ? 12  LYS A CD  1 
ATOM   8    C  CE  . LYS A 1 12  ? 17.873  0.991   -18.563 1.00 57.95  ? 12  LYS A CE  1 
ATOM   9    N  NZ  . LYS A 1 12  ? 16.890  2.098   -18.422 1.00 50.81  ? 12  LYS A NZ  1 
ATOM   10   N  N   . SER A 1 13  ? 14.815  -3.045  -19.915 1.00 67.73  ? 13  SER A N   1 
ATOM   11   C  CA  . SER A 1 13  ? 13.700  -2.389  -20.586 1.00 60.72  ? 13  SER A CA  1 
ATOM   12   C  C   . SER A 1 13  ? 13.483  -0.996  -20.009 1.00 60.81  ? 13  SER A C   1 
ATOM   13   O  O   . SER A 1 13  ? 13.390  -0.829  -18.788 1.00 46.49  ? 13  SER A O   1 
ATOM   14   C  CB  . SER A 1 13  ? 12.425  -3.222  -20.449 1.00 54.81  ? 13  SER A CB  1 
ATOM   15   O  OG  . SER A 1 13  ? 11.277  -2.456  -20.779 1.00 46.56  ? 13  SER A OG  1 
ATOM   16   N  N   . ASN A 1 14  ? 13.398  0.002   -20.895 1.00 57.60  ? 14  ASN A N   1 
ATOM   17   C  CA  . ASN A 1 14  ? 13.116  1.365   -20.449 1.00 50.85  ? 14  ASN A CA  1 
ATOM   18   C  C   . ASN A 1 14  ? 11.681  1.501   -19.957 1.00 43.59  ? 14  ASN A C   1 
ATOM   19   O  O   . ASN A 1 14  ? 11.414  2.239   -19.002 1.00 44.77  ? 14  ASN A O   1 
ATOM   20   C  CB  . ASN A 1 14  ? 13.389  2.357   -21.580 1.00 60.33  ? 14  ASN A CB  1 
ATOM   21   C  CG  . ASN A 1 14  ? 14.869  2.639   -21.765 1.00 75.44  ? 14  ASN A CG  1 
ATOM   22   O  OD1 . ASN A 1 14  ? 15.446  2.336   -22.810 1.00 84.84  ? 14  ASN A OD1 1 
ATOM   23   N  ND2 . ASN A 1 14  ? 15.491  3.229   -20.750 1.00 71.09  ? 14  ASN A ND2 1 
ATOM   24   N  N   . LYS A 1 15  ? 10.741  0.802   -20.595 1.00 45.26  ? 15  LYS A N   1 
ATOM   25   C  CA  . LYS A 1 15  ? 9.351   0.896   -20.164 1.00 41.85  ? 15  LYS A CA  1 
ATOM   26   C  C   . LYS A 1 15  ? 9.145   0.218   -18.815 1.00 36.13  ? 15  LYS A C   1 
ATOM   27   O  O   . LYS A 1 15  ? 8.423   0.743   -17.958 1.00 43.86  ? 15  LYS A O   1 
ATOM   28   C  CB  . LYS A 1 15  ? 8.430   0.299   -21.224 1.00 48.61  ? 15  LYS A CB  1 
ATOM   29   C  CG  . LYS A 1 15  ? 8.748   0.765   -22.633 1.00 58.65  ? 15  LYS A CG  1 
ATOM   30   C  CD  . LYS A 1 15  ? 7.541   0.639   -23.543 1.00 55.74  ? 15  LYS A CD  1 
ATOM   31   C  CE  . LYS A 1 15  ? 7.491   -0.747  -24.155 1.00 73.33  ? 15  LYS A CE  1 
ATOM   32   N  NZ  . LYS A 1 15  ? 6.942   -0.781  -25.541 1.00 80.44  ? 15  LYS A NZ  1 
ATOM   33   N  N   . ILE A 1 16  ? 9.769   -0.943  -18.605 1.00 36.40  ? 16  ILE A N   1 
ATOM   34   C  CA  . ILE A 1 16  ? 9.717   -1.581  -17.292 1.00 36.10  ? 16  ILE A CA  1 
ATOM   35   C  C   . ILE A 1 16  ? 10.392  -0.698  -16.250 1.00 38.12  ? 16  ILE A C   1 
ATOM   36   O  O   . ILE A 1 16  ? 9.889   -0.532  -15.133 1.00 34.44  ? 16  ILE A O   1 
ATOM   37   C  CB  . ILE A 1 16  ? 10.354  -2.982  -17.351 1.00 36.32  ? 16  ILE A CB  1 
ATOM   38   C  CG1 . ILE A 1 16  ? 9.461   -3.940  -18.142 1.00 38.32  ? 16  ILE A CG1 1 
ATOM   39   C  CG2 . ILE A 1 16  ? 10.600  -3.524  -15.946 1.00 34.85  ? 16  ILE A CG2 1 
ATOM   40   C  CD1 . ILE A 1 16  ? 8.253   -4.420  -17.366 1.00 45.98  ? 16  ILE A CD1 1 
ATOM   41   N  N   . ASN A 1 17  ? 11.539  -0.112  -16.606 1.00 35.69  ? 17  ASN A N   1 
ATOM   42   C  CA  . ASN A 1 17  ? 12.227  0.810   -15.708 1.00 36.41  ? 17  ASN A CA  1 
ATOM   43   C  C   . ASN A 1 17  ? 11.321  1.965   -15.302 1.00 36.08  ? 17  ASN A C   1 
ATOM   44   O  O   . ASN A 1 17  ? 11.251  2.331   -14.124 1.00 36.66  ? 17  ASN A O   1 
ATOM   45   C  CB  . ASN A 1 17  ? 13.498  1.338   -16.379 1.00 36.53  ? 17  ASN A CB  1 
ATOM   46   C  CG  . ASN A 1 17  ? 14.544  1.797   -15.379 1.00 46.18  ? 17  ASN A CG  1 
ATOM   47   O  OD1 . ASN A 1 17  ? 15.706  1.997   -15.731 1.00 40.16  ? 17  ASN A OD1 1 
ATOM   48   N  ND2 . ASN A 1 17  ? 14.136  1.964   -14.124 1.00 35.42  ? 17  ASN A ND2 1 
ATOM   49   N  N   . ASP A 1 18  ? 10.619  2.556   -16.273 1.00 36.97  ? 18  ASP A N   1 
ATOM   50   C  CA  . ASP A 1 18  ? 9.696   3.641   -15.959 1.00 35.58  ? 18  ASP A CA  1 
ATOM   51   C  C   . ASP A 1 18  ? 8.526   3.146   -15.121 1.00 39.13  ? 18  ASP A C   1 
ATOM   52   O  O   . ASP A 1 18  ? 8.124   3.808   -14.156 1.00 41.17  ? 18  ASP A O   1 
ATOM   53   C  CB  . ASP A 1 18  ? 9.185   4.295   -17.244 1.00 35.38  ? 18  ASP A CB  1 
ATOM   54   C  CG  . ASP A 1 18  ? 10.290  4.953   -18.046 1.00 41.99  ? 18  ASP A CG  1 
ATOM   55   O  OD1 . ASP A 1 18  ? 11.329  5.306   -17.450 1.00 45.08  ? 18  ASP A OD1 1 
ATOM   56   O  OD2 . ASP A 1 18  ? 10.113  5.128   -19.269 1.00 53.26  ? 18  ASP A OD2 1 
ATOM   57   N  N   . ALA A 1 19  ? 7.967   1.986   -15.475 1.00 29.83  ? 19  ALA A N   1 
ATOM   58   C  CA  . ALA A 1 19  ? 6.828   1.459   -14.733 1.00 31.81  ? 19  ALA A CA  1 
ATOM   59   C  C   . ALA A 1 19  ? 7.209   1.127   -13.296 1.00 32.04  ? 19  ALA A C   1 
ATOM   60   O  O   . ALA A 1 19  ? 6.421   1.349   -12.368 1.00 30.73  ? 19  ALA A O   1 
ATOM   61   C  CB  . ALA A 1 19  ? 6.266   0.226   -15.440 1.00 32.84  ? 19  ALA A CB  1 
ATOM   62   N  N   . LEU A 1 20  ? 8.416   0.596   -13.090 1.00 28.14  ? 20  LEU A N   1 
ATOM   63   C  CA  . LEU A 1 20  ? 8.855   0.284   -11.735 1.00 34.42  ? 20  LEU A CA  1 
ATOM   64   C  C   . LEU A 1 20  ? 9.222   1.543   -10.961 1.00 33.34  ? 20  LEU A C   1 
ATOM   65   O  O   . LEU A 1 20  ? 9.041   1.590   -9.739  1.00 30.85  ? 20  LEU A O   1 
ATOM   66   C  CB  . LEU A 1 20  ? 10.033  -0.688  -11.775 1.00 28.08  ? 20  LEU A CB  1 
ATOM   67   C  CG  . LEU A 1 20  ? 9.652   -2.116  -12.178 1.00 32.44  ? 20  LEU A CG  1 
ATOM   68   C  CD1 . LEU A 1 20  ? 10.879  -3.007  -12.260 1.00 34.26  ? 20  LEU A CD1 1 
ATOM   69   C  CD2 . LEU A 1 20  ? 8.634   -2.689  -11.204 1.00 31.20  ? 20  LEU A CD2 1 
ATOM   70   N  N   . ASN A 1 21  ? 9.730   2.572   -11.644 1.00 30.58  ? 21  ASN A N   1 
ATOM   71   C  CA  . ASN A 1 21  ? 9.999   3.832   -10.958 1.00 30.19  ? 21  ASN A CA  1 
ATOM   72   C  C   . ASN A 1 21  ? 8.713   4.513   -10.518 1.00 33.83  ? 21  ASN A C   1 
ATOM   73   O  O   . ASN A 1 21  ? 8.685   5.157   -9.464  1.00 33.81  ? 21  ASN A O   1 
ATOM   74   C  CB  . ASN A 1 21  ? 10.818  4.769   -11.845 1.00 31.28  ? 21  ASN A CB  1 
ATOM   75   C  CG  . ASN A 1 21  ? 12.292  4.767   -11.486 1.00 39.46  ? 21  ASN A CG  1 
ATOM   76   O  OD1 . ASN A 1 21  ? 12.655  4.816   -10.310 1.00 39.06  ? 21  ASN A OD1 1 
ATOM   77   N  ND2 . ASN A 1 21  ? 13.150  4.726   -12.498 1.00 33.70  ? 21  ASN A ND2 1 
ATOM   78   N  N   . GLN A 1 22  ? 7.640   4.383   -11.303 1.00 34.13  ? 22  GLN A N   1 
ATOM   79   C  CA  . GLN A 1 22  ? 6.357   4.933   -10.876 1.00 35.60  ? 22  GLN A CA  1 
ATOM   80   C  C   . GLN A 1 22  ? 5.790   4.149   -9.697  1.00 30.41  ? 22  GLN A C   1 
ATOM   81   O  O   . GLN A 1 22  ? 5.163   4.732   -8.805  1.00 33.09  ? 22  GLN A O   1 
ATOM   82   C  CB  . GLN A 1 22  ? 5.367   4.949   -12.042 1.00 34.27  ? 22  GLN A CB  1 
ATOM   83   C  CG  . GLN A 1 22  ? 5.587   6.086   -13.030 1.00 57.33  ? 22  GLN A CG  1 
ATOM   84   C  CD  . GLN A 1 22  ? 5.338   7.455   -12.416 1.00 64.52  ? 22  GLN A CD  1 
ATOM   85   O  OE1 . GLN A 1 22  ? 4.200   7.816   -12.111 1.00 64.80  ? 22  GLN A OE1 1 
ATOM   86   N  NE2 . GLN A 1 22  ? 6.406   8.228   -12.239 1.00 64.78  ? 22  GLN A NE2 1 
ATOM   87   N  N   . HIS A 1 23  ? 6.001   2.832   -9.671  1.00 30.30  ? 23  HIS A N   1 
ATOM   88   C  CA  . HIS A 1 23  ? 5.522   2.049   -8.537  1.00 30.95  ? 23  HIS A CA  1 
ATOM   89   C  C   . HIS A 1 23  ? 6.308   2.371   -7.273  1.00 32.70  ? 23  HIS A C   1 
ATOM   90   O  O   . HIS A 1 23  ? 5.741   2.400   -6.175  1.00 32.89  ? 23  HIS A O   1 
ATOM   91   C  CB  . HIS A 1 23  ? 5.593   0.553   -8.843  1.00 25.42  ? 23  HIS A CB  1 
ATOM   92   C  CG  . HIS A 1 23  ? 4.633   -0.264  -8.036  1.00 29.99  ? 23  HIS A CG  1 
ATOM   93   N  ND1 . HIS A 1 23  ? 3.267   -0.128  -8.147  1.00 35.94  ? 23  HIS A ND1 1 
ATOM   94   C  CD2 . HIS A 1 23  ? 4.842   -1.202  -7.083  1.00 32.64  ? 23  HIS A CD2 1 
ATOM   95   C  CE1 . HIS A 1 23  ? 2.674   -0.959  -7.309  1.00 39.69  ? 23  HIS A CE1 1 
ATOM   96   N  NE2 . HIS A 1 23  ? 3.608   -1.622  -6.650  1.00 36.05  ? 23  HIS A NE2 1 
ATOM   97   N  N   . TYR A 1 24  ? 7.616   2.603   -7.408  1.00 25.57  ? 24  TYR A N   1 
ATOM   98   C  CA  . TYR A 1 24  ? 8.412   3.094   -6.287  1.00 30.94  ? 24  TYR A CA  1 
ATOM   99   C  C   . TYR A 1 24  ? 7.841   4.402   -5.755  1.00 33.18  ? 24  TYR A C   1 
ATOM   100  O  O   . TYR A 1 24  ? 7.680   4.582   -4.542  1.00 31.17  ? 24  TYR A O   1 
ATOM   101  C  CB  . TYR A 1 24  ? 9.864   3.271   -6.738  1.00 30.43  ? 24  TYR A CB  1 
ATOM   102  C  CG  . TYR A 1 24  ? 10.831  3.749   -5.674  1.00 35.14  ? 24  TYR A CG  1 
ATOM   103  C  CD1 . TYR A 1 24  ? 11.049  5.106   -5.462  1.00 35.92  ? 24  TYR A CD1 1 
ATOM   104  C  CD2 . TYR A 1 24  ? 11.552  2.843   -4.907  1.00 35.19  ? 24  TYR A CD2 1 
ATOM   105  C  CE1 . TYR A 1 24  ? 11.943  5.546   -4.503  1.00 34.45  ? 24  TYR A CE1 1 
ATOM   106  C  CE2 . TYR A 1 24  ? 12.447  3.275   -3.946  1.00 32.73  ? 24  TYR A CE2 1 
ATOM   107  C  CZ  . TYR A 1 24  ? 12.637  4.626   -3.748  1.00 33.24  ? 24  TYR A CZ  1 
ATOM   108  O  OH  . TYR A 1 24  ? 13.527  5.058   -2.792  1.00 31.97  ? 24  TYR A OH  1 
ATOM   109  N  N   . LYS A 1 25  ? 7.518   5.324   -6.664  1.00 29.08  ? 25  LYS A N   1 
ATOM   110  C  CA  . LYS A 1 25  ? 6.934   6.604   -6.282  1.00 30.30  ? 25  LYS A CA  1 
ATOM   111  C  C   . LYS A 1 25  ? 5.581   6.415   -5.605  1.00 31.79  ? 25  LYS A C   1 
ATOM   112  O  O   . LYS A 1 25  ? 5.276   7.086   -4.611  1.00 32.04  ? 25  LYS A O   1 
ATOM   113  C  CB  . LYS A 1 25  ? 6.812   7.481   -7.530  1.00 33.28  ? 25  LYS A CB  1 
ATOM   114  C  CG  . LYS A 1 25  ? 6.004   8.758   -7.394  1.00 37.32  ? 25  LYS A CG  1 
ATOM   115  C  CD  . LYS A 1 25  ? 5.945   9.455   -8.753  1.00 42.14  ? 25  LYS A CD  1 
ATOM   116  C  CE  . LYS A 1 25  ? 4.945   10.598  -8.784  1.00 36.96  ? 25  LYS A CE  1 
ATOM   117  N  NZ  . LYS A 1 25  ? 5.459   11.807  -8.083  1.00 41.00  ? 25  LYS A NZ  1 
ATOM   118  N  N   . LEU A 1 26  ? 4.764   5.492   -6.119  1.00 30.69  ? 26  LEU A N   1 
ATOM   119  C  CA  . LEU A 1 26  ? 3.450   5.250   -5.531  1.00 32.15  ? 26  LEU A CA  1 
ATOM   120  C  C   . LEU A 1 26  ? 3.568   4.712   -4.110  1.00 32.23  ? 26  LEU A C   1 
ATOM   121  O  O   . LEU A 1 26  ? 2.836   5.144   -3.213  1.00 30.96  ? 26  LEU A O   1 
ATOM   122  C  CB  . LEU A 1 26  ? 2.658   4.280   -6.406  1.00 33.95  ? 26  LEU A CB  1 
ATOM   123  C  CG  . LEU A 1 26  ? 1.290   3.842   -5.883  1.00 39.69  ? 26  LEU A CG  1 
ATOM   124  C  CD1 . LEU A 1 26  ? 0.337   5.026   -5.799  1.00 41.52  ? 26  LEU A CD1 1 
ATOM   125  C  CD2 . LEU A 1 26  ? 0.711   2.747   -6.768  1.00 49.45  ? 26  LEU A CD2 1 
ATOM   126  N  N   . ASN A 1 27  ? 4.487   3.770   -3.884  1.00 27.85  ? 27  ASN A N   1 
ATOM   127  C  CA  . ASN A 1 27  ? 4.628   3.185   -2.554  1.00 31.90  ? 27  ASN A CA  1 
ATOM   128  C  C   . ASN A 1 27  ? 5.132   4.208   -1.543  1.00 33.11  ? 27  ASN A C   1 
ATOM   129  O  O   . ASN A 1 27  ? 4.705   4.202   -0.383  1.00 33.80  ? 27  ASN A O   1 
ATOM   130  C  CB  . ASN A 1 27  ? 5.561   1.976   -2.611  1.00 33.85  ? 27  ASN A CB  1 
ATOM   131  C  CG  . ASN A 1 27  ? 4.829   0.698   -2.971  1.00 37.48  ? 27  ASN A CG  1 
ATOM   132  O  OD1 . ASN A 1 27  ? 4.086   0.146   -2.161  1.00 43.23  ? 27  ASN A OD1 1 
ATOM   133  N  ND2 . ASN A 1 27  ? 5.028   0.225   -4.196  1.00 35.25  ? 27  ASN A ND2 1 
ATOM   134  N  N   . VAL A 1 28  ? 6.038   5.092   -1.961  1.00 29.40  ? 28  VAL A N   1 
ATOM   135  C  CA  . VAL A 1 28  ? 6.522   6.139   -1.064  1.00 30.22  ? 28  VAL A CA  1 
ATOM   136  C  C   . VAL A 1 28  ? 5.384   7.082   -0.697  1.00 32.85  ? 28  VAL A C   1 
ATOM   137  O  O   . VAL A 1 28  ? 5.155   7.385   0.480   1.00 28.11  ? 28  VAL A O   1 
ATOM   138  C  CB  . VAL A 1 28  ? 7.695   6.897   -1.708  1.00 28.71  ? 28  VAL A CB  1 
ATOM   139  C  CG1 . VAL A 1 28  ? 7.986   8.175   -0.938  1.00 26.12  ? 28  VAL A CG1 1 
ATOM   140  C  CG2 . VAL A 1 28  ? 8.927   6.012   -1.767  1.00 30.00  ? 28  VAL A CG2 1 
ATOM   141  N  N   . GLU A 1 29  ? 4.643   7.547   -1.703  1.00 32.09  ? 29  GLU A N   1 
ATOM   142  C  CA  . GLU A 1 29  ? 3.588   8.521   -1.453  1.00 32.42  ? 29  GLU A CA  1 
ATOM   143  C  C   . GLU A 1 29  ? 2.434   7.899   -0.674  1.00 34.10  ? 29  GLU A C   1 
ATOM   144  O  O   . GLU A 1 29  ? 1.893   8.527   0.244   1.00 30.90  ? 29  GLU A O   1 
ATOM   145  C  CB  . GLU A 1 29  ? 3.117   9.117   -2.780  1.00 31.60  ? 29  GLU A CB  1 
ATOM   146  C  CG  . GLU A 1 29  ? 4.132   10.097  -3.357  1.00 33.74  ? 29  GLU A CG  1 
ATOM   147  C  CD  . GLU A 1 29  ? 3.835   10.517  -4.784  1.00 42.23  ? 29  GLU A CD  1 
ATOM   148  O  OE1 . GLU A 1 29  ? 4.640   11.292  -5.344  1.00 38.08  ? 29  GLU A OE1 1 
ATOM   149  O  OE2 . GLU A 1 29  ? 2.813   10.072  -5.348  1.00 39.30  ? 29  GLU A OE2 1 
ATOM   150  N  N   . LEU A 1 30  ? 2.054   6.663   -1.011  1.00 30.78  ? 30  LEU A N   1 
ATOM   151  C  CA  . LEU A 1 30  ? 1.053   5.960   -0.214  1.00 32.52  ? 30  LEU A CA  1 
ATOM   152  C  C   . LEU A 1 30  ? 1.515   5.789   1.227   1.00 34.70  ? 30  LEU A C   1 
ATOM   153  O  O   . LEU A 1 30  ? 0.730   5.970   2.166   1.00 35.49  ? 30  LEU A O   1 
ATOM   154  C  CB  . LEU A 1 30  ? 0.739   4.597   -0.830  1.00 35.01  ? 30  LEU A CB  1 
ATOM   155  C  CG  . LEU A 1 30  ? -0.509  4.488   -1.705  1.00 46.42  ? 30  LEU A CG  1 
ATOM   156  C  CD1 . LEU A 1 30  ? -0.898  3.029   -1.890  1.00 46.44  ? 30  LEU A CD1 1 
ATOM   157  C  CD2 . LEU A 1 30  ? -1.652  5.277   -1.089  1.00 42.92  ? 30  LEU A CD2 1 
ATOM   158  N  N   . GLY A 1 31  ? 2.790   5.440   1.421   1.00 29.02  ? 31  GLY A N   1 
ATOM   159  C  CA  . GLY A 1 31  ? 3.302   5.263   2.771   1.00 27.91  ? 31  GLY A CA  1 
ATOM   160  C  C   . GLY A 1 31  ? 3.214   6.528   3.601   1.00 32.02  ? 31  GLY A C   1 
ATOM   161  O  O   . GLY A 1 31  ? 2.899   6.480   4.793   1.00 29.04  ? 31  GLY A O   1 
ATOM   162  N  N   . LEU A 1 32  ? 3.478   7.680   2.981   1.00 25.85  ? 32  LEU A N   1 
ATOM   163  C  CA  . LEU A 1 32  ? 3.395   8.942   3.708   1.00 26.13  ? 32  LEU A CA  1 
ATOM   164  C  C   . LEU A 1 32  ? 1.949   9.304   4.029   1.00 26.16  ? 32  LEU A C   1 
ATOM   165  O  O   . LEU A 1 32  ? 1.670   9.893   5.080   1.00 32.55  ? 32  LEU A O   1 
ATOM   166  C  CB  . LEU A 1 32  ? 4.069   10.055  2.905   1.00 26.13  ? 32  LEU A CB  1 
ATOM   167  C  CG  . LEU A 1 32  ? 5.579   9.871   2.743   1.00 28.96  ? 32  LEU A CG  1 
ATOM   168  C  CD1 . LEU A 1 32  ? 6.153   10.851  1.725   1.00 28.39  ? 32  LEU A CD1 1 
ATOM   169  C  CD2 . LEU A 1 32  ? 6.262   10.024  4.093   1.00 25.19  ? 32  LEU A CD2 1 
ATOM   170  N  N   . VAL A 1 33  ? 1.017   8.961   3.138   1.00 30.55  ? 33  VAL A N   1 
ATOM   171  C  CA  . VAL A 1 33  ? -0.394  9.217   3.412   1.00 29.36  ? 33  VAL A CA  1 
ATOM   172  C  C   . VAL A 1 33  ? -0.887  8.326   4.547   1.00 28.45  ? 33  VAL A C   1 
ATOM   173  O  O   . VAL A 1 33  ? -1.599  8.784   5.450   1.00 30.85  ? 33  VAL A O   1 
ATOM   174  C  CB  . VAL A 1 33  ? -1.232  9.025   2.134   1.00 34.52  ? 33  VAL A CB  1 
ATOM   175  C  CG1 . VAL A 1 33  ? -2.716  9.053   2.460   1.00 33.22  ? 33  VAL A CG1 1 
ATOM   176  C  CG2 . VAL A 1 33  ? -0.890  10.093  1.112   1.00 36.06  ? 33  VAL A CG2 1 
ATOM   177  N  N   . TYR A 1 34  ? -0.517  7.042   4.520   1.00 26.50  ? 34  TYR A N   1 
ATOM   178  C  CA  . TYR A 1 34  ? -0.959  6.118   5.561   1.00 31.07  ? 34  TYR A CA  1 
ATOM   179  C  C   . TYR A 1 34  ? -0.429  6.531   6.929   1.00 28.14  ? 34  TYR A C   1 
ATOM   180  O  O   . TYR A 1 34  ? -1.133  6.404   7.938   1.00 30.42  ? 34  TYR A O   1 
ATOM   181  C  CB  . TYR A 1 34  ? -0.515  4.694   5.228   1.00 26.44  ? 34  TYR A CB  1 
ATOM   182  C  CG  . TYR A 1 34  ? -1.267  4.055   4.082   1.00 32.30  ? 34  TYR A CG  1 
ATOM   183  C  CD1 . TYR A 1 34  ? -2.372  4.677   3.512   1.00 32.23  ? 34  TYR A CD1 1 
ATOM   184  C  CD2 . TYR A 1 34  ? -0.874  2.826   3.572   1.00 24.92  ? 34  TYR A CD2 1 
ATOM   185  C  CE1 . TYR A 1 34  ? -3.059  4.092   2.463   1.00 28.86  ? 34  TYR A CE1 1 
ATOM   186  C  CE2 . TYR A 1 34  ? -1.551  2.235   2.526   1.00 27.81  ? 34  TYR A CE2 1 
ATOM   187  C  CZ  . TYR A 1 34  ? -2.643  2.870   1.975   1.00 34.88  ? 34  TYR A CZ  1 
ATOM   188  O  OH  . TYR A 1 34  ? -3.318  2.277   0.934   1.00 35.90  ? 34  TYR A OH  1 
ATOM   189  N  N   . ALA A 1 35  ? 0.811   7.024   6.982   1.00 28.79  ? 35  ALA A N   1 
ATOM   190  C  CA  . ALA A 1 35  ? 1.360   7.507   8.246   1.00 31.66  ? 35  ALA A CA  1 
ATOM   191  C  C   . ALA A 1 35  ? 0.501   8.625   8.820   1.00 28.28  ? 35  ALA A C   1 
ATOM   192  O  O   . ALA A 1 35  ? 0.268   8.681   10.034  1.00 32.06  ? 35  ALA A O   1 
ATOM   193  C  CB  . ALA A 1 35  ? 2.801   7.979   8.050   1.00 25.56  ? 35  ALA A CB  1 
ATOM   194  N  N   . HIS A 1 36  ? 0.017   9.520   7.959   1.00 31.67  ? 36  HIS A N   1 
ATOM   195  C  CA  . HIS A 1 36  ? -0.906  10.561  8.400   1.00 31.06  ? 36  HIS A CA  1 
ATOM   196  C  C   . HIS A 1 36  ? -2.236  9.961   8.840   1.00 28.26  ? 36  HIS A C   1 
ATOM   197  O  O   . HIS A 1 36  ? -2.763  10.308  9.904   1.00 34.15  ? 36  HIS A O   1 
ATOM   198  C  CB  . HIS A 1 36  ? -1.117  11.576  7.276   1.00 30.82  ? 36  HIS A CB  1 
ATOM   199  C  CG  . HIS A 1 36  ? -1.587  12.915  7.748   1.00 31.10  ? 36  HIS A CG  1 
ATOM   200  N  ND1 . HIS A 1 36  ? -2.875  13.140  8.183   1.00 45.07  ? 36  HIS A ND1 1 
ATOM   201  C  CD2 . HIS A 1 36  ? -0.945  14.102  7.846   1.00 33.00  ? 36  HIS A CD2 1 
ATOM   202  C  CE1 . HIS A 1 36  ? -3.003  14.406  8.535   1.00 38.75  ? 36  HIS A CE1 1 
ATOM   203  N  NE2 . HIS A 1 36  ? -1.847  15.013  8.337   1.00 44.17  ? 36  HIS A NE2 1 
ATOM   204  N  N   . TYR A 1 37  ? -2.793  9.057   8.028   1.00 25.56  ? 37  TYR A N   1 
ATOM   205  C  CA  . TYR A 1 37  ? -4.051  8.402   8.378   1.00 30.59  ? 37  TYR A CA  1 
ATOM   206  C  C   . TYR A 1 37  ? -3.944  7.661   9.706   1.00 30.54  ? 37  TYR A C   1 
ATOM   207  O  O   . TYR A 1 37  ? -4.889  7.667   10.504  1.00 31.22  ? 37  TYR A O   1 
ATOM   208  C  CB  . TYR A 1 37  ? -4.466  7.431   7.272   1.00 30.09  ? 37  TYR A CB  1 
ATOM   209  C  CG  . TYR A 1 37  ? -5.014  8.075   6.017   1.00 39.14  ? 37  TYR A CG  1 
ATOM   210  C  CD1 . TYR A 1 37  ? -5.133  9.455   5.905   1.00 33.11  ? 37  TYR A CD1 1 
ATOM   211  C  CD2 . TYR A 1 37  ? -5.414  7.294   4.939   1.00 31.92  ? 37  TYR A CD2 1 
ATOM   212  C  CE1 . TYR A 1 37  ? -5.635  10.037  4.753   1.00 38.19  ? 37  TYR A CE1 1 
ATOM   213  C  CE2 . TYR A 1 37  ? -5.918  7.865   3.788   1.00 38.62  ? 37  TYR A CE2 1 
ATOM   214  C  CZ  . TYR A 1 37  ? -6.028  9.235   3.699   1.00 37.32  ? 37  TYR A CZ  1 
ATOM   215  O  OH  . TYR A 1 37  ? -6.528  9.802   2.549   1.00 41.12  ? 37  TYR A OH  1 
ATOM   216  N  N   . ALA A 1 38  ? -2.806  7.006   9.955   1.00 32.21  ? 38  ALA A N   1 
ATOM   217  C  CA  . ALA A 1 38  ? -2.616  6.303   11.220  1.00 31.05  ? 38  ALA A CA  1 
ATOM   218  C  C   . ALA A 1 38  ? -2.636  7.271   12.394  1.00 34.61  ? 38  ALA A C   1 
ATOM   219  O  O   . ALA A 1 38  ? -3.248  6.990   13.433  1.00 28.96  ? 38  ALA A O   1 
ATOM   220  C  CB  . ALA A 1 38  ? -1.303  5.522   11.197  1.00 25.46  ? 38  ALA A CB  1 
ATOM   221  N  N   . HIS A 1 39  ? -1.965  8.416   12.246  1.00 30.14  ? 39  HIS A N   1 
ATOM   222  C  CA  . HIS A 1 39  ? -1.995  9.445   13.280  1.00 28.99  ? 39  HIS A CA  1 
ATOM   223  C  C   . HIS A 1 39  ? -3.420  9.916   13.543  1.00 35.24  ? 39  HIS A C   1 
ATOM   224  O  O   . HIS A 1 39  ? -3.819  10.103  14.699  1.00 31.73  ? 39  HIS A O   1 
ATOM   225  C  CB  . HIS A 1 39  ? -1.103  10.616  12.859  1.00 30.43  ? 39  HIS A CB  1 
ATOM   226  C  CG  . HIS A 1 39  ? -1.191  11.807  13.763  1.00 38.97  ? 39  HIS A CG  1 
ATOM   227  N  ND1 . HIS A 1 39  ? -0.356  11.984  14.845  1.00 41.87  ? 39  HIS A ND1 1 
ATOM   228  C  CD2 . HIS A 1 39  ? -2.008  12.887  13.738  1.00 40.60  ? 39  HIS A CD2 1 
ATOM   229  C  CE1 . HIS A 1 39  ? -0.656  13.120  15.449  1.00 37.07  ? 39  HIS A CE1 1 
ATOM   230  N  NE2 . HIS A 1 39  ? -1.657  13.686  14.800  1.00 35.47  ? 39  HIS A NE2 1 
ATOM   231  N  N   . VAL A 1 40  ? -4.208  10.095  12.482  1.00 32.06  ? 40  VAL A N   1 
ATOM   232  C  CA  . VAL A 1 40  ? -5.564  10.612  12.631  1.00 30.27  ? 40  VAL A CA  1 
ATOM   233  C  C   . VAL A 1 40  ? -6.476  9.561   13.254  1.00 37.07  ? 40  VAL A C   1 
ATOM   234  O  O   . VAL A 1 40  ? -7.340  9.882   14.081  1.00 38.75  ? 40  VAL A O   1 
ATOM   235  C  CB  . VAL A 1 40  ? -6.091  11.094  11.267  1.00 30.11  ? 40  VAL A CB  1 
ATOM   236  C  CG1 . VAL A 1 40  ? -7.604  11.221  11.285  1.00 38.32  ? 40  VAL A CG1 1 
ATOM   237  C  CG2 . VAL A 1 40  ? -5.440  12.419  10.891  1.00 34.67  ? 40  VAL A CG2 1 
ATOM   238  N  N   . ALA A 1 41  ? -6.304  8.292   12.870  1.00 32.04  ? 41  ALA A N   1 
ATOM   239  C  CA  . ALA A 1 41  ? -7.109  7.225   13.456  1.00 32.43  ? 41  ALA A CA  1 
ATOM   240  C  C   . ALA A 1 41  ? -6.963  7.196   14.973  1.00 36.63  ? 41  ALA A C   1 
ATOM   241  O  O   . ALA A 1 41  ? -7.954  7.039   15.699  1.00 32.81  ? 41  ALA A O   1 
ATOM   242  C  CB  . ALA A 1 41  ? -6.711  5.878   12.854  1.00 28.14  ? 41  ALA A CB  1 
ATOM   243  N  N   . ASP A 1 42  ? -5.737  7.360   15.468  1.00 33.86  ? 42  ASP A N   1 
ATOM   244  C  CA  . ASP A 1 42  ? -5.508  7.384   16.908  1.00 39.22  ? 42  ASP A CA  1 
ATOM   245  C  C   . ASP A 1 42  ? -6.007  8.689   17.519  1.00 40.59  ? 42  ASP A C   1 
ATOM   246  O  O   . ASP A 1 42  ? -6.827  8.684   18.445  1.00 43.74  ? 42  ASP A O   1 
ATOM   247  C  CB  . ASP A 1 42  ? -4.018  7.180   17.199  1.00 38.64  ? 42  ASP A CB  1 
ATOM   248  C  CG  . ASP A 1 42  ? -3.724  7.006   18.681  1.00 46.14  ? 42  ASP A CG  1 
ATOM   249  O  OD1 . ASP A 1 42  ? -4.674  6.986   19.494  1.00 47.15  ? 42  ASP A OD1 1 
ATOM   250  O  OD2 . ASP A 1 42  ? -2.532  6.886   19.034  1.00 46.76  ? 42  ASP A OD2 1 
ATOM   251  N  N   . ASP A 1 43  ? -5.532  9.822   16.999  1.00 37.30  ? 43  ASP A N   1 
ATOM   252  C  CA  . ASP A 1 43  ? -5.739  11.091  17.687  1.00 39.07  ? 43  ASP A CA  1 
ATOM   253  C  C   . ASP A 1 43  ? -7.172  11.596  17.550  1.00 49.73  ? 43  ASP A C   1 
ATOM   254  O  O   . ASP A 1 43  ? -7.810  11.939  18.551  1.00 56.70  ? 43  ASP A O   1 
ATOM   255  C  CB  . ASP A 1 43  ? -4.751  12.136  17.167  1.00 45.67  ? 43  ASP A CB  1 
ATOM   256  C  CG  . ASP A 1 43  ? -4.781  13.415  17.980  1.00 50.60  ? 43  ASP A CG  1 
ATOM   257  O  OD1 . ASP A 1 43  ? -4.552  13.347  19.207  1.00 48.21  ? 43  ASP A OD1 1 
ATOM   258  O  OD2 . ASP A 1 43  ? -5.036  14.486  17.392  1.00 54.63  ? 43  ASP A OD2 1 
ATOM   259  N  N   . GLU A 1 44  ? -7.695  11.658  16.324  1.00 44.37  ? 44  GLU A N   1 
ATOM   260  C  CA  . GLU A 1 44  ? -9.024  12.236  16.143  1.00 38.46  ? 44  GLU A CA  1 
ATOM   261  C  C   . GLU A 1 44  ? -10.141 11.223  16.361  1.00 39.20  ? 44  GLU A C   1 
ATOM   262  O  O   . GLU A 1 44  ? -11.223 11.599  16.823  1.00 45.00  ? 44  GLU A O   1 
ATOM   263  C  CB  . GLU A 1 44  ? -9.162  12.853  14.750  1.00 44.54  ? 44  GLU A CB  1 
ATOM   264  C  CG  . GLU A 1 44  ? -10.259 13.912  14.679  1.00 54.23  ? 44  GLU A CG  1 
ATOM   265  C  CD  . GLU A 1 44  ? -10.796 14.127  13.277  1.00 69.16  ? 44  GLU A CD  1 
ATOM   266  O  OE1 . GLU A 1 44  ? -10.025 13.971  12.307  1.00 68.18  ? 44  GLU A OE1 1 
ATOM   267  O  OE2 . GLU A 1 44  ? -11.996 14.454  13.146  1.00 75.73  ? 44  GLU A OE2 1 
ATOM   268  N  N   . PHE A 1 45  ? -9.912  9.950   16.044  1.00 37.02  ? 45  PHE A N   1 
ATOM   269  C  CA  . PHE A 1 45  ? -10.985 8.968   16.046  1.00 38.74  ? 45  PHE A CA  1 
ATOM   270  C  C   . PHE A 1 45  ? -10.940 8.003   17.222  1.00 39.40  ? 45  PHE A C   1 
ATOM   271  O  O   . PHE A 1 45  ? -11.826 7.149   17.328  1.00 37.57  ? 45  PHE A O   1 
ATOM   272  C  CB  . PHE A 1 45  ? -10.974 8.177   14.729  1.00 39.85  ? 45  PHE A CB  1 
ATOM   273  C  CG  . PHE A 1 45  ? -11.250 9.027   13.515  1.00 41.93  ? 45  PHE A CG  1 
ATOM   274  C  CD1 . PHE A 1 45  ? -12.080 10.134  13.607  1.00 38.92  ? 45  PHE A CD1 1 
ATOM   275  C  CD2 . PHE A 1 45  ? -10.675 8.728   12.291  1.00 39.63  ? 45  PHE A CD2 1 
ATOM   276  C  CE1 . PHE A 1 45  ? -12.334 10.925  12.499  1.00 40.58  ? 45  PHE A CE1 1 
ATOM   277  C  CE2 . PHE A 1 45  ? -10.926 9.516   11.178  1.00 39.50  ? 45  PHE A CE2 1 
ATOM   278  C  CZ  . PHE A 1 45  ? -11.755 10.616  11.284  1.00 44.75  ? 45  PHE A CZ  1 
ATOM   279  N  N   . ASP A 1 46  ? -9.942  8.113   18.104  1.00 36.35  ? 46  ASP A N   1 
ATOM   280  C  CA  . ASP A 1 46  ? -9.860  7.314   19.328  1.00 39.57  ? 46  ASP A CA  1 
ATOM   281  C  C   . ASP A 1 46  ? -9.746  5.820   19.045  1.00 39.75  ? 46  ASP A C   1 
ATOM   282  O  O   . ASP A 1 46  ? -10.244 5.001   19.819  1.00 42.36  ? 46  ASP A O   1 
ATOM   283  C  CB  . ASP A 1 46  ? -11.058 7.579   20.244  1.00 41.34  ? 46  ASP A CB  1 
ATOM   284  C  CG  . ASP A 1 46  ? -11.339 9.050   20.411  1.00 55.05  ? 46  ASP A CG  1 
ATOM   285  O  OD1 . ASP A 1 46  ? -10.454 9.857   20.063  1.00 63.39  ? 46  ASP A OD1 1 
ATOM   286  O  OD2 . ASP A 1 46  ? -12.444 9.404   20.873  1.00 64.45  ? 46  ASP A OD2 1 
ATOM   287  N  N   . MET A 1 47  ? -9.091  5.443   17.949  1.00 36.97  ? 47  MET A N   1 
ATOM   288  C  CA  . MET A 1 47  ? -8.922  4.039   17.578  1.00 36.04  ? 47  MET A CA  1 
ATOM   289  C  C   . MET A 1 47  ? -7.439  3.733   17.415  1.00 33.85  ? 47  MET A C   1 
ATOM   290  O  O   . MET A 1 47  ? -6.948  3.548   16.290  1.00 41.02  ? 47  MET A O   1 
ATOM   291  C  CB  . MET A 1 47  ? -9.706  3.710   16.311  1.00 35.95  ? 47  MET A CB  1 
ATOM   292  C  CG  . MET A 1 47  ? -11.197 3.978   16.455  1.00 35.14  ? 47  MET A CG  1 
ATOM   293  S  SD  . MET A 1 47  ? -12.199 3.336   15.106  1.00 40.01  ? 47  MET A SD  1 
ATOM   294  C  CE  . MET A 1 47  ? -12.097 1.568   15.388  1.00 35.65  ? 47  MET A CE  1 
ATOM   295  N  N   . PRO A 1 48  ? -6.693  3.657   18.522  1.00 37.93  ? 48  PRO A N   1 
ATOM   296  C  CA  . PRO A 1 48  ? -5.239  3.459   18.417  1.00 34.95  ? 48  PRO A CA  1 
ATOM   297  C  C   . PRO A 1 48  ? -4.840  2.152   17.756  1.00 35.88  ? 48  PRO A C   1 
ATOM   298  O  O   . PRO A 1 48  ? -3.754  2.076   17.170  1.00 40.22  ? 48  PRO A O   1 
ATOM   299  C  CB  . PRO A 1 48  ? -4.772  3.515   19.880  1.00 37.81  ? 48  PRO A CB  1 
ATOM   300  C  CG  . PRO A 1 48  ? -6.003  3.245   20.693  1.00 34.85  ? 48  PRO A CG  1 
ATOM   301  C  CD  . PRO A 1 48  ? -7.126  3.845   19.917  1.00 34.50  ? 48  PRO A CD  1 
ATOM   302  N  N   . TYR A 1 49  ? -5.675  1.116   17.833  1.00 37.41  ? 49  TYR A N   1 
ATOM   303  C  CA  . TYR A 1 49  ? -5.328  -0.136  17.174  1.00 32.95  ? 49  TYR A CA  1 
ATOM   304  C  C   . TYR A 1 49  ? -5.592  -0.065  15.677  1.00 35.67  ? 49  TYR A C   1 
ATOM   305  O  O   . TYR A 1 49  ? -4.843  -0.647  14.884  1.00 34.79  ? 49  TYR A O   1 
ATOM   306  C  CB  . TYR A 1 49  ? -6.083  -1.298  17.816  1.00 38.19  ? 49  TYR A CB  1 
ATOM   307  C  CG  . TYR A 1 49  ? -5.502  -1.666  19.158  1.00 46.24  ? 49  TYR A CG  1 
ATOM   308  C  CD1 . TYR A 1 49  ? -4.316  -2.384  19.245  1.00 43.05  ? 49  TYR A CD1 1 
ATOM   309  C  CD2 . TYR A 1 49  ? -6.121  -1.275  20.337  1.00 44.49  ? 49  TYR A CD2 1 
ATOM   310  C  CE1 . TYR A 1 49  ? -3.770  -2.711  20.466  1.00 49.09  ? 49  TYR A CE1 1 
ATOM   311  C  CE2 . TYR A 1 49  ? -5.581  -1.599  21.566  1.00 50.19  ? 49  TYR A CE2 1 
ATOM   312  C  CZ  . TYR A 1 49  ? -4.405  -2.316  21.624  1.00 51.81  ? 49  TYR A CZ  1 
ATOM   313  O  OH  . TYR A 1 49  ? -3.865  -2.644  22.843  1.00 60.80  ? 49  TYR A OH  1 
ATOM   314  N  N   . LEU A 1 50  ? -6.646  0.645   15.269  1.00 28.20  ? 50  LEU A N   1 
ATOM   315  C  CA  . LEU A 1 50  ? -6.787  0.992   13.860  1.00 32.05  ? 50  LEU A CA  1 
ATOM   316  C  C   . LEU A 1 50  ? -5.579  1.785   13.382  1.00 34.06  ? 50  LEU A C   1 
ATOM   317  O  O   . LEU A 1 50  ? -5.079  1.565   12.271  1.00 30.67  ? 50  LEU A O   1 
ATOM   318  C  CB  . LEU A 1 50  ? -8.074  1.786   13.636  1.00 31.67  ? 50  LEU A CB  1 
ATOM   319  C  CG  . LEU A 1 50  ? -8.347  2.238   12.198  1.00 36.45  ? 50  LEU A CG  1 
ATOM   320  C  CD1 . LEU A 1 50  ? -8.484  1.038   11.270  1.00 30.45  ? 50  LEU A CD1 1 
ATOM   321  C  CD2 . LEU A 1 50  ? -9.583  3.121   12.124  1.00 29.03  ? 50  LEU A CD2 1 
ATOM   322  N  N   . GLY A 1 51  ? -5.085  2.702   14.217  1.00 34.04  ? 51  GLY A N   1 
ATOM   323  C  CA  . GLY A 1 51  ? -3.896  3.458   13.858  1.00 29.23  ? 51  GLY A CA  1 
ATOM   324  C  C   . GLY A 1 51  ? -2.676  2.573   13.687  1.00 37.02  ? 51  GLY A C   1 
ATOM   325  O  O   . GLY A 1 51  ? -1.919  2.716   12.723  1.00 36.20  ? 51  GLY A O   1 
ATOM   326  N  N   . LYS A 1 52  ? -2.467  1.643   14.623  1.00 32.90  ? 52  LYS A N   1 
ATOM   327  C  CA  . LYS A 1 52  ? -1.331  0.737   14.498  1.00 32.43  ? 52  LYS A CA  1 
ATOM   328  C  C   . LYS A 1 52  ? -1.460  -0.161  13.275  1.00 31.73  ? 52  LYS A C   1 
ATOM   329  O  O   . LYS A 1 52  ? -0.449  -0.485  12.640  1.00 32.31  ? 52  LYS A O   1 
ATOM   330  C  CB  . LYS A 1 52  ? -1.169  -0.102  15.766  1.00 36.07  ? 52  LYS A CB  1 
ATOM   331  C  CG  . LYS A 1 52  ? -0.892  0.727   17.009  1.00 52.05  ? 52  LYS A CG  1 
ATOM   332  C  CD  . LYS A 1 52  ? -0.123  -0.062  18.054  1.00 58.53  ? 52  LYS A CD  1 
ATOM   333  C  CE  . LYS A 1 52  ? -1.001  -0.377  19.251  1.00 64.43  ? 52  LYS A CE  1 
ATOM   334  N  NZ  . LYS A 1 52  ? -0.654  0.466   20.428  1.00 72.42  ? 52  LYS A NZ  1 
ATOM   335  N  N   . PHE A 1 53  ? -2.682  -0.565  12.920  1.00 29.99  ? 53  PHE A N   1 
ATOM   336  C  CA  . PHE A 1 53  ? -2.863  -1.330  11.690  1.00 33.65  ? 53  PHE A CA  1 
ATOM   337  C  C   . PHE A 1 53  ? -2.437  -0.515  10.477  1.00 32.00  ? 53  PHE A C   1 
ATOM   338  O  O   . PHE A 1 53  ? -1.698  -1.004  9.614   1.00 36.16  ? 53  PHE A O   1 
ATOM   339  C  CB  . PHE A 1 53  ? -4.318  -1.777  11.536  1.00 30.24  ? 53  PHE A CB  1 
ATOM   340  C  CG  . PHE A 1 53  ? -4.599  -2.432  10.211  1.00 34.24  ? 53  PHE A CG  1 
ATOM   341  C  CD1 . PHE A 1 53  ? -4.234  -3.748  9.986   1.00 31.81  ? 53  PHE A CD1 1 
ATOM   342  C  CD2 . PHE A 1 53  ? -5.198  -1.722  9.180   1.00 41.87  ? 53  PHE A CD2 1 
ATOM   343  C  CE1 . PHE A 1 53  ? -4.476  -4.351  8.765   1.00 43.05  ? 53  PHE A CE1 1 
ATOM   344  C  CE2 . PHE A 1 53  ? -5.440  -2.319  7.956   1.00 42.21  ? 53  PHE A CE2 1 
ATOM   345  C  CZ  . PHE A 1 53  ? -5.079  -3.635  7.748   1.00 41.43  ? 53  PHE A CZ  1 
ATOM   346  N  N   . ILE A 1 54  ? -2.901  0.733   10.392  1.00 32.21  ? 54  ILE A N   1 
ATOM   347  C  CA  . ILE A 1 54  ? -2.564  1.576   9.251   1.00 29.52  ? 54  ILE A CA  1 
ATOM   348  C  C   . ILE A 1 54  ? -1.085  1.942   9.274   1.00 28.86  ? 54  ILE A C   1 
ATOM   349  O  O   . ILE A 1 54  ? -0.437  2.036   8.224   1.00 33.86  ? 54  ILE A O   1 
ATOM   350  C  CB  . ILE A 1 54  ? -3.469  2.822   9.231   1.00 28.22  ? 54  ILE A CB  1 
ATOM   351  C  CG1 . ILE A 1 54  ? -4.930  2.408   9.036   1.00 24.16  ? 54  ILE A CG1 1 
ATOM   352  C  CG2 . ILE A 1 54  ? -3.046  3.785   8.131   1.00 31.49  ? 54  ILE A CG2 1 
ATOM   353  C  CD1 . ILE A 1 54  ? -5.903  3.563   9.077   1.00 27.60  ? 54  ILE A CD1 1 
ATOM   354  N  N   . GLN A 1 55  ? -0.520  2.128   10.471  1.00 30.40  ? 55  GLN A N   1 
ATOM   355  C  CA  . GLN A 1 55  ? 0.902   2.443   10.575  1.00 30.52  ? 55  GLN A CA  1 
ATOM   356  C  C   . GLN A 1 55  ? 1.763   1.296   10.061  1.00 35.60  ? 55  GLN A C   1 
ATOM   357  O  O   . GLN A 1 55  ? 2.812   1.525   9.447   1.00 33.47  ? 55  GLN A O   1 
ATOM   358  C  CB  . GLN A 1 55  ? 1.259   2.782   12.024  1.00 33.75  ? 55  GLN A CB  1 
ATOM   359  C  CG  . GLN A 1 55  ? 2.726   3.124   12.253  1.00 36.42  ? 55  GLN A CG  1 
ATOM   360  C  CD  . GLN A 1 55  ? 3.192   4.322   11.443  1.00 52.36  ? 55  GLN A CD  1 
ATOM   361  O  OE1 . GLN A 1 55  ? 2.459   5.296   11.274  1.00 54.83  ? 55  GLN A OE1 1 
ATOM   362  N  NE2 . GLN A 1 55  ? 4.422   4.257   10.944  1.00 53.60  ? 55  GLN A NE2 1 
ATOM   363  N  N   . HIS A 1 56  ? 1.343   0.052   10.305  1.00 34.92  ? 56  HIS A N   1 
ATOM   364  C  CA  A HIS A 1 56  ? 2.088   -1.094  9.790   0.46 39.93  ? 56  HIS A CA  1 
ATOM   365  C  CA  B HIS A 1 56  ? 2.099   -1.084  9.790   0.54 39.54  ? 56  HIS A CA  1 
ATOM   366  C  C   . HIS A 1 56  ? 2.041   -1.137  8.268   1.00 34.42  ? 56  HIS A C   1 
ATOM   367  O  O   . HIS A 1 56  ? 3.020   -1.526  7.620   1.00 34.40  ? 56  HIS A O   1 
ATOM   368  C  CB  A HIS A 1 56  ? 1.537   -2.392  10.382  0.46 41.21  ? 56  HIS A CB  1 
ATOM   369  C  CB  B HIS A 1 56  ? 1.582   -2.383  10.407  0.54 40.87  ? 56  HIS A CB  1 
ATOM   370  C  CG  A HIS A 1 56  ? 2.361   -3.601  10.063  0.46 45.85  ? 56  HIS A CG  1 
ATOM   371  C  CG  B HIS A 1 56  ? 2.135   -2.659  11.771  0.54 42.83  ? 56  HIS A CG  1 
ATOM   372  N  ND1 A HIS A 1 56  ? 1.915   -4.609  9.234   0.46 49.12  ? 56  HIS A ND1 1 
ATOM   373  N  ND1 B HIS A 1 56  ? 2.765   -3.841  12.095  0.54 54.47  ? 56  HIS A ND1 1 
ATOM   374  C  CD2 A HIS A 1 56  ? 3.603   -3.967  10.462  0.46 47.62  ? 56  HIS A CD2 1 
ATOM   375  C  CD2 B HIS A 1 56  ? 2.161   -1.901  12.892  0.54 40.66  ? 56  HIS A CD2 1 
ATOM   376  C  CE1 A HIS A 1 56  ? 2.845   -5.541  9.136   0.46 43.30  ? 56  HIS A CE1 1 
ATOM   377  C  CE1 B HIS A 1 56  ? 3.150   -3.801  13.359  0.54 56.39  ? 56  HIS A CE1 1 
ATOM   378  N  NE2 A HIS A 1 56  ? 3.880   -5.176  9.871   0.46 45.88  ? 56  HIS A NE2 1 
ATOM   379  N  NE2 B HIS A 1 56  ? 2.794   -2.635  13.866  0.54 46.10  ? 56  HIS A NE2 1 
ATOM   380  N  N   . LEU A 1 57  ? 0.907   -0.747  7.682   1.00 34.63  ? 57  LEU A N   1 
ATOM   381  C  CA  . LEU A 1 57  ? 0.832   -0.635  6.229   1.00 30.72  ? 57  LEU A CA  1 
ATOM   382  C  C   . LEU A 1 57  ? 1.770   0.450   5.723   1.00 32.26  ? 57  LEU A C   1 
ATOM   383  O  O   . LEU A 1 57  ? 2.417   0.291   4.682   1.00 34.59  ? 57  LEU A O   1 
ATOM   384  C  CB  . LEU A 1 57  ? -0.602  -0.335  5.797   1.00 37.06  ? 57  LEU A CB  1 
ATOM   385  C  CG  . LEU A 1 57  ? -1.482  -1.494  5.338   1.00 46.44  ? 57  LEU A CG  1 
ATOM   386  C  CD1 . LEU A 1 57  ? -2.859  -0.966  4.983   1.00 44.13  ? 57  LEU A CD1 1 
ATOM   387  C  CD2 . LEU A 1 57  ? -0.856  -2.208  4.153   1.00 42.59  ? 57  LEU A CD2 1 
ATOM   388  N  N   . SER A 1 58  ? 1.856   1.561   6.458   1.00 34.90  ? 58  SER A N   1 
ATOM   389  C  CA  . SER A 1 58  ? 2.748   2.652   6.079   1.00 30.29  ? 58  SER A CA  1 
ATOM   390  C  C   . SER A 1 58  ? 4.199   2.190   6.041   1.00 33.19  ? 58  SER A C   1 
ATOM   391  O  O   . SER A 1 58  ? 4.908   2.413   5.053   1.00 33.64  ? 58  SER A O   1 
ATOM   392  C  CB  . SER A 1 58  ? 2.575   3.819   7.053   1.00 28.76  ? 58  SER A CB  1 
ATOM   393  O  OG  . SER A 1 58  ? 3.534   4.833   6.817   1.00 32.33  ? 58  SER A OG  1 
ATOM   394  N  N   . GLU A 1 59  ? 4.661   1.543   7.115   1.00 32.02  ? 59  GLU A N   1 
ATOM   395  C  CA  . GLU A 1 59  ? 6.030   1.037   7.141   1.00 38.84  ? 59  GLU A CA  1 
ATOM   396  C  C   . GLU A 1 59  ? 6.248   -0.036  6.084   1.00 32.41  ? 59  GLU A C   1 
ATOM   397  O  O   . GLU A 1 59  ? 7.370   -0.207  5.592   1.00 36.87  ? 59  GLU A O   1 
ATOM   398  C  CB  . GLU A 1 59  ? 6.360   0.490   8.530   1.00 36.24  ? 59  GLU A CB  1 
ATOM   399  C  CG  . GLU A 1 59  ? 6.603   1.569   9.574   1.00 45.77  ? 59  GLU A CG  1 
ATOM   400  C  CD  . GLU A 1 59  ? 6.078   1.183   10.944  1.00 55.18  ? 59  GLU A CD  1 
ATOM   401  O  OE1 . GLU A 1 59  ? 6.115   2.036   11.857  1.00 53.78  ? 59  GLU A OE1 1 
ATOM   402  O  OE2 . GLU A 1 59  ? 5.630   0.028   11.109  1.00 58.23  ? 59  GLU A OE2 1 
ATOM   403  N  N   . ASP A 1 60  ? 5.190   -0.762  5.720   1.00 37.08  ? 60  ASP A N   1 
ATOM   404  C  CA  . ASP A 1 60  ? 5.293   -1.755  4.657   1.00 32.11  ? 60  ASP A CA  1 
ATOM   405  C  C   . ASP A 1 60  ? 5.609   -1.096  3.318   1.00 41.38  ? 60  ASP A C   1 
ATOM   406  O  O   . ASP A 1 60  ? 6.550   -1.498  2.620   1.00 39.48  ? 60  ASP A O   1 
ATOM   407  C  CB  . ASP A 1 60  ? 3.991   -2.553  4.575   1.00 49.05  ? 60  ASP A CB  1 
ATOM   408  C  CG  . ASP A 1 60  ? 4.188   -3.936  4.001   1.00 49.82  ? 60  ASP A CG  1 
ATOM   409  O  OD1 . ASP A 1 60  ? 5.228   -4.563  4.297   1.00 59.26  ? 60  ASP A OD1 1 
ATOM   410  O  OD2 . ASP A 1 60  ? 3.301   -4.394  3.254   1.00 63.79  ? 60  ASP A OD2 1 
ATOM   411  N  N   . LYS A 1 61  ? 4.832   -0.075  2.944   1.00 38.62  ? 61  LYS A N   1 
ATOM   412  C  CA  . LYS A 1 61  ? 5.053   0.600   1.668   1.00 39.31  ? 61  LYS A CA  1 
ATOM   413  C  C   . LYS A 1 61  ? 6.387   1.338   1.660   1.00 42.17  ? 61  LYS A C   1 
ATOM   414  O  O   . LYS A 1 61  ? 7.134   1.273   0.675   1.00 38.81  ? 61  LYS A O   1 
ATOM   415  C  CB  . LYS A 1 61  ? 3.907   1.572   1.379   1.00 34.23  ? 61  LYS A CB  1 
ATOM   416  C  CG  . LYS A 1 61  ? 2.513   1.004   1.591   1.00 39.03  ? 61  LYS A CG  1 
ATOM   417  C  CD  . LYS A 1 61  ? 1.933   0.415   0.316   1.00 47.05  ? 61  LYS A CD  1 
ATOM   418  C  CE  . LYS A 1 61  ? 1.089   -0.816  0.611   1.00 50.56  ? 61  LYS A CE  1 
ATOM   419  N  NZ  . LYS A 1 61  ? 0.843   -1.638  -0.608  1.00 59.83  ? 61  LYS A NZ  1 
ATOM   420  N  N   . LEU A 1 62  ? 6.701   2.045   2.745   1.00 36.84  ? 62  LEU A N   1 
ATOM   421  C  CA  . LEU A 1 62  ? 7.954   2.780   2.853   1.00 33.22  ? 62  LEU A CA  1 
ATOM   422  C  C   . LEU A 1 62  ? 9.145   1.882   3.157   1.00 38.91  ? 62  LEU A C   1 
ATOM   423  O  O   . LEU A 1 62  ? 10.279  2.373   3.173   1.00 40.34  ? 62  LEU A O   1 
ATOM   424  C  CB  . LEU A 1 62  ? 7.837   3.857   3.935   1.00 32.12  ? 62  LEU A CB  1 
ATOM   425  C  CG  . LEU A 1 62  ? 7.109   5.153   3.569   1.00 38.93  ? 62  LEU A CG  1 
ATOM   426  C  CD1 . LEU A 1 62  ? 6.804   5.973   4.819   1.00 36.39  ? 62  LEU A CD1 1 
ATOM   427  C  CD2 . LEU A 1 62  ? 7.919   5.970   2.572   1.00 34.57  ? 62  LEU A CD2 1 
ATOM   428  N  N   . GLY A 1 63  ? 8.919   0.594   3.400   1.00 42.80  ? 63  GLY A N   1 
ATOM   429  C  CA  . GLY A 1 63  ? 10.003  -0.326  3.678   1.00 38.38  ? 63  GLY A CA  1 
ATOM   430  C  C   . GLY A 1 63  ? 10.322  -1.236  2.511   1.00 45.47  ? 63  GLY A C   1 
ATOM   431  O  O   . GLY A 1 63  ? 10.923  -0.802  1.524   1.00 45.60  ? 63  GLY A O   1 
ATOM   432  N  N   . VAL A 1 64  ? 9.903   -2.501  2.603   1.00 40.27  ? 64  VAL A N   1 
ATOM   433  C  CA  . VAL A 1 64  ? 10.300  -3.488  1.603   1.00 44.40  ? 64  VAL A CA  1 
ATOM   434  C  C   . VAL A 1 64  ? 9.655   -3.206  0.251   1.00 47.41  ? 64  VAL A C   1 
ATOM   435  O  O   . VAL A 1 64  ? 10.243  -3.509  -0.794  1.00 48.60  ? 64  VAL A O   1 
ATOM   436  C  CB  . VAL A 1 64  ? 9.975   -4.911  2.096   1.00 46.30  ? 64  VAL A CB  1 
ATOM   437  C  CG1 . VAL A 1 64  ? 10.642  -5.169  3.437   1.00 48.80  ? 64  VAL A CG1 1 
ATOM   438  C  CG2 . VAL A 1 64  ? 8.470   -5.122  2.198   1.00 48.58  ? 64  VAL A CG2 1 
ATOM   439  N  N   . HIS A 1 65  ? 8.450   -2.624  0.237   1.00 41.12  ? 65  HIS A N   1 
ATOM   440  C  CA  . HIS A 1 65  ? 7.782   -2.362  -1.033  1.00 43.95  ? 65  HIS A CA  1 
ATOM   441  C  C   . HIS A 1 65  ? 8.605   -1.439  -1.920  1.00 45.77  ? 65  HIS A C   1 
ATOM   442  O  O   . HIS A 1 65  ? 8.582   -1.578  -3.149  1.00 41.84  ? 65  HIS A O   1 
ATOM   443  C  CB  . HIS A 1 65  ? 6.395   -1.768  -0.791  1.00 41.80  ? 65  HIS A CB  1 
ATOM   444  C  CG  . HIS A 1 65  ? 5.335   -2.794  -0.544  1.00 48.36  ? 65  HIS A CG  1 
ATOM   445  N  ND1 . HIS A 1 65  ? 4.401   -3.143  -1.498  1.00 58.66  ? 65  HIS A ND1 1 
ATOM   446  C  CD2 . HIS A 1 65  ? 5.058   -3.546  0.546   1.00 51.41  ? 65  HIS A CD2 1 
ATOM   447  C  CE1 . HIS A 1 65  ? 3.595   -4.067  -1.004  1.00 61.31  ? 65  HIS A CE1 1 
ATOM   448  N  NE2 . HIS A 1 65  ? 3.972   -4.329  0.235   1.00 56.48  ? 65  HIS A NE2 1 
ATOM   449  N  N   . LYS A 1 66  ? 9.345   -0.505  -1.326  1.00 37.91  ? 66  LYS A N   1 
ATOM   450  C  CA  . LYS A 1 66  ? 10.187  0.384   -2.114  1.00 34.71  ? 66  LYS A CA  1 
ATOM   451  C  C   . LYS A 1 66  ? 11.623  -0.112  -2.230  1.00 37.96  ? 66  LYS A C   1 
ATOM   452  O  O   . LYS A 1 66  ? 12.271  0.135   -3.254  1.00 38.93  ? 66  LYS A O   1 
ATOM   453  C  CB  . LYS A 1 66  ? 10.158  1.800   -1.524  1.00 41.56  ? 66  LYS A CB  1 
ATOM   454  C  CG  . LYS A 1 66  ? 11.258  2.119   -0.518  1.00 34.53  ? 66  LYS A CG  1 
ATOM   455  C  CD  . LYS A 1 66  ? 11.175  3.574   -0.080  1.00 36.30  ? 66  LYS A CD  1 
ATOM   456  C  CE  . LYS A 1 66  ? 12.424  4.015   0.665   1.00 37.05  ? 66  LYS A CE  1 
ATOM   457  N  NZ  . LYS A 1 66  ? 12.704  3.139   1.837   1.00 45.83  ? 66  LYS A NZ  1 
ATOM   458  N  N   . GLU A 1 67  ? 12.131  -0.834  -1.227  1.00 35.61  ? 67  GLU A N   1 
ATOM   459  C  CA  . GLU A 1 67  ? 13.533  -1.239  -1.256  1.00 40.67  ? 67  GLU A CA  1 
ATOM   460  C  C   . GLU A 1 67  ? 13.763  -2.419  -2.193  1.00 40.71  ? 67  GLU A C   1 
ATOM   461  O  O   . GLU A 1 67  ? 14.840  -2.540  -2.787  1.00 39.43  ? 67  GLU A O   1 
ATOM   462  C  CB  . GLU A 1 67  ? 14.020  -1.570  0.154   1.00 52.55  ? 67  GLU A CB  1 
ATOM   463  C  CG  . GLU A 1 67  ? 14.136  -0.354  1.051   1.00 56.15  ? 67  GLU A CG  1 
ATOM   464  C  CD  . GLU A 1 67  ? 15.157  0.647   0.539   1.00 57.16  ? 67  GLU A CD  1 
ATOM   465  O  OE1 . GLU A 1 67  ? 16.231  0.217   0.065   1.00 63.10  ? 67  GLU A OE1 1 
ATOM   466  O  OE2 . GLU A 1 67  ? 14.879  1.865   0.601   1.00 52.36  ? 67  GLU A OE2 1 
ATOM   467  N  N   . TYR A 1 68  ? 12.771  -3.306  -2.328  1.00 39.45  ? 68  TYR A N   1 
ATOM   468  C  CA  . TYR A 1 68  ? 12.880  -4.382  -3.310  1.00 42.78  ? 68  TYR A CA  1 
ATOM   469  C  C   . TYR A 1 68  ? 13.117  -3.829  -4.708  1.00 39.33  ? 68  TYR A C   1 
ATOM   470  O  O   . TYR A 1 68  ? 13.908  -4.385  -5.480  1.00 37.78  ? 68  TYR A O   1 
ATOM   471  C  CB  . TYR A 1 68  ? 11.621  -5.250  -3.307  1.00 39.29  ? 68  TYR A CB  1 
ATOM   472  C  CG  . TYR A 1 68  ? 11.409  -6.089  -2.072  1.00 46.27  ? 68  TYR A CG  1 
ATOM   473  C  CD1 . TYR A 1 68  ? 12.461  -6.399  -1.221  1.00 50.74  ? 68  TYR A CD1 1 
ATOM   474  C  CD2 . TYR A 1 68  ? 10.152  -6.602  -1.775  1.00 58.59  ? 68  TYR A CD2 1 
ATOM   475  C  CE1 . TYR A 1 68  ? 12.262  -7.179  -0.096  1.00 53.85  ? 68  TYR A CE1 1 
ATOM   476  C  CE2 . TYR A 1 68  ? 9.943   -7.383  -0.656  1.00 63.20  ? 68  TYR A CE2 1 
ATOM   477  C  CZ  . TYR A 1 68  ? 11.001  -7.670  0.181   1.00 59.40  ? 68  TYR A CZ  1 
ATOM   478  O  OH  . TYR A 1 68  ? 10.794  -8.447  1.297   1.00 73.22  ? 68  TYR A OH  1 
ATOM   479  N  N   . ILE A 1 69  ? 12.435  -2.736  -5.054  1.00 36.60  ? 69  ILE A N   1 
ATOM   480  C  CA  . ILE A 1 69  ? 12.595  -2.145  -6.378  1.00 36.86  ? 69  ILE A CA  1 
ATOM   481  C  C   . ILE A 1 69  ? 13.999  -1.573  -6.539  1.00 41.88  ? 69  ILE A C   1 
ATOM   482  O  O   . ILE A 1 69  ? 14.682  -1.829  -7.538  1.00 36.62  ? 69  ILE A O   1 
ATOM   483  C  CB  . ILE A 1 69  ? 11.514  -1.075  -6.619  1.00 37.50  ? 69  ILE A CB  1 
ATOM   484  C  CG1 . ILE A 1 69  ? 10.127  -1.720  -6.657  1.00 32.02  ? 69  ILE A CG1 1 
ATOM   485  C  CG2 . ILE A 1 69  ? 11.795  -0.303  -7.900  1.00 29.71  ? 69  ILE A CG2 1 
ATOM   486  C  CD1 . ILE A 1 69  ? 8.990   -0.722  -6.630  1.00 40.09  ? 69  ILE A CD1 1 
ATOM   487  N  N   . SER A 1 70  ? 14.453  -0.797  -5.551  1.00 38.75  ? 70  SER A N   1 
ATOM   488  C  CA  . SER A 1 70  ? 15.787  -0.208  -5.629  1.00 41.65  ? 70  SER A CA  1 
ATOM   489  C  C   . SER A 1 70  ? 16.862  -1.286  -5.674  1.00 42.60  ? 70  SER A C   1 
ATOM   490  O  O   . SER A 1 70  ? 17.863  -1.145  -6.386  1.00 42.28  ? 70  SER A O   1 
ATOM   491  C  CB  . SER A 1 70  ? 16.015  0.734   -4.446  1.00 47.79  ? 70  SER A CB  1 
ATOM   492  O  OG  . SER A 1 70  ? 17.390  0.791   -4.098  1.00 63.33  ? 70  SER A OG  1 
ATOM   493  N  N   . ASP A 1 71  ? 16.672  -2.374  -4.922  1.00 39.01  ? 71  ASP A N   1 
ATOM   494  C  CA  . ASP A 1 71  ? 17.632  -3.473  -4.958  1.00 44.84  ? 71  ASP A CA  1 
ATOM   495  C  C   . ASP A 1 71  ? 17.586  -4.206  -6.293  1.00 42.91  ? 71  ASP A C   1 
ATOM   496  O  O   . ASP A 1 71  ? 18.633  -4.567  -6.843  1.00 42.32  ? 71  ASP A O   1 
ATOM   497  C  CB  . ASP A 1 71  ? 17.372  -4.444  -3.806  1.00 43.83  ? 71  ASP A CB  1 
ATOM   498  C  CG  . ASP A 1 71  ? 17.589  -3.807  -2.446  1.00 55.01  ? 71  ASP A CG  1 
ATOM   499  O  OD1 . ASP A 1 71  ? 18.260  -2.755  -2.378  1.00 55.60  ? 71  ASP A OD1 1 
ATOM   500  O  OD2 . ASP A 1 71  ? 17.096  -4.365  -1.443  1.00 72.49  ? 71  ASP A OD2 1 
ATOM   501  N  N   . TYR A 1 72  ? 16.384  -4.442  -6.825  1.00 34.25  ? 72  TYR A N   1 
ATOM   502  C  CA  . TYR A 1 72  ? 16.266  -5.073  -8.136  1.00 38.45  ? 72  TYR A CA  1 
ATOM   503  C  C   . TYR A 1 72  ? 16.963  -4.243  -9.207  1.00 43.03  ? 72  TYR A C   1 
ATOM   504  O  O   . TYR A 1 72  ? 17.618  -4.794  -10.099 1.00 36.41  ? 72  TYR A O   1 
ATOM   505  C  CB  . TYR A 1 72  ? 14.791  -5.282  -8.484  1.00 35.71  ? 72  TYR A CB  1 
ATOM   506  C  CG  . TYR A 1 72  ? 14.545  -5.933  -9.829  1.00 38.89  ? 72  TYR A CG  1 
ATOM   507  C  CD1 . TYR A 1 72  ? 15.011  -7.213  -10.102 1.00 37.69  ? 72  TYR A CD1 1 
ATOM   508  C  CD2 . TYR A 1 72  ? 13.833  -5.270  -10.821 1.00 42.15  ? 72  TYR A CD2 1 
ATOM   509  C  CE1 . TYR A 1 72  ? 14.783  -7.811  -11.330 1.00 39.73  ? 72  TYR A CE1 1 
ATOM   510  C  CE2 . TYR A 1 72  ? 13.597  -5.860  -12.051 1.00 36.12  ? 72  TYR A CE2 1 
ATOM   511  C  CZ  . TYR A 1 72  ? 14.076  -7.130  -12.300 1.00 40.64  ? 72  TYR A CZ  1 
ATOM   512  O  OH  . TYR A 1 72  ? 13.846  -7.717  -13.523 1.00 37.49  ? 72  TYR A OH  1 
ATOM   513  N  N   . PHE A 1 73  ? 16.844  -2.914  -9.123  1.00 43.08  ? 73  PHE A N   1 
ATOM   514  C  CA  . PHE A 1 73  ? 17.513  -2.040  -10.083 1.00 43.47  ? 73  PHE A CA  1 
ATOM   515  C  C   . PHE A 1 73  ? 19.024  -2.237  -10.056 1.00 50.45  ? 73  PHE A C   1 
ATOM   516  O  O   . PHE A 1 73  ? 19.676  -2.232  -11.107 1.00 48.05  ? 73  PHE A O   1 
ATOM   517  C  CB  . PHE A 1 73  ? 17.170  -0.576  -9.798  1.00 36.81  ? 73  PHE A CB  1 
ATOM   518  C  CG  . PHE A 1 73  ? 15.780  -0.175  -10.213 1.00 41.78  ? 73  PHE A CG  1 
ATOM   519  C  CD1 . PHE A 1 73  ? 14.943  -1.066  -10.864 1.00 33.96  ? 73  PHE A CD1 1 
ATOM   520  C  CD2 . PHE A 1 73  ? 15.318  1.108   -9.960  1.00 38.94  ? 73  PHE A CD2 1 
ATOM   521  C  CE1 . PHE A 1 73  ? 13.668  -0.688  -11.247 1.00 35.44  ? 73  PHE A CE1 1 
ATOM   522  C  CE2 . PHE A 1 73  ? 14.046  1.493   -10.341 1.00 34.27  ? 73  PHE A CE2 1 
ATOM   523  C  CZ  . PHE A 1 73  ? 13.220  0.596   -10.987 1.00 30.20  ? 73  PHE A CZ  1 
ATOM   524  N  N   . LYS A 1 74  ? 19.598  -2.410  -8.859  1.00 39.50  ? 74  LYS A N   1 
ATOM   525  C  CA  . LYS A 1 74  ? 21.041  -2.617  -8.744  1.00 51.78  ? 74  LYS A CA  1 
ATOM   526  C  C   . LYS A 1 74  ? 21.502  -3.836  -9.531  1.00 49.20  ? 74  LYS A C   1 
ATOM   527  O  O   . LYS A 1 74  ? 22.638  -3.868  -10.018 1.00 51.98  ? 74  LYS A O   1 
ATOM   528  C  CB  . LYS A 1 74  ? 21.439  -2.776  -7.275  1.00 46.95  ? 74  LYS A CB  1 
ATOM   529  C  CG  . LYS A 1 74  ? 21.289  -1.526  -6.418  1.00 51.75  ? 74  LYS A CG  1 
ATOM   530  C  CD  . LYS A 1 74  ? 21.866  -1.756  -5.026  1.00 48.20  ? 74  LYS A CD  1 
ATOM   531  C  CE  . LYS A 1 74  ? 20.989  -1.145  -3.942  1.00 48.48  ? 74  LYS A CE  1 
ATOM   532  N  NZ  . LYS A 1 74  ? 21.503  -1.463  -2.580  1.00 56.72  ? 74  LYS A NZ  1 
ATOM   533  N  N   . ARG A 1 75  ? 20.636  -4.839  -9.674  1.00 47.33  ? 75  ARG A N   1 
ATOM   534  C  CA  . ARG A 1 75  ? 21.040  -6.115  -10.253 1.00 46.13  ? 75  ARG A CA  1 
ATOM   535  C  C   . ARG A 1 75  ? 21.000  -6.093  -11.778 1.00 53.26  ? 75  ARG A C   1 
ATOM   536  O  O   . ARG A 1 75  ? 21.866  -6.689  -12.429 1.00 47.36  ? 75  ARG A O   1 
ATOM   537  C  CB  . ARG A 1 75  ? 20.141  -7.227  -9.714  1.00 50.46  ? 75  ARG A CB  1 
ATOM   538  C  CG  . ARG A 1 75  ? 20.005  -7.211  -8.201  1.00 51.75  ? 75  ARG A CG  1 
ATOM   539  C  CD  . ARG A 1 75  ? 19.269  -8.431  -7.671  1.00 55.91  ? 75  ARG A CD  1 
ATOM   540  N  NE  . ARG A 1 75  ? 18.867  -8.229  -6.282  1.00 68.95  ? 75  ARG A NE  1 
ATOM   541  C  CZ  . ARG A 1 75  ? 17.605  -8.171  -5.867  1.00 68.55  ? 75  ARG A CZ  1 
ATOM   542  N  NH1 . ARG A 1 75  ? 16.608  -8.303  -6.734  1.00 49.88  ? 75  ARG A NH1 1 
ATOM   543  N  NH2 . ARG A 1 75  ? 17.337  -7.979  -4.582  1.00 68.48  ? 75  ARG A NH2 1 
ATOM   544  N  N   . ASN A 1 76  ? 20.012  -5.418  -12.365 1.00 50.58  ? 76  ASN A N   1 
ATOM   545  C  CA  . ASN A 1 76  ? 19.776  -5.485  -13.802 1.00 46.70  ? 76  ASN A CA  1 
ATOM   546  C  C   . ASN A 1 76  ? 20.143  -4.201  -14.535 1.00 48.15  ? 76  ASN A C   1 
ATOM   547  O  O   . ASN A 1 76  ? 19.844  -4.073  -15.727 1.00 57.46  ? 76  ASN A O   1 
ATOM   548  C  CB  . ASN A 1 76  ? 18.315  -5.858  -14.073 1.00 51.57  ? 76  ASN A CB  1 
ATOM   549  C  CG  . ASN A 1 76  ? 17.340  -4.787  -13.618 1.00 52.66  ? 76  ASN A CG  1 
ATOM   550  O  OD1 . ASN A 1 76  ? 17.727  -3.784  -13.014 1.00 48.36  ? 76  ASN A OD1 1 
ATOM   551  N  ND2 . ASN A 1 76  ? 16.061  -5.005  -13.895 1.00 52.69  ? 76  ASN A ND2 1 
ATOM   552  N  N   . GLY A 1 77  ? 20.776  -3.246  -13.859 1.00 53.39  ? 77  GLY A N   1 
ATOM   553  C  CA  . GLY A 1 77  ? 21.242  -2.051  -14.534 1.00 48.61  ? 77  GLY A CA  1 
ATOM   554  C  C   . GLY A 1 77  ? 20.186  -1.008  -14.816 1.00 50.42  ? 77  GLY A C   1 
ATOM   555  O  O   . GLY A 1 77  ? 20.409  -0.132  -15.657 1.00 55.14  ? 77  GLY A O   1 
ATOM   556  N  N   . MET A 1 78  ? 19.038  -1.079  -14.152 1.00 46.25  ? 78  MET A N   1 
ATOM   557  C  CA  . MET A 1 78  ? 18.052  -0.019  -14.268 1.00 48.54  ? 78  MET A CA  1 
ATOM   558  C  C   . MET A 1 78  ? 18.403  1.125   -13.323 1.00 42.31  ? 78  MET A C   1 
ATOM   559  O  O   . MET A 1 78  ? 19.129  0.955   -12.341 1.00 45.76  ? 78  MET A O   1 
ATOM   560  C  CB  . MET A 1 78  ? 16.651  -0.550  -13.970 1.00 43.32  ? 78  MET A CB  1 
ATOM   561  C  CG  . MET A 1 78  ? 16.121  -1.499  -15.028 1.00 42.11  ? 78  MET A CG  1 
ATOM   562  S  SD  . MET A 1 78  ? 14.501  -2.168  -14.619 1.00 43.14  ? 78  MET A SD  1 
ATOM   563  C  CE  . MET A 1 78  ? 14.229  -3.262  -16.013 1.00 47.02  ? 78  MET A CE  1 
ATOM   564  N  N   . LYS A 1 79  ? 17.881  2.307   -13.633 1.00 45.07  ? 79  LYS A N   1 
ATOM   565  C  CA  . LYS A 1 79  ? 18.181  3.504   -12.861 1.00 47.42  ? 79  LYS A CA  1 
ATOM   566  C  C   . LYS A 1 79  ? 17.021  3.852   -11.941 1.00 40.83  ? 79  LYS A C   1 
ATOM   567  O  O   . LYS A 1 79  ? 15.851  3.731   -12.318 1.00 37.44  ? 79  LYS A O   1 
ATOM   568  C  CB  . LYS A 1 79  ? 18.496  4.686   -13.781 1.00 45.21  ? 79  LYS A CB  1 
ATOM   569  C  CG  . LYS A 1 79  ? 19.920  5.206   -13.634 1.00 66.46  ? 79  LYS A CG  1 
ATOM   570  C  CD  . LYS A 1 79  ? 20.920  4.058   -13.552 1.00 70.25  ? 79  LYS A CD  1 
ATOM   571  C  CE  . LYS A 1 79  ? 22.120  4.421   -12.691 1.00 61.45  ? 79  LYS A CE  1 
ATOM   572  N  NZ  . LYS A 1 79  ? 23.019  3.254   -12.473 1.00 71.86  ? 79  LYS A NZ  1 
ATOM   573  N  N   . LEU A 1 80  ? 17.356  4.280   -10.727 1.00 36.76  ? 80  LEU A N   1 
ATOM   574  C  CA  . LEU A 1 80  ? 16.367  4.721   -9.756  1.00 38.91  ? 80  LEU A CA  1 
ATOM   575  C  C   . LEU A 1 80  ? 16.070  6.201   -9.945  1.00 31.48  ? 80  LEU A C   1 
ATOM   576  O  O   . LEU A 1 80  ? 16.976  7.003   -10.183 1.00 37.11  ? 80  LEU A O   1 
ATOM   577  C  CB  . LEU A 1 80  ? 16.860  4.473   -8.329  1.00 35.49  ? 80  LEU A CB  1 
ATOM   578  C  CG  . LEU A 1 80  ? 15.930  4.943   -7.209  1.00 38.37  ? 80  LEU A CG  1 
ATOM   579  C  CD1 . LEU A 1 80  ? 14.686  4.068   -7.133  1.00 34.17  ? 80  LEU A CD1 1 
ATOM   580  C  CD2 . LEU A 1 80  ? 16.659  4.979   -5.872  1.00 38.44  ? 80  LEU A CD2 1 
ATOM   581  N  N   . LYS A 1 81  ? 14.793  6.555   -9.842  1.00 36.36  ? 81  LYS A N   1 
ATOM   582  C  CA  . LYS A 1 81  ? 14.348  7.939   -9.854  1.00 35.75  ? 81  LYS A CA  1 
ATOM   583  C  C   . LYS A 1 81  ? 13.651  8.239   -8.537  1.00 36.96  ? 81  LYS A C   1 
ATOM   584  O  O   . LYS A 1 81  ? 12.784  7.472   -8.104  1.00 35.00  ? 81  LYS A O   1 
ATOM   585  C  CB  . LYS A 1 81  ? 13.397  8.210   -11.022 1.00 36.89  ? 81  LYS A CB  1 
ATOM   586  C  CG  . LYS A 1 81  ? 14.056  8.823   -12.247 1.00 56.50  ? 81  LYS A CG  1 
ATOM   587  C  CD  . LYS A 1 81  ? 13.056  9.641   -13.057 1.00 63.76  ? 81  LYS A CD  1 
ATOM   588  C  CE  . LYS A 1 81  ? 12.109  10.421  -12.150 1.00 59.34  ? 81  LYS A CE  1 
ATOM   589  N  NZ  . LYS A 1 81  ? 11.508  11.598  -12.837 1.00 66.35  ? 81  LYS A NZ  1 
ATOM   590  N  N   . THR A 1 82  ? 14.028  9.344   -7.901  1.00 29.92  ? 82  THR A N   1 
ATOM   591  C  CA  . THR A 1 82  ? 13.337  9.837   -6.715  1.00 41.52  ? 82  THR A CA  1 
ATOM   592  C  C   . THR A 1 82  ? 12.664  11.156  -7.074  1.00 36.93  ? 82  THR A C   1 
ATOM   593  O  O   . THR A 1 82  ? 13.333  12.180  -7.245  1.00 39.81  ? 82  THR A O   1 
ATOM   594  C  CB  . THR A 1 82  ? 14.288  10.006  -5.533  1.00 38.06  ? 82  THR A CB  1 
ATOM   595  O  OG1 . THR A 1 82  ? 14.711  8.715   -5.080  1.00 35.71  ? 82  THR A OG1 1 
ATOM   596  C  CG2 . THR A 1 82  ? 13.588  10.725  -4.389  1.00 33.15  ? 82  THR A CG2 1 
ATOM   597  N  N   . ASP A 1 83  ? 11.341  11.116  -7.203  1.00 44.63  ? 83  ASP A N   1 
ATOM   598  C  CA  . ASP A 1 83  ? 10.547  12.294  -7.539  1.00 44.89  ? 83  ASP A CA  1 
ATOM   599  C  C   . ASP A 1 83  ? 9.238   12.143  -6.773  1.00 40.86  ? 83  ASP A C   1 
ATOM   600  O  O   . ASP A 1 83  ? 8.348   11.401  -7.203  1.00 39.31  ? 83  ASP A O   1 
ATOM   601  C  CB  . ASP A 1 83  ? 10.318  12.397  -9.041  1.00 45.05  ? 83  ASP A CB  1 
ATOM   602  C  CG  . ASP A 1 83  ? 9.667   13.704  -9.448  1.00 61.66  ? 83  ASP A CG  1 
ATOM   603  O  OD1 . ASP A 1 83  ? 9.289   14.494  -8.557  1.00 55.78  ? 83  ASP A OD1 1 
ATOM   604  O  OD2 . ASP A 1 83  ? 9.536   13.942  -10.669 1.00 79.21  ? 83  ASP A OD2 1 
ATOM   605  N  N   . VAL A 1 84  ? 9.134   12.826  -5.639  1.00 32.82  ? 84  VAL A N   1 
ATOM   606  C  CA  . VAL A 1 84  ? 8.064   12.579  -4.684  1.00 33.74  ? 84  VAL A CA  1 
ATOM   607  C  C   . VAL A 1 84  ? 7.313   13.874  -4.424  1.00 31.23  ? 84  VAL A C   1 
ATOM   608  O  O   . VAL A 1 84  ? 7.924   14.907  -4.128  1.00 35.97  ? 84  VAL A O   1 
ATOM   609  C  CB  . VAL A 1 84  ? 8.600   11.984  -3.369  1.00 37.36  ? 84  VAL A CB  1 
ATOM   610  C  CG1 . VAL A 1 84  ? 7.507   11.960  -2.309  1.00 33.53  ? 84  VAL A CG1 1 
ATOM   611  C  CG2 . VAL A 1 84  ? 9.134   10.584  -3.617  1.00 40.88  ? 84  VAL A CG2 1 
ATOM   612  N  N   . SER A 1 85  ? 5.991   13.810  -4.533  1.00 31.65  ? 85  SER A N   1 
ATOM   613  C  CA  . SER A 1 85  ? 5.118   14.946  -4.274  1.00 35.12  ? 85  SER A CA  1 
ATOM   614  C  C   . SER A 1 85  ? 3.836   14.418  -3.654  1.00 35.74  ? 85  SER A C   1 
ATOM   615  O  O   . SER A 1 85  ? 3.079   13.708  -4.321  1.00 41.78  ? 85  SER A O   1 
ATOM   616  C  CB  . SER A 1 85  ? 4.809   15.708  -5.561  1.00 33.23  ? 85  SER A CB  1 
ATOM   617  O  OG  . SER A 1 85  ? 3.793   16.667  -5.335  1.00 61.47  ? 85  SER A OG  1 
ATOM   618  N  N   . VAL A 1 86  ? 3.593   14.758  -2.393  1.00 33.20  ? 86  VAL A N   1 
ATOM   619  C  CA  . VAL A 1 86  ? 2.363   14.333  -1.740  1.00 33.84  ? 86  VAL A CA  1 
ATOM   620  C  C   . VAL A 1 86  ? 1.993   15.349  -0.671  1.00 34.22  ? 86  VAL A C   1 
ATOM   621  O  O   . VAL A 1 86  ? 2.842   15.813  0.099   1.00 40.49  ? 86  VAL A O   1 
ATOM   622  C  CB  . VAL A 1 86  ? 2.485   12.902  -1.164  1.00 38.11  ? 86  VAL A CB  1 
ATOM   623  C  CG1 . VAL A 1 86  ? 3.378   12.853  0.073   1.00 37.37  ? 86  VAL A CG1 1 
ATOM   624  C  CG2 . VAL A 1 86  ? 1.108   12.336  -0.866  1.00 39.28  ? 86  VAL A CG2 1 
ATOM   625  N  N   . ALA A 1 87  ? 0.716   15.715  -0.661  1.00 32.66  ? 87  ALA A N   1 
ATOM   626  C  CA  . ALA A 1 87  ? 0.122   16.560  0.364   1.00 37.05  ? 87  ALA A CA  1 
ATOM   627  C  C   . ALA A 1 87  ? -1.183  15.915  0.794   1.00 39.42  ? 87  ALA A C   1 
ATOM   628  O  O   . ALA A 1 87  ? -1.976  15.492  -0.052  1.00 44.02  ? 87  ALA A O   1 
ATOM   629  C  CB  . ALA A 1 87  ? -0.129  17.982  -0.151  1.00 39.62  ? 87  ALA A CB  1 
ATOM   630  N  N   . VAL A 1 88  ? -1.393  15.820  2.100   1.00 35.74  ? 88  VAL A N   1 
ATOM   631  C  CA  . VAL A 1 88  ? -2.645  15.326  2.659   1.00 40.03  ? 88  VAL A CA  1 
ATOM   632  C  C   . VAL A 1 88  ? -3.474  16.560  2.995   1.00 42.01  ? 88  VAL A C   1 
ATOM   633  O  O   . VAL A 1 88  ? -3.234  17.231  4.004   1.00 41.07  ? 88  VAL A O   1 
ATOM   634  C  CB  . VAL A 1 88  ? -2.412  14.434  3.880   1.00 41.45  ? 88  VAL A CB  1 
ATOM   635  C  CG1 . VAL A 1 88  ? -3.738  13.971  4.459   1.00 40.26  ? 88  VAL A CG1 1 
ATOM   636  C  CG2 . VAL A 1 88  ? -1.543  13.243  3.505   1.00 33.72  ? 88  VAL A CG2 1 
ATOM   637  N  N   . LYS A 1 89  ? -4.448  16.871  2.138   1.00 42.65  ? 89  LYS A N   1 
ATOM   638  C  CA  . LYS A 1 89  ? -5.178  18.126  2.226   1.00 47.07  ? 89  LYS A CA  1 
ATOM   639  C  C   . LYS A 1 89  ? -6.585  17.985  2.788   1.00 40.37  ? 89  LYS A C   1 
ATOM   640  O  O   . LYS A 1 89  ? -7.136  18.974  3.279   1.00 52.41  ? 89  LYS A O   1 
ATOM   641  C  CB  . LYS A 1 89  ? -5.247  18.787  0.842   1.00 34.12  ? 89  LYS A CB  1 
ATOM   642  C  CG  . LYS A 1 89  ? -3.872  19.064  0.251   1.00 36.77  ? 89  LYS A CG  1 
ATOM   643  C  CD  . LYS A 1 89  ? -3.961  19.876  -1.025  1.00 45.32  ? 89  LYS A CD  1 
ATOM   644  C  CE  . LYS A 1 89  ? -3.787  21.357  -0.745  1.00 43.19  ? 89  LYS A CE  1 
ATOM   645  N  NZ  . LYS A 1 89  ? -3.799  22.156  -2.000  1.00 45.80  ? 89  LYS A NZ  1 
ATOM   646  N  N   . SER A 1 90  ? -7.177  16.796  2.724   1.00 38.41  ? 90  SER A N   1 
ATOM   647  C  CA  . SER A 1 90  ? -8.427  16.512  3.412   1.00 49.67  ? 90  SER A CA  1 
ATOM   648  C  C   . SER A 1 90  ? -8.319  15.141  4.057   1.00 50.77  ? 90  SER A C   1 
ATOM   649  O  O   . SER A 1 90  ? -7.576  14.275  3.589   1.00 52.38  ? 90  SER A O   1 
ATOM   650  C  CB  . SER A 1 90  ? -9.638  16.557  2.466   1.00 42.41  ? 90  SER A CB  1 
ATOM   651  O  OG  . SER A 1 90  ? -9.305  16.068  1.179   1.00 51.62  ? 90  SER A OG  1 
ATOM   652  N  N   . ILE A 1 91  ? -9.057  14.954  5.146   1.00 45.38  ? 91  ILE A N   1 
ATOM   653  C  CA  . ILE A 1 91  ? -9.093  13.670  5.840   1.00 48.99  ? 91  ILE A CA  1 
ATOM   654  C  C   . ILE A 1 91  ? -10.521 13.140  5.793   1.00 52.06  ? 91  ILE A C   1 
ATOM   655  O  O   . ILE A 1 91  ? -11.471 13.927  5.922   1.00 47.53  ? 91  ILE A O   1 
ATOM   656  C  CB  . ILE A 1 91  ? -8.597  13.798  7.289   1.00 51.38  ? 91  ILE A CB  1 
ATOM   657  C  CG1 . ILE A 1 91  ? -7.363  14.699  7.358   1.00 57.96  ? 91  ILE A CG1 1 
ATOM   658  C  CG2 . ILE A 1 91  ? -8.294  12.426  7.876   1.00 53.70  ? 91  ILE A CG2 1 
ATOM   659  C  CD1 . ILE A 1 91  ? -6.067  13.972  7.107   1.00 55.49  ? 91  ILE A CD1 1 
ATOM   660  N  N   . PRO A 1 92  ? -10.721 11.839  5.588   1.00 50.20  ? 92  PRO A N   1 
ATOM   661  C  CA  . PRO A 1 92  ? -12.072 11.274  5.697   1.00 45.73  ? 92  PRO A CA  1 
ATOM   662  C  C   . PRO A 1 92  ? -12.709 11.614  7.039   1.00 44.56  ? 92  PRO A C   1 
ATOM   663  O  O   . PRO A 1 92  ? -12.025 11.812  8.045   1.00 49.03  ? 92  PRO A O   1 
ATOM   664  C  CB  . PRO A 1 92  ? -11.836 9.769   5.542   1.00 38.16  ? 92  PRO A CB  1 
ATOM   665  C  CG  . PRO A 1 92  ? -10.622 9.688   4.671   1.00 39.84  ? 92  PRO A CG  1 
ATOM   666  C  CD  . PRO A 1 92  ? -9.753  10.857  5.067   1.00 42.83  ? 92  PRO A CD  1 
ATOM   667  N  N   . SER A 1 93  ? -14.042 11.678  7.039   1.00 47.58  ? 93  SER A N   1 
ATOM   668  C  CA  . SER A 1 93  ? -14.778 12.261  8.155   1.00 49.94  ? 93  SER A CA  1 
ATOM   669  C  C   . SER A 1 93  ? -14.870 11.350  9.373   1.00 43.84  ? 93  SER A C   1 
ATOM   670  O  O   . SER A 1 93  ? -15.049 11.855  10.487  1.00 47.43  ? 93  SER A O   1 
ATOM   671  C  CB  . SER A 1 93  ? -16.186 12.650  7.701   1.00 57.65  ? 93  SER A CB  1 
ATOM   672  O  OG  . SER A 1 93  ? -16.830 11.567  7.052   1.00 60.19  ? 93  SER A OG  1 
ATOM   673  N  N   . ASP A 1 94  ? -14.766 10.035  9.202   1.00 42.24  ? 94  ASP A N   1 
ATOM   674  C  CA  . ASP A 1 94  ? -14.807 9.125   10.340  1.00 43.28  ? 94  ASP A CA  1 
ATOM   675  C  C   . ASP A 1 94  ? -13.948 7.905   10.034  1.00 39.11  ? 94  ASP A C   1 
ATOM   676  O  O   . ASP A 1 94  ? -13.373 7.779   8.949   1.00 38.34  ? 94  ASP A O   1 
ATOM   677  C  CB  . ASP A 1 94  ? -16.246 8.732   10.697  1.00 37.30  ? 94  ASP A CB  1 
ATOM   678  C  CG  . ASP A 1 94  ? -17.031 8.215   9.506   1.00 45.12  ? 94  ASP A CG  1 
ATOM   679  O  OD1 . ASP A 1 94  ? -16.469 7.459   8.685   1.00 40.23  ? 94  ASP A OD1 1 
ATOM   680  O  OD2 . ASP A 1 94  ? -18.224 8.565   9.397   1.00 57.92  ? 94  ASP A OD2 1 
ATOM   681  N  N   . ALA A 1 95  ? -13.884 6.992   11.006  1.00 33.39  ? 95  ALA A N   1 
ATOM   682  C  CA  . ALA A 1 95  ? -12.956 5.870   10.918  1.00 36.40  ? 95  ALA A CA  1 
ATOM   683  C  C   . ALA A 1 95  ? -13.314 4.925   9.780   1.00 37.94  ? 95  ALA A C   1 
ATOM   684  O  O   . ALA A 1 95  ? -12.424 4.432   9.076   1.00 35.55  ? 95  ALA A O   1 
ATOM   685  C  CB  . ALA A 1 95  ? -12.921 5.117   12.245  1.00 33.68  ? 95  ALA A CB  1 
ATOM   686  N  N   . LYS A 1 96  ? -14.606 4.643   9.586   1.00 36.12  ? 96  LYS A N   1 
ATOM   687  C  CA  . LYS A 1 96  ? -14.985 3.731   8.510   1.00 37.56  ? 96  LYS A CA  1 
ATOM   688  C  C   . LYS A 1 96  ? -14.625 4.310   7.149   1.00 37.49  ? 96  LYS A C   1 
ATOM   689  O  O   . LYS A 1 96  ? -14.119 3.592   6.277   1.00 43.01  ? 96  LYS A O   1 
ATOM   690  C  CB  . LYS A 1 96  ? -16.476 3.399   8.563   1.00 40.93  ? 96  LYS A CB  1 
ATOM   691  C  CG  . LYS A 1 96  ? -16.852 2.354   7.514   1.00 42.54  ? 96  LYS A CG  1 
ATOM   692  C  CD  . LYS A 1 96  ? -18.306 2.411   7.082   1.00 52.74  ? 96  LYS A CD  1 
ATOM   693  C  CE  . LYS A 1 96  ? -19.248 2.546   8.260   1.00 68.44  ? 96  LYS A CE  1 
ATOM   694  N  NZ  . LYS A 1 96  ? -20.486 1.747   8.028   1.00 71.30  ? 96  LYS A NZ  1 
ATOM   695  N  N   . ALA A 1 97  ? -14.877 5.604   6.947   1.00 39.11  ? 97  ALA A N   1 
ATOM   696  C  CA  . ALA A 1 97  ? -14.466 6.244   5.703   1.00 42.49  ? 97  ALA A CA  1 
ATOM   697  C  C   . ALA A 1 97  ? -12.948 6.241   5.564   1.00 38.17  ? 97  ALA A C   1 
ATOM   698  O  O   . ALA A 1 97  ? -12.418 6.113   4.456   1.00 38.97  ? 97  ALA A O   1 
ATOM   699  C  CB  . ALA A 1 97  ? -15.012 7.670   5.639   1.00 41.32  ? 97  ALA A CB  1 
ATOM   700  N  N   . LEU A 1 98  ? -12.236 6.370   6.687   1.00 36.92  ? 98  LEU A N   1 
ATOM   701  C  CA  . LEU A 1 98  ? -10.777 6.360   6.652   1.00 32.90  ? 98  LEU A CA  1 
ATOM   702  C  C   . LEU A 1 98  ? -10.251 5.037   6.110   1.00 33.79  ? 98  LEU A C   1 
ATOM   703  O  O   . LEU A 1 98  ? -9.409  5.015   5.206   1.00 35.70  ? 98  LEU A O   1 
ATOM   704  C  CB  . LEU A 1 98  ? -10.218 6.631   8.051   1.00 32.36  ? 98  LEU A CB  1 
ATOM   705  C  CG  . LEU A 1 98  ? -8.714  6.914   8.125   1.00 37.00  ? 98  LEU A CG  1 
ATOM   706  C  CD1 . LEU A 1 98  ? -8.387  8.258   7.487   1.00 33.79  ? 98  LEU A CD1 1 
ATOM   707  C  CD2 . LEU A 1 98  ? -8.217  6.857   9.560   1.00 28.85  ? 98  LEU A CD2 1 
ATOM   708  N  N   . ILE A 1 99  ? -10.741 3.919   6.649   1.00 34.52  ? 99  ILE A N   1 
ATOM   709  C  CA  . ILE A 1 99  ? -10.248 2.622   6.197   1.00 36.83  ? 99  ILE A CA  1 
ATOM   710  C  C   . ILE A 1 99  ? -10.835 2.256   4.836   1.00 35.05  ? 99  ILE A C   1 
ATOM   711  O  O   . ILE A 1 99  ? -10.218 1.500   4.074   1.00 36.11  ? 99  ILE A O   1 
ATOM   712  C  CB  . ILE A 1 99  ? -10.530 1.538   7.251   1.00 29.06  ? 99  ILE A CB  1 
ATOM   713  C  CG1 . ILE A 1 99  ? -9.721  0.277   6.945   1.00 30.61  ? 99  ILE A CG1 1 
ATOM   714  C  CG2 . ILE A 1 99  ? -12.018 1.225   7.332   1.00 34.82  ? 99  ILE A CG2 1 
ATOM   715  C  CD1 . ILE A 1 99  ? -8.228  0.439   7.170   1.00 31.26  ? 99  ILE A CD1 1 
ATOM   716  N  N   . GLN A 1 100 ? -12.016 2.780   4.499   1.00 34.88  ? 100 GLN A N   1 
ATOM   717  C  CA  . GLN A 1 100 ? -12.543 2.588   3.152   1.00 39.20  ? 100 GLN A CA  1 
ATOM   718  C  C   . GLN A 1 100 ? -11.663 3.283   2.121   1.00 36.46  ? 100 GLN A C   1 
ATOM   719  O  O   . GLN A 1 100 ? -11.464 2.770   1.014   1.00 39.16  ? 100 GLN A O   1 
ATOM   720  C  CB  . GLN A 1 100 ? -13.981 3.099   3.070   1.00 36.02  ? 100 GLN A CB  1 
ATOM   721  C  CG  . GLN A 1 100 ? -15.035 2.039   3.354   1.00 42.73  ? 100 GLN A CG  1 
ATOM   722  C  CD  . GLN A 1 100 ? -16.408 2.633   3.613   1.00 55.95  ? 100 GLN A CD  1 
ATOM   723  O  OE1 . GLN A 1 100 ? -16.599 3.846   3.530   1.00 53.73  ? 100 GLN A OE1 1 
ATOM   724  N  NE2 . GLN A 1 100 ? -17.373 1.775   3.925   1.00 58.79  ? 100 GLN A NE2 1 
ATOM   725  N  N   . GLU A 1 101 ? -11.118 4.450   2.473   1.00 35.28  ? 101 GLU A N   1 
ATOM   726  C  CA  . GLU A 1 101 ? -10.203 5.142   1.570   1.00 33.05  ? 101 GLU A CA  1 
ATOM   727  C  C   . GLU A 1 101 ? -8.889  4.384   1.428   1.00 42.15  ? 101 GLU A C   1 
ATOM   728  O  O   . GLU A 1 101 ? -8.306  4.339   0.337   1.00 41.01  ? 101 GLU A O   1 
ATOM   729  C  CB  . GLU A 1 101 ? -9.961  6.568   2.065   1.00 41.66  ? 101 GLU A CB  1 
ATOM   730  C  CG  . GLU A 1 101 ? -8.874  7.329   1.313   1.00 42.56  ? 101 GLU A CG  1 
ATOM   731  C  CD  . GLU A 1 101 ? -9.232  7.610   -0.137  1.00 45.53  ? 101 GLU A CD  1 
ATOM   732  O  OE1 . GLU A 1 101 ? -10.416 7.460   -0.510  1.00 51.67  ? 101 GLU A OE1 1 
ATOM   733  O  OE2 . GLU A 1 101 ? -8.322  7.983   -0.905  1.00 51.90  ? 101 GLU A OE2 1 
ATOM   734  N  N   . VAL A 1 102 ? -8.405  3.783   2.518   1.00 37.02  ? 102 VAL A N   1 
ATOM   735  C  CA  . VAL A 1 102 ? -7.225  2.926   2.429   1.00 34.33  ? 102 VAL A CA  1 
ATOM   736  C  C   . VAL A 1 102 ? -7.492  1.758   1.487   1.00 42.56  ? 102 VAL A C   1 
ATOM   737  O  O   . VAL A 1 102 ? -6.640  1.394   0.666   1.00 36.37  ? 102 VAL A O   1 
ATOM   738  C  CB  . VAL A 1 102 ? -6.808  2.440   3.830   1.00 34.52  ? 102 VAL A CB  1 
ATOM   739  C  CG1 . VAL A 1 102 ? -5.722  1.378   3.729   1.00 31.05  ? 102 VAL A CG1 1 
ATOM   740  C  CG2 . VAL A 1 102 ? -6.336  3.610   4.679   1.00 27.53  ? 102 VAL A CG2 1 
ATOM   741  N  N   . TYR A 1 103 ? -8.684  1.163   1.585   1.00 33.84  ? 103 TYR A N   1 
ATOM   742  C  CA  . TYR A 1 103 ? -9.048  0.054   0.708   1.00 37.09  ? 103 TYR A CA  1 
ATOM   743  C  C   . TYR A 1 103 ? -9.004  0.470   -0.756  1.00 40.48  ? 103 TYR A C   1 
ATOM   744  O  O   . TYR A 1 103 ? -8.487  -0.263  -1.607  1.00 38.81  ? 103 TYR A O   1 
ATOM   745  C  CB  . TYR A 1 103 ? -10.439 -0.464  1.076   1.00 31.59  ? 103 TYR A CB  1 
ATOM   746  C  CG  . TYR A 1 103 ? -10.860 -1.694  0.306   1.00 44.25  ? 103 TYR A CG  1 
ATOM   747  C  CD1 . TYR A 1 103 ? -10.520 -2.965  0.752   1.00 43.77  ? 103 TYR A CD1 1 
ATOM   748  C  CD2 . TYR A 1 103 ? -11.598 -1.586  -0.866  1.00 45.47  ? 103 TYR A CD2 1 
ATOM   749  C  CE1 . TYR A 1 103 ? -10.904 -4.092  0.050   1.00 50.05  ? 103 TYR A CE1 1 
ATOM   750  C  CE2 . TYR A 1 103 ? -11.986 -2.708  -1.573  1.00 44.61  ? 103 TYR A CE2 1 
ATOM   751  C  CZ  . TYR A 1 103 ? -11.635 -3.958  -1.111  1.00 46.01  ? 103 TYR A CZ  1 
ATOM   752  O  OH  . TYR A 1 103 ? -12.018 -5.079  -1.809  1.00 60.96  ? 103 TYR A OH  1 
ATOM   753  N  N   . ALA A 1 104 ? -9.543  1.652   -1.067  1.00 39.57  ? 104 ALA A N   1 
ATOM   754  C  CA  . ALA A 1 104 ? -9.564  2.118   -2.450  1.00 40.50  ? 104 ALA A CA  1 
ATOM   755  C  C   . ALA A 1 104 ? -8.155  2.263   -3.006  1.00 47.98  ? 104 ALA A C   1 
ATOM   756  O  O   . ALA A 1 104 ? -7.886  1.863   -4.144  1.00 41.04  ? 104 ALA A O   1 
ATOM   757  C  CB  . ALA A 1 104 ? -10.319 3.443   -2.544  1.00 35.49  ? 104 ALA A CB  1 
ATOM   758  N  N   A ARG A 1 105 ? -7.234  2.815   -2.215  0.46 39.03  ? 105 ARG A N   1 
ATOM   759  N  N   B ARG A 1 105 ? -7.243  2.848   -2.219  0.54 39.36  ? 105 ARG A N   1 
ATOM   760  C  CA  A ARG A 1 105 ? -5.873  3.003   -2.705  0.46 40.91  ? 105 ARG A CA  1 
ATOM   761  C  CA  B ARG A 1 105 ? -5.862  3.006   -2.669  0.54 41.01  ? 105 ARG A CA  1 
ATOM   762  C  C   A ARG A 1 105 ? -5.128  1.679   -2.829  0.46 42.39  ? 105 ARG A C   1 
ATOM   763  C  C   B ARG A 1 105 ? -5.194  1.654   -2.878  0.54 43.68  ? 105 ARG A C   1 
ATOM   764  O  O   A ARG A 1 105 ? -4.272  1.534   -3.708  0.46 42.88  ? 105 ARG A O   1 
ATOM   765  O  O   B ARG A 1 105 ? -4.447  1.463   -3.845  0.54 42.74  ? 105 ARG A O   1 
ATOM   766  C  CB  A ARG A 1 105 ? -5.127  3.974   -1.792  0.46 41.05  ? 105 ARG A CB  1 
ATOM   767  C  CB  B ARG A 1 105 ? -5.062  3.837   -1.663  0.54 40.91  ? 105 ARG A CB  1 
ATOM   768  C  CG  A ARG A 1 105 ? -5.819  5.325   -1.680  0.46 39.15  ? 105 ARG A CG  1 
ATOM   769  C  CG  B ARG A 1 105 ? -5.619  5.223   -1.365  0.54 38.38  ? 105 ARG A CG  1 
ATOM   770  C  CD  A ARG A 1 105 ? -5.158  6.225   -0.656  0.46 39.86  ? 105 ARG A CD  1 
ATOM   771  C  CD  B ARG A 1 105 ? -5.766  6.060   -2.623  0.54 40.24  ? 105 ARG A CD  1 
ATOM   772  N  NE  A ARG A 1 105 ? -4.662  7.456   -1.265  0.46 46.88  ? 105 ARG A NE  1 
ATOM   773  N  NE  B ARG A 1 105 ? -4.505  6.260   -3.333  0.54 40.42  ? 105 ARG A NE  1 
ATOM   774  C  CZ  A ARG A 1 105 ? -5.105  8.671   -0.961  0.46 40.93  ? 105 ARG A CZ  1 
ATOM   775  C  CZ  B ARG A 1 105 ? -3.681  7.284   -3.127  0.54 44.71  ? 105 ARG A CZ  1 
ATOM   776  N  NH1 A ARG A 1 105 ? -4.595  9.735   -1.565  0.46 48.19  ? 105 ARG A NH1 1 
ATOM   777  N  NH1 B ARG A 1 105 ? -2.558  7.382   -3.826  0.54 44.38  ? 105 ARG A NH1 1 
ATOM   778  N  NH2 A ARG A 1 105 ? -6.059  8.823   -0.054  0.46 35.64  ? 105 ARG A NH2 1 
ATOM   779  N  NH2 B ARG A 1 105 ? -3.979  8.211   -2.226  0.54 40.55  ? 105 ARG A NH2 1 
ATOM   780  N  N   . GLU A 1 106 ? -5.444  0.703   -1.973  1.00 42.40  ? 106 GLU A N   1 
ATOM   781  C  CA  . GLU A 1 106 ? -4.847  -0.622  -2.113  1.00 39.78  ? 106 GLU A CA  1 
ATOM   782  C  C   . GLU A 1 106 ? -5.382  -1.347  -3.341  1.00 45.49  ? 106 GLU A C   1 
ATOM   783  O  O   . GLU A 1 106 ? -4.645  -2.107  -3.980  1.00 42.79  ? 106 GLU A O   1 
ATOM   784  C  CB  . GLU A 1 106 ? -5.101  -1.457  -0.857  1.00 38.40  ? 106 GLU A CB  1 
ATOM   785  C  CG  . GLU A 1 106 ? -4.274  -1.039  0.348   1.00 39.29  ? 106 GLU A CG  1 
ATOM   786  C  CD  . GLU A 1 106 ? -2.783  -1.109  0.085   1.00 42.14  ? 106 GLU A CD  1 
ATOM   787  O  OE1 . GLU A 1 106 ? -2.282  -2.205  -0.241  1.00 48.79  ? 106 GLU A OE1 1 
ATOM   788  O  OE2 . GLU A 1 106 ? -2.112  -0.062  0.202   1.00 44.33  ? 106 GLU A OE2 1 
ATOM   789  N  N   . ASN A 1 107 ? -6.651  -1.125  -3.688  1.00 43.99  ? 107 ASN A N   1 
ATOM   790  C  CA  . ASN A 1 107 ? -7.202  -1.755  -4.883  1.00 47.32  ? 107 ASN A CA  1 
ATOM   791  C  C   . ASN A 1 107 ? -6.567  -1.190  -6.147  1.00 49.04  ? 107 ASN A C   1 
ATOM   792  O  O   . ASN A 1 107 ? -6.356  -1.923  -7.121  1.00 55.65  ? 107 ASN A O   1 
ATOM   793  C  CB  . ASN A 1 107 ? -8.720  -1.583  -4.915  1.00 51.95  ? 107 ASN A CB  1 
ATOM   794  C  CG  . ASN A 1 107 ? -9.426  -2.778  -5.522  1.00 57.16  ? 107 ASN A CG  1 
ATOM   795  O  OD1 . ASN A 1 107 ? -8.800  -3.796  -5.821  1.00 55.38  ? 107 ASN A OD1 1 
ATOM   796  N  ND2 . ASN A 1 107 ? -10.736 -2.663  -5.707  1.00 60.56  ? 107 ASN A ND2 1 
ATOM   797  N  N   . GLU A 1 108 ? -6.250  0.107   -6.151  1.00 37.06  ? 108 GLU A N   1 
ATOM   798  C  CA  . GLU A 1 108 ? -5.550  0.691   -7.291  1.00 48.01  ? 108 GLU A CA  1 
ATOM   799  C  C   . GLU A 1 108 ? -4.144  0.123   -7.430  1.00 48.95  ? 108 GLU A C   1 
ATOM   800  O  O   . GLU A 1 108 ? -3.631  -0.013  -8.548  1.00 49.39  ? 108 GLU A O   1 
ATOM   801  C  CB  . GLU A 1 108 ? -5.510  2.214   -7.159  1.00 44.86  ? 108 GLU A CB  1 
ATOM   802  C  CG  . GLU A 1 108 ? -6.873  2.829   -6.907  1.00 60.00  ? 108 GLU A CG  1 
ATOM   803  C  CD  . GLU A 1 108 ? -6.903  4.324   -7.162  1.00 82.91  ? 108 GLU A CD  1 
ATOM   804  O  OE1 . GLU A 1 108 ? -7.725  5.016   -6.528  1.00 87.89  ? 108 GLU A OE1 1 
ATOM   805  O  OE2 . GLU A 1 108 ? -6.101  4.806   -7.991  1.00 90.96  ? 108 GLU A OE2 1 
ATOM   806  N  N   . VAL A 1 109 ? -3.507  -0.214  -6.307  1.00 43.69  ? 109 VAL A N   1 
ATOM   807  C  CA  . VAL A 1 109 ? -2.182  -0.828  -6.359  1.00 45.99  ? 109 VAL A CA  1 
ATOM   808  C  C   . VAL A 1 109 ? -2.226  -2.123  -7.160  1.00 41.09  ? 109 VAL A C   1 
ATOM   809  O  O   . VAL A 1 109 ? -1.334  -2.401  -7.971  1.00 40.96  ? 109 VAL A O   1 
ATOM   810  C  CB  . VAL A 1 109 ? -1.644  -1.054  -4.935  1.00 47.32  ? 109 VAL A CB  1 
ATOM   811  C  CG1 . VAL A 1 109 ? -0.477  -2.029  -4.949  1.00 48.30  ? 109 VAL A CG1 1 
ATOM   812  C  CG2 . VAL A 1 109 ? -1.233  0.272   -4.309  1.00 45.86  ? 109 VAL A CG2 1 
ATOM   813  N  N   . ARG A 1 110 ? -3.276  -2.927  -6.959  1.00 39.67  ? 110 ARG A N   1 
ATOM   814  C  CA  . ARG A 1 110 ? -3.427  -4.162  -7.722  1.00 46.94  ? 110 ARG A CA  1 
ATOM   815  C  C   . ARG A 1 110 ? -3.446  -3.890  -9.220  1.00 46.38  ? 110 ARG A C   1 
ATOM   816  O  O   . ARG A 1 110 ? -2.868  -4.652  -10.005 1.00 44.24  ? 110 ARG A O   1 
ATOM   817  C  CB  . ARG A 1 110 ? -4.706  -4.890  -7.308  1.00 46.91  ? 110 ARG A CB  1 
ATOM   818  C  CG  . ARG A 1 110 ? -4.668  -5.540  -5.936  1.00 50.10  ? 110 ARG A CG  1 
ATOM   819  C  CD  . ARG A 1 110 ? -6.063  -5.999  -5.526  1.00 55.26  ? 110 ARG A CD  1 
ATOM   820  N  NE  . ARG A 1 110 ? -6.523  -7.136  -6.321  1.00 53.88  ? 110 ARG A NE  1 
ATOM   821  C  CZ  . ARG A 1 110 ? -7.801  -7.432  -6.541  1.00 58.10  ? 110 ARG A CZ  1 
ATOM   822  N  NH1 . ARG A 1 110 ? -8.758  -6.669  -6.029  1.00 56.91  ? 110 ARG A NH1 1 
ATOM   823  N  NH2 . ARG A 1 110 ? -8.124  -8.487  -7.276  1.00 57.95  ? 110 ARG A NH2 1 
ATOM   824  N  N   . ASP A 1 111 ? -4.107  -2.807  -9.636  1.00 43.22  ? 111 ASP A N   1 
ATOM   825  C  CA  . ASP A 1 111 ? -4.216  -2.506  -11.060 1.00 44.90  ? 111 ASP A CA  1 
ATOM   826  C  C   . ASP A 1 111 ? -2.864  -2.126  -11.655 1.00 37.67  ? 111 ASP A C   1 
ATOM   827  O  O   . ASP A 1 111 ? -2.531  -2.550  -12.768 1.00 39.60  ? 111 ASP A O   1 
ATOM   828  C  CB  . ASP A 1 111 ? -5.234  -1.389  -11.281 1.00 46.56  ? 111 ASP A CB  1 
ATOM   829  C  CG  . ASP A 1 111 ? -6.644  -1.916  -11.469 1.00 66.45  ? 111 ASP A CG  1 
ATOM   830  O  OD1 . ASP A 1 111 ? -6.903  -2.573  -12.502 1.00 69.03  ? 111 ASP A OD1 1 
ATOM   831  O  OD2 . ASP A 1 111 ? -7.491  -1.677  -10.582 1.00 67.47  ? 111 ASP A OD2 1 
ATOM   832  N  N   . HIS A 1 112 ? -2.075  -1.327  -10.933 1.00 36.44  ? 112 HIS A N   1 
ATOM   833  C  CA  . HIS A 1 112 ? -0.747  -0.962  -11.417 1.00 36.19  ? 112 HIS A CA  1 
ATOM   834  C  C   . HIS A 1 112 ? 0.173   -2.175  -11.466 1.00 39.82  ? 112 HIS A C   1 
ATOM   835  O  O   . HIS A 1 112 ? 0.959   -2.327  -12.409 1.00 36.20  ? 112 HIS A O   1 
ATOM   836  C  CB  . HIS A 1 112 ? -0.145  0.129   -10.534 1.00 42.41  ? 112 HIS A CB  1 
ATOM   837  C  CG  . HIS A 1 112 ? -0.941  1.397   -10.513 1.00 49.90  ? 112 HIS A CG  1 
ATOM   838  N  ND1 . HIS A 1 112 ? -1.083  2.205   -11.620 1.00 56.11  ? 112 HIS A ND1 1 
ATOM   839  C  CD2 . HIS A 1 112 ? -1.639  1.995   -9.520  1.00 57.03  ? 112 HIS A CD2 1 
ATOM   840  C  CE1 . HIS A 1 112 ? -1.834  3.247   -11.309 1.00 61.05  ? 112 HIS A CE1 1 
ATOM   841  N  NE2 . HIS A 1 112 ? -2.185  3.143   -10.041 1.00 58.25  ? 112 HIS A NE2 1 
ATOM   842  N  N   . VAL A 1 113 ? 0.094   -3.044  -10.455 1.00 41.43  ? 113 VAL A N   1 
ATOM   843  C  CA  . VAL A 1 113 ? 0.898   -4.262  -10.453 1.00 34.04  ? 113 VAL A CA  1 
ATOM   844  C  C   . VAL A 1 113 ? 0.534   -5.136  -11.644 1.00 31.49  ? 113 VAL A C   1 
ATOM   845  O  O   . VAL A 1 113 ? 1.409   -5.722  -12.296 1.00 39.58  ? 113 VAL A O   1 
ATOM   846  C  CB  . VAL A 1 113 ? 0.722   -5.012  -9.118  1.00 32.23  ? 113 VAL A CB  1 
ATOM   847  C  CG1 . VAL A 1 113 ? 1.244   -6.439  -9.223  1.00 35.36  ? 113 VAL A CG1 1 
ATOM   848  C  CG2 . VAL A 1 113 ? 1.420   -4.262  -7.993  1.00 34.54  ? 113 VAL A CG2 1 
ATOM   849  N  N   . LYS A 1 114 ? -0.762  -5.228  -11.955 1.00 36.52  ? 114 LYS A N   1 
ATOM   850  C  CA  . LYS A 1 114 ? -1.195  -6.016  -13.105 1.00 39.19  ? 114 LYS A CA  1 
ATOM   851  C  C   . LYS A 1 114 ? -0.610  -5.473  -14.401 1.00 38.22  ? 114 LYS A C   1 
ATOM   852  O  O   . LYS A 1 114 ? -0.206  -6.246  -15.278 1.00 35.74  ? 114 LYS A O   1 
ATOM   853  C  CB  . LYS A 1 114 ? -2.720  -6.041  -13.184 1.00 35.11  ? 114 LYS A CB  1 
ATOM   854  C  CG  . LYS A 1 114 ? -3.255  -6.858  -14.347 1.00 40.69  ? 114 LYS A CG  1 
ATOM   855  C  CD  . LYS A 1 114 ? -4.515  -6.238  -14.927 1.00 43.70  ? 114 LYS A CD  1 
ATOM   856  C  CE  . LYS A 1 114 ? -5.670  -6.340  -13.951 1.00 43.59  ? 114 LYS A CE  1 
ATOM   857  N  NZ  . LYS A 1 114 ? -6.057  -7.758  -13.712 1.00 57.89  ? 114 LYS A NZ  1 
ATOM   858  N  N   . ALA A 1 115 ? -0.556  -4.146  -14.538 1.00 33.25  ? 115 ALA A N   1 
ATOM   859  C  CA  . ALA A 1 115 ? -0.011  -3.550  -15.752 1.00 35.41  ? 115 ALA A CA  1 
ATOM   860  C  C   . ALA A 1 115 ? 1.468   -3.875  -15.910 1.00 39.08  ? 115 ALA A C   1 
ATOM   861  O  O   . ALA A 1 115 ? 1.948   -4.090  -17.029 1.00 42.26  ? 115 ALA A O   1 
ATOM   862  C  CB  . ALA A 1 115 ? -0.231  -2.037  -15.738 1.00 36.14  ? 115 ALA A CB  1 
ATOM   863  N  N   . ILE A 1 116 ? 2.205   -3.926  -14.799 1.00 36.17  ? 116 ILE A N   1 
ATOM   864  C  CA  . ILE A 1 116 ? 3.634   -4.211  -14.874 1.00 34.97  ? 116 ILE A CA  1 
ATOM   865  C  C   . ILE A 1 116 ? 3.870   -5.664  -15.264 1.00 32.54  ? 116 ILE A C   1 
ATOM   866  O  O   . ILE A 1 116 ? 4.775   -5.970  -16.052 1.00 34.98  ? 116 ILE A O   1 
ATOM   867  C  CB  . ILE A 1 116 ? 4.318   -3.858  -13.542 1.00 31.75  ? 116 ILE A CB  1 
ATOM   868  C  CG1 . ILE A 1 116 ? 4.178   -2.362  -13.256 1.00 35.94  ? 116 ILE A CG1 1 
ATOM   869  C  CG2 . ILE A 1 116 ? 5.783   -4.258  -13.568 1.00 32.45  ? 116 ILE A CG2 1 
ATOM   870  C  CD1 . ILE A 1 116 ? 4.591   -1.965  -11.855 1.00 33.58  ? 116 ILE A CD1 1 
ATOM   871  N  N   . ALA A 1 117 ? 3.068   -6.583  -14.723 1.00 31.90  ? 117 ALA A N   1 
ATOM   872  C  CA  . ALA A 1 117 ? 3.184   -7.986  -15.115 1.00 36.14  ? 117 ALA A CA  1 
ATOM   873  C  C   . ALA A 1 117 ? 2.889   -8.162  -16.599 1.00 37.05  ? 117 ALA A C   1 
ATOM   874  O  O   . ALA A 1 117 ? 3.631   -8.843  -17.316 1.00 36.59  ? 117 ALA A O   1 
ATOM   875  C  CB  . ALA A 1 117 ? 2.245   -8.848  -14.269 1.00 34.13  ? 117 ALA A CB  1 
ATOM   876  N  N   . LYS A 1 118 ? 1.804   -7.544  -17.075 1.00 37.45  ? 118 LYS A N   1 
ATOM   877  C  CA  . LYS A 1 118 ? 1.460   -7.609  -18.492 1.00 37.62  ? 118 LYS A CA  1 
ATOM   878  C  C   . LYS A 1 118 ? 2.586   -7.066  -19.362 1.00 45.31  ? 118 LYS A C   1 
ATOM   879  O  O   . LYS A 1 118 ? 2.877   -7.616  -20.431 1.00 45.99  ? 118 LYS A O   1 
ATOM   880  C  CB  . LYS A 1 118 ? 0.169   -6.830  -18.744 1.00 38.55  ? 118 LYS A CB  1 
ATOM   881  C  CG  . LYS A 1 118 ? -0.324  -6.872  -20.180 1.00 41.86  ? 118 LYS A CG  1 
ATOM   882  C  CD  . LYS A 1 118 ? -1.691  -6.219  -20.303 1.00 39.77  ? 118 LYS A CD  1 
ATOM   883  C  CE  . LYS A 1 118 ? -2.226  -6.308  -21.725 1.00 49.82  ? 118 LYS A CE  1 
ATOM   884  N  NZ  . LYS A 1 118 ? -3.592  -5.728  -21.834 1.00 56.23  ? 118 LYS A NZ  1 
ATOM   885  N  N   . LEU A 1 119 ? 3.231   -5.988  -18.919 1.00 45.18  ? 119 LEU A N   1 
ATOM   886  C  CA  . LEU A 1 119 ? 4.283   -5.369  -19.716 1.00 38.26  ? 119 LEU A CA  1 
ATOM   887  C  C   . LEU A 1 119 ? 5.534   -6.239  -19.756 1.00 40.56  ? 119 LEU A C   1 
ATOM   888  O  O   . LEU A 1 119 ? 6.188   -6.344  -20.800 1.00 40.28  ? 119 LEU A O   1 
ATOM   889  C  CB  . LEU A 1 119 ? 4.595   -3.980  -19.158 1.00 41.66  ? 119 LEU A CB  1 
ATOM   890  C  CG  . LEU A 1 119 ? 5.758   -3.178  -19.740 1.00 42.61  ? 119 LEU A CG  1 
ATOM   891  C  CD1 . LEU A 1 119 ? 5.556   -2.928  -21.226 1.00 45.14  ? 119 LEU A CD1 1 
ATOM   892  C  CD2 . LEU A 1 119 ? 5.900   -1.864  -18.983 1.00 41.38  ? 119 LEU A CD2 1 
ATOM   893  N  N   . ALA A 1 120 ? 5.878   -6.875  -18.634 1.00 39.08  ? 120 ALA A N   1 
ATOM   894  C  CA  . ALA A 1 120 ? 7.059   -7.732  -18.601 1.00 38.82  ? 120 ALA A CA  1 
ATOM   895  C  C   . ALA A 1 120 ? 6.923   -8.899  -19.572 1.00 41.89  ? 120 ALA A C   1 
ATOM   896  O  O   . ALA A 1 120 ? 7.881   -9.250  -20.271 1.00 40.45  ? 120 ALA A O   1 
ATOM   897  C  CB  . ALA A 1 120 ? 7.301   -8.240  -17.181 1.00 34.59  ? 120 ALA A CB  1 
ATOM   898  N  N   . LEU A 1 121 ? 5.738   -9.513  -19.629 1.00 36.92  ? 121 LEU A N   1 
ATOM   899  C  CA  . LEU A 1 121 ? 5.506   -10.575 -20.603 1.00 44.14  ? 121 LEU A CA  1 
ATOM   900  C  C   . LEU A 1 121 ? 5.583   -10.038 -22.024 1.00 44.41  ? 121 LEU A C   1 
ATOM   901  O  O   . LEU A 1 121 ? 6.102   -10.709 -22.924 1.00 50.09  ? 121 LEU A O   1 
ATOM   902  C  CB  . LEU A 1 121 ? 4.149   -11.236 -20.355 1.00 37.36  ? 121 LEU A CB  1 
ATOM   903  C  CG  . LEU A 1 121 ? 4.030   -12.071 -19.079 1.00 40.83  ? 121 LEU A CG  1 
ATOM   904  C  CD1 . LEU A 1 121 ? 2.717   -12.836 -19.054 1.00 38.10  ? 121 LEU A CD1 1 
ATOM   905  C  CD2 . LEU A 1 121 ? 5.210   -13.021 -18.951 1.00 36.90  ? 121 LEU A CD2 1 
ATOM   906  N  N   . ALA A 1 122 ? 5.072   -8.824  -22.247 1.00 41.11  ? 122 ALA A N   1 
ATOM   907  C  CA  . ALA A 1 122 ? 5.147   -8.219  -23.572 1.00 47.39  ? 122 ALA A CA  1 
ATOM   908  C  C   . ALA A 1 122 ? 6.586   -7.952  -23.987 1.00 47.81  ? 122 ALA A C   1 
ATOM   909  O  O   . ALA A 1 122 ? 6.911   -8.025  -25.178 1.00 47.63  ? 122 ALA A O   1 
ATOM   910  C  CB  . ALA A 1 122 ? 4.335   -6.925  -23.606 1.00 43.62  ? 122 ALA A CB  1 
ATOM   911  N  N   . GLU A 1 123 ? 7.461   -7.654  -23.029 1.00 44.30  ? 123 GLU A N   1 
ATOM   912  C  CA  . GLU A 1 123 ? 8.861   -7.360  -23.307 1.00 43.18  ? 123 GLU A CA  1 
ATOM   913  C  C   . GLU A 1 123 ? 9.756   -8.588  -23.259 1.00 41.78  ? 123 GLU A C   1 
ATOM   914  O  O   . GLU A 1 123 ? 10.968  -8.454  -23.455 1.00 47.99  ? 123 GLU A O   1 
ATOM   915  C  CB  . GLU A 1 123 ? 9.387   -6.314  -22.319 1.00 48.02  ? 123 GLU A CB  1 
ATOM   916  C  CG  . GLU A 1 123 ? 8.615   -5.026  -22.380 1.00 48.65  ? 123 GLU A CG  1 
ATOM   917  C  CD  . GLU A 1 123 ? 9.128   -4.122  -23.473 1.00 70.51  ? 123 GLU A CD  1 
ATOM   918  O  OE1 . GLU A 1 123 ? 10.358  -3.925  -23.561 1.00 74.26  ? 123 GLU A OE1 1 
ATOM   919  O  OE2 . GLU A 1 123 ? 8.302   -3.663  -24.286 1.00 69.27  ? 123 GLU A OE2 1 
ATOM   920  N  N   . ASP A 1 124 ? 9.193   -9.771  -23.011 1.00 42.66  ? 124 ASP A N   1 
ATOM   921  C  CA  . ASP A 1 124 ? 9.983   -10.980 -22.791 1.00 42.19  ? 124 ASP A CA  1 
ATOM   922  C  C   . ASP A 1 124 ? 11.015  -10.750 -21.690 1.00 45.54  ? 124 ASP A C   1 
ATOM   923  O  O   . ASP A 1 124 ? 12.158  -11.209 -21.765 1.00 44.97  ? 124 ASP A O   1 
ATOM   924  C  CB  . ASP A 1 124 ? 10.648  -11.451 -24.086 1.00 45.64  ? 124 ASP A CB  1 
ATOM   925  C  CG  . ASP A 1 124 ? 9.639   -11.870 -25.138 1.00 48.23  ? 124 ASP A CG  1 
ATOM   926  O  OD1 . ASP A 1 124 ? 8.831   -12.779 -24.856 1.00 46.56  ? 124 ASP A OD1 1 
ATOM   927  O  OD2 . ASP A 1 124 ? 9.648   -11.285 -26.241 1.00 57.80  ? 124 ASP A OD2 1 
ATOM   928  N  N   . ASP A 1 125 ? 10.605  -10.013 -20.658 1.00 40.09  ? 125 ASP A N   1 
ATOM   929  C  CA  . ASP A 1 125 ? 11.463  -9.699  -19.518 1.00 38.78  ? 125 ASP A CA  1 
ATOM   930  C  C   . ASP A 1 125 ? 11.026  -10.595 -18.362 1.00 44.14  ? 125 ASP A C   1 
ATOM   931  O  O   . ASP A 1 125 ? 10.249  -10.210 -17.489 1.00 37.81  ? 125 ASP A O   1 
ATOM   932  C  CB  . ASP A 1 125 ? 11.371  -8.216  -19.173 1.00 35.68  ? 125 ASP A CB  1 
ATOM   933  C  CG  . ASP A 1 125 ? 12.326  -7.808  -18.065 1.00 39.74  ? 125 ASP A CG  1 
ATOM   934  O  OD1 . ASP A 1 125 ? 12.972  -8.690  -17.457 1.00 39.43  ? 125 ASP A OD1 1 
ATOM   935  O  OD2 . ASP A 1 125 ? 12.421  -6.594  -17.793 1.00 39.30  ? 125 ASP A OD2 1 
ATOM   936  N  N   . TYR A 1 126 ? 11.553  -11.817 -18.366 1.00 35.62  ? 126 TYR A N   1 
ATOM   937  C  CA  . TYR A 1 126 ? 11.082  -12.820 -17.421 1.00 41.57  ? 126 TYR A CA  1 
ATOM   938  C  C   . TYR A 1 126 ? 11.695  -12.645 -16.038 1.00 39.34  ? 126 TYR A C   1 
ATOM   939  O  O   . TYR A 1 126 ? 11.103  -13.087 -15.048 1.00 39.62  ? 126 TYR A O   1 
ATOM   940  C  CB  . TYR A 1 126 ? 11.345  -14.210 -17.996 1.00 39.66  ? 126 TYR A CB  1 
ATOM   941  C  CG  . TYR A 1 126 ? 10.596  -14.379 -19.293 1.00 44.84  ? 126 TYR A CG  1 
ATOM   942  C  CD1 . TYR A 1 126 ? 9.227   -14.607 -19.293 1.00 38.33  ? 126 TYR A CD1 1 
ATOM   943  C  CD2 . TYR A 1 126 ? 11.238  -14.237 -20.517 1.00 44.70  ? 126 TYR A CD2 1 
ATOM   944  C  CE1 . TYR A 1 126 ? 8.524   -14.733 -20.473 1.00 40.75  ? 126 TYR A CE1 1 
ATOM   945  C  CE2 . TYR A 1 126 ? 10.541  -14.360 -21.705 1.00 35.59  ? 126 TYR A CE2 1 
ATOM   946  C  CZ  . TYR A 1 126 ? 9.184   -14.608 -21.675 1.00 38.79  ? 126 TYR A CZ  1 
ATOM   947  O  OH  . TYR A 1 126 ? 8.480   -14.733 -22.850 1.00 45.15  ? 126 TYR A OH  1 
ATOM   948  N  N   . GLU A 1 127 ? 12.797  -11.948 -15.924 1.00 34.61  ? 127 GLU A N   1 
ATOM   949  C  CA  . GLU A 1 127 ? 13.324  -11.617 -14.620 1.00 38.29  ? 127 GLU A CA  1 
ATOM   950  C  C   . GLU A 1 127 ? 12.359  -10.622 -13.937 1.00 41.10  ? 127 GLU A C   1 
ATOM   951  O  O   . GLU A 1 127 ? 12.165  -10.668 -12.750 1.00 37.86  ? 127 GLU A O   1 
ATOM   952  C  CB  . GLU A 1 127 ? 14.681  -10.985 -14.773 1.00 41.16  ? 127 GLU A CB  1 
ATOM   953  C  CG  . GLU A 1 127 ? 15.791  -11.887 -15.262 1.00 51.04  ? 127 GLU A CG  1 
ATOM   954  C  CD  . GLU A 1 127 ? 17.095  -11.132 -15.444 1.00 55.70  ? 127 GLU A CD  1 
ATOM   955  O  OE1 . GLU A 1 127 ? 17.058  -9.897  -15.562 1.00 60.40  ? 127 GLU A OE1 1 
ATOM   956  O  OE2 . GLU A 1 127 ? 18.159  -11.761 -15.463 1.00 45.52  ? 127 GLU A OE2 1 
ATOM   957  N  N   . SER A 1 128 ? 11.745  -9.746  -14.714 1.00 37.77  ? 128 SER A N   1 
ATOM   958  C  CA  . SER A 1 128 ? 10.819  -8.762  -14.183 1.00 37.27  ? 128 SER A CA  1 
ATOM   959  C  C   . SER A 1 128 ? 9.481   -9.349  -13.847 1.00 33.84  ? 128 SER A C   1 
ATOM   960  O  O   . SER A 1 128 ? 8.929   -9.018  -12.842 1.00 36.08  ? 128 SER A O   1 
ATOM   961  C  CB  . SER A 1 128 ? 10.712  -7.587  -15.130 1.00 32.93  ? 128 SER A CB  1 
ATOM   962  O  OG  . SER A 1 128 ? 11.842  -6.752  -15.070 1.00 39.32  ? 128 SER A OG  1 
ATOM   963  N  N   . PHE A 1 129 ? 9.000   -10.263 -14.668 1.00 39.88  ? 129 PHE A N   1 
ATOM   964  C  CA  . PHE A 1 129 ? 7.766   -10.964 -14.394 1.00 34.23  ? 129 PHE A CA  1 
ATOM   965  C  C   . PHE A 1 129 ? 7.931   -11.732 -13.109 1.00 44.11  ? 129 PHE A C   1 
ATOM   966  O  O   . PHE A 1 129 ? 7.042   -11.776 -12.316 1.00 38.22  ? 129 PHE A O   1 
ATOM   967  C  CB  . PHE A 1 129 ? 7.417   -11.897 -15.530 1.00 38.04  ? 129 PHE A CB  1 
ATOM   968  C  CG  . PHE A 1 129 ? 6.099   -12.573 -15.371 1.00 39.91  ? 129 PHE A CG  1 
ATOM   969  C  CD1 . PHE A 1 129 ? 4.930   -11.854 -15.468 1.00 31.86  ? 129 PHE A CD1 1 
ATOM   970  C  CD2 . PHE A 1 129 ? 6.032   -13.923 -15.118 1.00 38.37  ? 129 PHE A CD2 1 
ATOM   971  C  CE1 . PHE A 1 129 ? 3.714   -12.469 -15.320 1.00 37.94  ? 129 PHE A CE1 1 
ATOM   972  C  CE2 . PHE A 1 129 ? 4.820   -14.548 -14.969 1.00 43.19  ? 129 PHE A CE2 1 
ATOM   973  C  CZ  . PHE A 1 129 ? 3.657   -13.819 -15.070 1.00 44.71  ? 129 PHE A CZ  1 
ATOM   974  N  N   . TYR A 1 130 ? 9.094   -12.302 -12.899 1.00 41.70  ? 130 TYR A N   1 
ATOM   975  C  CA  . TYR A 1 130 ? 9.363   -13.016 -11.677 1.00 42.74  ? 130 TYR A CA  1 
ATOM   976  C  C   . TYR A 1 130 ? 9.390   -12.096 -10.483 1.00 49.13  ? 130 TYR A C   1 
ATOM   977  O  O   . TYR A 1 130 ? 8.789   -12.389 -9.502  1.00 44.63  ? 130 TYR A O   1 
ATOM   978  C  CB  . TYR A 1 130 ? 10.657  -13.809 -11.801 1.00 50.83  ? 130 TYR A CB  1 
ATOM   979  C  CG  . TYR A 1 130 ? 11.046  -14.613 -10.579 1.00 71.95  ? 130 TYR A CG  1 
ATOM   980  C  CD1 . TYR A 1 130 ? 11.830  -14.063 -9.569  1.00 86.41  ? 130 TYR A CD1 1 
ATOM   981  C  CD2 . TYR A 1 130 ? 10.647  -15.927 -10.444 1.00 76.34  ? 130 TYR A CD2 1 
ATOM   982  C  CE1 . TYR A 1 130 ? 12.172  -14.795 -8.454  1.00 87.47  ? 130 TYR A CE1 1 
ATOM   983  C  CE2 . TYR A 1 130 ? 10.997  -16.665 -9.337  1.00 80.49  ? 130 TYR A CE2 1 
ATOM   984  C  CZ  . TYR A 1 130 ? 11.757  -16.092 -8.352  1.00 96.40  ? 130 TYR A CZ  1 
ATOM   985  O  OH  . TYR A 1 130 ? 12.098  -16.831 -7.263  1.00 102.35 ? 130 TYR A OH  1 
ATOM   986  N  N   . PHE A 1 131 ? 10.085  -10.986 -10.586 1.00 38.58  ? 131 PHE A N   1 
ATOM   987  C  CA  . PHE A 1 131 ? 10.171  -10.038 -9.514  1.00 37.33  ? 131 PHE A CA  1 
ATOM   988  C  C   . PHE A 1 131 ? 8.816   -9.534  -9.111  1.00 37.60  ? 131 PHE A C   1 
ATOM   989  O  O   . PHE A 1 131 ? 8.560   -9.360  -7.953  1.00 37.41  ? 131 PHE A O   1 
ATOM   990  C  CB  . PHE A 1 131 ? 11.071  -8.907  -9.962  1.00 36.55  ? 131 PHE A CB  1 
ATOM   991  C  CG  . PHE A 1 131 ? 11.034  -7.692  -9.092  1.00 40.61  ? 131 PHE A CG  1 
ATOM   992  C  CD1 . PHE A 1 131 ? 11.746  -7.654  -7.918  1.00 31.93  ? 131 PHE A CD1 1 
ATOM   993  C  CD2 . PHE A 1 131 ? 10.315  -6.576  -9.470  1.00 34.79  ? 131 PHE A CD2 1 
ATOM   994  C  CE1 . PHE A 1 131 ? 11.713  -6.540  -7.120  1.00 40.28  ? 131 PHE A CE1 1 
ATOM   995  C  CE2 . PHE A 1 131 ? 10.279  -5.463  -8.675  1.00 33.74  ? 131 PHE A CE2 1 
ATOM   996  C  CZ  . PHE A 1 131 ? 10.987  -5.440  -7.503  1.00 34.76  ? 131 PHE A CZ  1 
ATOM   997  N  N   . ILE A 1 132 ? 7.944   -9.309  -10.078 1.00 35.99  ? 132 ILE A N   1 
ATOM   998  C  CA  . ILE A 1 132 ? 6.619   -8.800  -9.808  1.00 32.07  ? 132 ILE A CA  1 
ATOM   999  C  C   . ILE A 1 132 ? 5.682   -9.794  -9.153  1.00 34.03  ? 132 ILE A C   1 
ATOM   1000 O  O   . ILE A 1 132 ? 4.710   -9.408  -8.567  1.00 36.18  ? 132 ILE A O   1 
ATOM   1001 C  CB  . ILE A 1 132 ? 5.991   -8.120  -11.048 1.00 31.75  ? 132 ILE A CB  1 
ATOM   1002 C  CG1 . ILE A 1 132 ? 5.102   -6.948  -10.635 1.00 37.84  ? 132 ILE A CG1 1 
ATOM   1003 C  CG2 . ILE A 1 132 ? 5.216   -9.087  -11.909 1.00 33.08  ? 132 ILE A CG2 1 
ATOM   1004 C  CD1 . ILE A 1 132 ? 5.836   -5.828  -9.946  1.00 32.38  ? 132 ILE A CD1 1 
ATOM   1005 N  N   . GLN A 1 133 ? 5.997   -11.067 -9.217  1.00 31.58  ? 133 GLN A N   1 
ATOM   1006 C  CA  . GLN A 1 133 ? 5.172   -12.052 -8.577  1.00 36.02  ? 133 GLN A CA  1 
ATOM   1007 C  C   . GLN A 1 133 ? 4.914   -11.793 -7.095  1.00 37.25  ? 133 GLN A C   1 
ATOM   1008 O  O   . GLN A 1 133 ? 3.819   -11.982 -6.652  1.00 41.18  ? 133 GLN A O   1 
ATOM   1009 C  CB  . GLN A 1 133 ? 5.694   -13.445 -8.801  1.00 36.67  ? 133 GLN A CB  1 
ATOM   1010 C  CG  . GLN A 1 133 ? 5.825   -13.863 -10.242 1.00 48.87  ? 133 GLN A CG  1 
ATOM   1011 C  CD  . GLN A 1 133 ? 4.513   -13.821 -10.980 1.00 53.38  ? 133 GLN A CD  1 
ATOM   1012 O  OE1 . GLN A 1 133 ? 3.686   -14.701 -10.809 1.00 49.72  ? 133 GLN A OE1 1 
ATOM   1013 N  NE2 . GLN A 1 133 ? 4.318   -12.803 -11.800 1.00 40.11  ? 133 GLN A NE2 1 
ATOM   1014 N  N   . TRP A 1 134 ? 5.909   -11.351 -6.353  1.00 37.96  ? 134 TRP A N   1 
ATOM   1015 C  CA  . TRP A 1 134 ? 5.730   -11.013 -4.954  1.00 35.87  ? 134 TRP A CA  1 
ATOM   1016 C  C   . TRP A 1 134 ? 4.684   -9.949  -4.794  1.00 41.12  ? 134 TRP A C   1 
ATOM   1017 O  O   . TRP A 1 134 ? 3.800   -10.080 -4.002  1.00 37.95  ? 134 TRP A O   1 
ATOM   1018 C  CB  . TRP A 1 134 ? 7.034   -10.554 -4.325  1.00 37.53  ? 134 TRP A CB  1 
ATOM   1019 C  CG  . TRP A 1 134 ? 6.923   -10.293 -2.873  1.00 49.18  ? 134 TRP A CG  1 
ATOM   1020 C  CD1 . TRP A 1 134 ? 7.024   -11.206 -1.877  1.00 45.87  ? 134 TRP A CD1 1 
ATOM   1021 C  CD2 . TRP A 1 134 ? 6.665   -9.036  -2.241  1.00 52.38  ? 134 TRP A CD2 1 
ATOM   1022 N  NE1 . TRP A 1 134 ? 6.853   -10.604 -0.665  1.00 52.96  ? 134 TRP A NE1 1 
ATOM   1023 C  CE2 . TRP A 1 134 ? 6.626   -9.268  -0.861  1.00 58.38  ? 134 TRP A CE2 1 
ATOM   1024 C  CE3 . TRP A 1 134 ? 6.464   -7.738  -2.708  1.00 51.71  ? 134 TRP A CE3 1 
ATOM   1025 C  CZ2 . TRP A 1 134 ? 6.398   -8.256  0.053   1.00 52.25  ? 134 TRP A CZ2 1 
ATOM   1026 C  CZ3 . TRP A 1 134 ? 6.235   -6.741  -1.803  1.00 52.99  ? 134 TRP A CZ3 1 
ATOM   1027 C  CH2 . TRP A 1 134 ? 6.205   -7.003  -0.440  1.00 55.40  ? 134 TRP A CH2 1 
ATOM   1028 N  N   . TYR A 1 135 ? 4.781   -8.911  -5.583  1.00 36.81  ? 135 TYR A N   1 
ATOM   1029 C  CA  . TYR A 1 135 ? 3.850   -7.835  -5.526  1.00 33.65  ? 135 TYR A CA  1 
ATOM   1030 C  C   . TYR A 1 135 ? 2.444   -8.263  -5.924  1.00 39.35  ? 135 TYR A C   1 
ATOM   1031 O  O   . TYR A 1 135 ? 1.501   -7.766  -5.397  1.00 35.31  ? 135 TYR A O   1 
ATOM   1032 C  CB  . TYR A 1 135 ? 4.384   -6.727  -6.406  1.00 35.03  ? 135 TYR A CB  1 
ATOM   1033 C  CG  . TYR A 1 135 ? 5.587   -6.002  -5.898  1.00 32.73  ? 135 TYR A CG  1 
ATOM   1034 C  CD1 . TYR A 1 135 ? 6.855   -6.487  -6.123  1.00 36.61  ? 135 TYR A CD1 1 
ATOM   1035 C  CD2 . TYR A 1 135 ? 5.455   -4.810  -5.217  1.00 38.57  ? 135 TYR A CD2 1 
ATOM   1036 C  CE1 . TYR A 1 135 ? 7.957   -5.823  -5.657  1.00 35.29  ? 135 TYR A CE1 1 
ATOM   1037 C  CE2 . TYR A 1 135 ? 6.556   -4.132  -4.751  1.00 38.98  ? 135 TYR A CE2 1 
ATOM   1038 C  CZ  . TYR A 1 135 ? 7.803   -4.649  -4.979  1.00 41.96  ? 135 TYR A CZ  1 
ATOM   1039 O  OH  . TYR A 1 135 ? 8.899   -3.993  -4.527  1.00 41.20  ? 135 TYR A OH  1 
ATOM   1040 N  N   . VAL A 1 136 ? 2.315   -9.202  -6.853  1.00 39.22  ? 136 VAL A N   1 
ATOM   1041 C  CA  . VAL A 1 136 ? 1.020   -9.726  -7.269  1.00 38.95  ? 136 VAL A CA  1 
ATOM   1042 C  C   . VAL A 1 136 ? 0.366   -10.377 -6.078  1.00 37.47  ? 136 VAL A C   1 
ATOM   1043 O  O   . VAL A 1 136 ? -0.759  -10.104 -5.758  1.00 41.23  ? 136 VAL A O   1 
ATOM   1044 C  CB  . VAL A 1 136 ? 1.138   -10.691 -8.474  1.00 40.59  ? 136 VAL A CB  1 
ATOM   1045 C  CG1 . VAL A 1 136 ? -0.175  -11.379 -8.776  1.00 43.23  ? 136 VAL A CG1 1 
ATOM   1046 C  CG2 . VAL A 1 136 ? 1.664   -10.003 -9.712  1.00 35.26  ? 136 VAL A CG2 1 
ATOM   1047 N  N   . ARG A 1 137 ? 1.102   -11.205 -5.400  1.00 37.90  ? 137 ARG A N   1 
ATOM   1048 C  CA  . ARG A 1 137 ? 0.592   -11.805 -4.207  1.00 50.72  ? 137 ARG A CA  1 
ATOM   1049 C  C   . ARG A 1 137 ? 0.370   -10.821 -3.077  1.00 46.94  ? 137 ARG A C   1 
ATOM   1050 O  O   . ARG A 1 137 ? -0.690  -10.826 -2.502  1.00 49.17  ? 137 ARG A O   1 
ATOM   1051 C  CB  . ARG A 1 137 ? 1.501   -12.933 -3.788  1.00 54.52  ? 137 ARG A CB  1 
ATOM   1052 C  CG  . ARG A 1 137 ? 1.249   -13.531 -2.420  1.00 78.52  ? 137 ARG A CG  1 
ATOM   1053 C  CD  . ARG A 1 137 ? 1.534   -15.023 -2.390  1.00 90.99  ? 137 ARG A CD  1 
ATOM   1054 N  NE  . ARG A 1 137 ? 1.254   -15.614 -1.082  1.00 107.18 ? 137 ARG A NE  1 
ATOM   1055 C  CZ  . ARG A 1 137 ? 0.766   -16.838 -0.896  1.00 95.75  ? 137 ARG A CZ  1 
ATOM   1056 N  NH1 . ARG A 1 137 ? 0.498   -17.615 -1.935  1.00 93.64  ? 137 ARG A NH1 1 
ATOM   1057 N  NH2 . ARG A 1 137 ? 0.543   -17.289 0.332   1.00 89.36  ? 137 ARG A NH2 1 
ATOM   1058 N  N   . ASP A 1 138 ? 1.337   -9.964  -2.777  1.00 45.15  ? 138 ASP A N   1 
ATOM   1059 C  CA  . ASP A 1 138 ? 1.205   -9.066  -1.641  1.00 49.23  ? 138 ASP A CA  1 
ATOM   1060 C  C   . ASP A 1 138 ? 0.100   -8.048  -1.866  1.00 44.15  ? 138 ASP A C   1 
ATOM   1061 O  O   . ASP A 1 138 ? -0.530  -7.593  -0.905  1.00 49.02  ? 138 ASP A O   1 
ATOM   1062 C  CB  . ASP A 1 138 ? 2.533   -8.370  -1.364  1.00 52.19  ? 138 ASP A CB  1 
ATOM   1063 C  CG  . ASP A 1 138 ? 2.666   -7.944  0.077   1.00 51.68  ? 138 ASP A CG  1 
ATOM   1064 O  OD1 . ASP A 1 138 ? 3.100   -8.766  0.913   1.00 63.56  ? 138 ASP A OD1 1 
ATOM   1065 O  OD2 . ASP A 1 138 ? 2.339   -6.779  0.370   1.00 63.26  ? 138 ASP A OD2 1 
ATOM   1066 N  N   . GLY A 1 139 ? -0.162  -7.697  -3.126  1.00 42.86  ? 139 GLY A N   1 
ATOM   1067 C  CA  . GLY A 1 139 ? -1.285  -6.826  -3.419  1.00 45.16  ? 139 GLY A CA  1 
ATOM   1068 C  C   . GLY A 1 139 ? -2.612  -7.427  -2.997  1.00 48.36  ? 139 GLY A C   1 
ATOM   1069 O  O   . GLY A 1 139 ? -3.485  -6.726  -2.481  1.00 45.40  ? 139 GLY A O   1 
ATOM   1070 N  N   . LEU A 1 140 ? -2.776  -8.738  -3.196  1.00 39.68  ? 140 LEU A N   1 
ATOM   1071 C  CA  . LEU A 1 140 ? -4.032  -9.380  -2.825  1.00 40.41  ? 140 LEU A CA  1 
ATOM   1072 C  C   . LEU A 1 140 ? -4.165  -9.549  -1.317  1.00 42.50  ? 140 LEU A C   1 
ATOM   1073 O  O   . LEU A 1 140 ? -5.280  -9.477  -0.786  1.00 46.98  ? 140 LEU A O   1 
ATOM   1074 C  CB  . LEU A 1 140 ? -4.164  -10.734 -3.523  1.00 49.79  ? 140 LEU A CB  1 
ATOM   1075 C  CG  . LEU A 1 140 ? -5.585  -11.305 -3.528  1.00 53.19  ? 140 LEU A CG  1 
ATOM   1076 C  CD1 . LEU A 1 140 ? -6.595  -10.231 -3.910  1.00 46.77  ? 140 LEU A CD1 1 
ATOM   1077 C  CD2 . LEU A 1 140 ? -5.698  -12.507 -4.456  1.00 51.21  ? 140 LEU A CD2 1 
ATOM   1078 N  N   . LYS A 1 141 ? -3.055  -9.774  -0.611  1.00 46.25  ? 141 LYS A N   1 
ATOM   1079 C  CA  . LYS A 1 141 ? -3.129  -10.022 0.826   1.00 54.35  ? 141 LYS A CA  1 
ATOM   1080 C  C   . LYS A 1 141 ? -3.210  -8.731  1.627   1.00 50.90  ? 141 LYS A C   1 
ATOM   1081 O  O   . LYS A 1 141 ? -3.940  -8.666  2.623   1.00 51.70  ? 141 LYS A O   1 
ATOM   1082 C  CB  . LYS A 1 141 ? -1.942  -10.871 1.276   1.00 50.91  ? 141 LYS A CB  1 
ATOM   1083 C  CG  . LYS A 1 141 ? -2.320  -12.326 1.457   1.00 81.69  ? 141 LYS A CG  1 
ATOM   1084 C  CD  . LYS A 1 141 ? -2.861  -12.904 0.168   1.00 82.62  ? 141 LYS A CD  1 
ATOM   1085 C  CE  . LYS A 1 141 ? -1.836  -13.768 -0.495  1.00 72.91  ? 141 LYS A CE  1 
ATOM   1086 N  NZ  . LYS A 1 141 ? -2.368  -14.440 -1.707  1.00 75.46  ? 141 LYS A NZ  1 
ATOM   1087 N  N   . ASP A 1 142 ? -2.465  -7.700  1.218   1.00 43.38  ? 142 ASP A N   1 
ATOM   1088 C  CA  . ASP A 1 142 ? -2.662  -6.382  1.808   1.00 42.28  ? 142 ASP A CA  1 
ATOM   1089 C  C   . ASP A 1 142 ? -4.108  -5.934  1.651   1.00 42.13  ? 142 ASP A C   1 
ATOM   1090 O  O   . ASP A 1 142 ? -4.720  -5.433  2.602   1.00 42.81  ? 142 ASP A O   1 
ATOM   1091 C  CB  . ASP A 1 142 ? -1.718  -5.361  1.171   1.00 51.62  ? 142 ASP A CB  1 
ATOM   1092 C  CG  . ASP A 1 142 ? -0.303  -5.453  1.712   1.00 56.94  ? 142 ASP A CG  1 
ATOM   1093 O  OD1 . ASP A 1 142 ? -0.080  -6.219  2.672   1.00 56.96  ? 142 ASP A OD1 1 
ATOM   1094 O  OD2 . ASP A 1 142 ? 0.580   -4.742  1.187   1.00 63.87  ? 142 ASP A OD2 1 
ATOM   1095 N  N   . LEU A 1 143 ? -4.679  -6.128  0.461   1.00 35.60  ? 143 LEU A N   1 
ATOM   1096 C  CA  . LEU A 1 143 ? -6.078  -5.780  0.252   1.00 40.71  ? 143 LEU A CA  1 
ATOM   1097 C  C   . LEU A 1 143 ? -7.005  -6.659  1.083   1.00 45.09  ? 143 LEU A C   1 
ATOM   1098 O  O   . LEU A 1 143 ? -8.063  -6.195  1.524   1.00 43.82  ? 143 LEU A O   1 
ATOM   1099 C  CB  . LEU A 1 143 ? -6.431  -5.887  -1.230  1.00 37.65  ? 143 LEU A CB  1 
ATOM   1100 C  CG  . LEU A 1 143 ? -7.818  -5.346  -1.573  1.00 45.60  ? 143 LEU A CG  1 
ATOM   1101 C  CD1 . LEU A 1 143 ? -7.712  -3.905  -2.036  1.00 50.90  ? 143 LEU A CD1 1 
ATOM   1102 C  CD2 . LEU A 1 143 ? -8.505  -6.208  -2.619  1.00 56.15  ? 143 LEU A CD2 1 
ATOM   1103 N  N   . THR A 1 144 ? -6.632  -7.920  1.310   1.00 38.08  ? 144 THR A N   1 
ATOM   1104 C  CA  . THR A 1 144 ? -7.451  -8.784  2.155   1.00 36.98  ? 144 THR A CA  1 
ATOM   1105 C  C   . THR A 1 144 ? -7.395  -8.336  3.610   1.00 40.78  ? 144 THR A C   1 
ATOM   1106 O  O   . THR A 1 144 ? -8.425  -8.297  4.293   1.00 47.89  ? 144 THR A O   1 
ATOM   1107 C  CB  . THR A 1 144 ? -7.001  -10.240 2.016   1.00 39.87  ? 144 THR A CB  1 
ATOM   1108 O  OG1 . THR A 1 144 ? -7.393  -10.741 0.732   1.00 47.22  ? 144 THR A OG1 1 
ATOM   1109 C  CG2 . THR A 1 144 ? -7.634  -11.106 3.099   1.00 42.89  ? 144 THR A CG2 1 
ATOM   1110 N  N   . GLU A 1 145 ? -6.203  -7.983  4.096   1.00 40.03  ? 145 GLU A N   1 
ATOM   1111 C  CA  . GLU A 1 145 ? -6.069  -7.497  5.466   1.00 43.03  ? 145 GLU A CA  1 
ATOM   1112 C  C   . GLU A 1 145 ? -6.889  -6.230  5.681   1.00 43.16  ? 145 GLU A C   1 
ATOM   1113 O  O   . GLU A 1 145 ? -7.586  -6.093  6.692   1.00 49.36  ? 145 GLU A O   1 
ATOM   1114 C  CB  . GLU A 1 145 ? -4.597  -7.244  5.793   1.00 46.48  ? 145 GLU A CB  1 
ATOM   1115 C  CG  . GLU A 1 145 ? -3.742  -8.499  5.853   1.00 56.14  ? 145 GLU A CG  1 
ATOM   1116 C  CD  . GLU A 1 145 ? -2.256  -8.189  5.847   1.00 72.30  ? 145 GLU A CD  1 
ATOM   1117 O  OE1 . GLU A 1 145 ? -1.893  -7.019  5.598   1.00 68.95  ? 145 GLU A OE1 1 
ATOM   1118 O  OE2 . GLU A 1 145 ? -1.453  -9.114  6.092   1.00 84.85  ? 145 GLU A OE2 1 
ATOM   1119 N  N   . VAL A 1 146 ? -6.816  -5.292  4.734   1.00 37.07  ? 146 VAL A N   1 
ATOM   1120 C  CA  . VAL A 1 146 ? -7.602  -4.064  4.840   1.00 43.14  ? 146 VAL A CA  1 
ATOM   1121 C  C   . VAL A 1 146 ? -9.090  -4.373  4.775   1.00 46.47  ? 146 VAL A C   1 
ATOM   1122 O  O   . VAL A 1 146 ? -9.889  -3.812  5.536   1.00 37.36  ? 146 VAL A O   1 
ATOM   1123 C  CB  . VAL A 1 146 ? -7.190  -3.062  3.745   1.00 35.66  ? 146 VAL A CB  1 
ATOM   1124 C  CG1 . VAL A 1 146 ? -8.049  -1.808  3.826   1.00 32.50  ? 146 VAL A CG1 1 
ATOM   1125 C  CG2 . VAL A 1 146 ? -5.728  -2.706  3.880   1.00 31.29  ? 146 VAL A CG2 1 
ATOM   1126 N  N   . ASP A 1 147 ? -9.490  -5.267  3.864   1.00 44.23  ? 147 ASP A N   1 
ATOM   1127 C  CA  . ASP A 1 147 ? -10.906 -5.593  3.728   1.00 49.26  ? 147 ASP A CA  1 
ATOM   1128 C  C   . ASP A 1 147 ? -11.456 -6.210  5.007   1.00 41.35  ? 147 ASP A C   1 
ATOM   1129 O  O   . ASP A 1 147 ? -12.611 -5.964  5.373   1.00 44.34  ? 147 ASP A O   1 
ATOM   1130 C  CB  . ASP A 1 147 ? -11.124 -6.534  2.545   1.00 42.03  ? 147 ASP A CB  1 
ATOM   1131 C  CG  . ASP A 1 147 ? -12.590 -6.714  2.211   1.00 45.47  ? 147 ASP A CG  1 
ATOM   1132 O  OD1 . ASP A 1 147 ? -13.297 -5.694  2.060   1.00 50.29  ? 147 ASP A OD1 1 
ATOM   1133 O  OD2 . ASP A 1 147 ? -13.037 -7.875  2.100   1.00 55.56  ? 147 ASP A OD2 1 
ATOM   1134 N  N   . ASP A 1 148 ? -10.643 -7.010  5.702   1.00 37.18  ? 148 ASP A N   1 
ATOM   1135 C  CA  . ASP A 1 148 ? -11.081 -7.585  6.969   1.00 50.37  ? 148 ASP A CA  1 
ATOM   1136 C  C   . ASP A 1 148 ? -11.388 -6.499  7.994   1.00 51.29  ? 148 ASP A C   1 
ATOM   1137 O  O   . ASP A 1 148 ? -12.298 -6.650  8.817   1.00 51.86  ? 148 ASP A O   1 
ATOM   1138 C  CB  . ASP A 1 148 ? -10.020 -8.543  7.511   1.00 52.11  ? 148 ASP A CB  1 
ATOM   1139 C  CG  . ASP A 1 148 ? -9.980  -9.860  6.757   1.00 56.82  ? 148 ASP A CG  1 
ATOM   1140 O  OD1 . ASP A 1 148 ? -10.974 -10.191 6.075   1.00 48.00  ? 148 ASP A OD1 1 
ATOM   1141 O  OD2 . ASP A 1 148 ? -8.956  -10.567 6.857   1.00 54.14  ? 148 ASP A OD2 1 
ATOM   1142 N  N   . VAL A 1 149 ? -10.641 -5.394  7.959   1.00 42.59  ? 149 VAL A N   1 
ATOM   1143 C  CA  . VAL A 1 149 ? -10.893 -4.307  8.901   1.00 38.62  ? 149 VAL A CA  1 
ATOM   1144 C  C   . VAL A 1 149 ? -12.136 -3.524  8.494   1.00 40.48  ? 149 VAL A C   1 
ATOM   1145 O  O   . VAL A 1 149 ? -12.943 -3.131  9.346   1.00 38.87  ? 149 VAL A O   1 
ATOM   1146 C  CB  . VAL A 1 149 ? -9.653  -3.402  9.017   1.00 37.20  ? 149 VAL A CB  1 
ATOM   1147 C  CG1 . VAL A 1 149 ? -9.941  -2.208  9.913   1.00 33.21  ? 149 VAL A CG1 1 
ATOM   1148 C  CG2 . VAL A 1 149 ? -8.479  -4.193  9.563   1.00 31.28  ? 149 VAL A CG2 1 
ATOM   1149 N  N   . VAL A 1 150 ? -12.317 -3.290  7.190   1.00 38.52  ? 150 VAL A N   1 
ATOM   1150 C  CA  . VAL A 1 150 ? -13.532 -2.633  6.709   1.00 40.78  ? 150 VAL A CA  1 
ATOM   1151 C  C   . VAL A 1 150 ? -14.760 -3.440  7.097   1.00 41.68  ? 150 VAL A C   1 
ATOM   1152 O  O   . VAL A 1 150 ? -15.829 -2.876  7.370   1.00 46.18  ? 150 VAL A O   1 
ATOM   1153 C  CB  . VAL A 1 150 ? -13.457 -2.424  5.182   1.00 41.76  ? 150 VAL A CB  1 
ATOM   1154 C  CG1 . VAL A 1 150 ? -14.754 -1.823  4.659   1.00 45.15  ? 150 VAL A CG1 1 
ATOM   1155 C  CG2 . VAL A 1 150 ? -12.270 -1.546  4.818   1.00 36.25  ? 150 VAL A CG2 1 
ATOM   1156 N  N   . LYS A 1 151 ? -14.627 -4.769  7.128   1.00 45.94  ? 151 LYS A N   1 
ATOM   1157 C  CA  . LYS A 1 151 ? -15.714 -5.641  7.560   1.00 50.44  ? 151 LYS A CA  1 
ATOM   1158 C  C   . LYS A 1 151 ? -16.277 -5.211  8.909   1.00 45.18  ? 151 LYS A C   1 
ATOM   1159 O  O   . LYS A 1 151 ? -17.497 -5.139  9.087   1.00 49.26  ? 151 LYS A O   1 
ATOM   1160 C  CB  . LYS A 1 151 ? -15.209 -7.079  7.655   1.00 56.69  ? 151 LYS A CB  1 
ATOM   1161 C  CG  . LYS A 1 151 ? -14.977 -7.768  6.331   1.00 64.48  ? 151 LYS A CG  1 
ATOM   1162 C  CD  . LYS A 1 151 ? -14.492 -9.186  6.565   1.00 68.34  ? 151 LYS A CD  1 
ATOM   1163 C  CE  . LYS A 1 151 ? -14.201 -9.892  5.257   1.00 72.46  ? 151 LYS A CE  1 
ATOM   1164 N  NZ  . LYS A 1 151 ? -15.463 -10.317 4.599   1.00 75.29  ? 151 LYS A NZ  1 
ATOM   1165 N  N   . LEU A 1 152 ? -15.394 -4.911  9.863   1.00 49.53  ? 152 LEU A N   1 
ATOM   1166 C  CA  . LEU A 1 152 ? -15.817 -4.722  11.249  1.00 40.54  ? 152 LEU A CA  1 
ATOM   1167 C  C   . LEU A 1 152 ? -16.782 -3.554  11.389  1.00 42.76  ? 152 LEU A C   1 
ATOM   1168 O  O   . LEU A 1 152 ? -17.714 -3.606  12.202  1.00 42.76  ? 152 LEU A O   1 
ATOM   1169 C  CB  . LEU A 1 152 ? -14.585 -4.516  12.127  1.00 42.88  ? 152 LEU A CB  1 
ATOM   1170 C  CG  . LEU A 1 152 ? -13.451 -5.505  11.852  1.00 41.87  ? 152 LEU A CG  1 
ATOM   1171 C  CD1 . LEU A 1 152 ? -12.236 -5.177  12.696  1.00 39.51  ? 152 LEU A CD1 1 
ATOM   1172 C  CD2 . LEU A 1 152 ? -13.904 -6.938  12.098  1.00 38.05  ? 152 LEU A CD2 1 
ATOM   1173 N  N   . PHE A 1 153 ? -16.583 -2.492  10.607  1.00 34.13  ? 153 PHE A N   1 
ATOM   1174 C  CA  . PHE A 1 153 ? -17.426 -1.311  10.734  1.00 36.90  ? 153 PHE A CA  1 
ATOM   1175 C  C   . PHE A 1 153 ? -18.847 -1.560  10.251  1.00 48.75  ? 153 PHE A C   1 
ATOM   1176 O  O   . PHE A 1 153 ? -19.758 -0.813  10.625  1.00 47.55  ? 153 PHE A O   1 
ATOM   1177 C  CB  . PHE A 1 153 ? -16.800 -0.141  9.977   1.00 44.02  ? 153 PHE A CB  1 
ATOM   1178 C  CG  . PHE A 1 153 ? -15.549 0.386   10.621  1.00 41.57  ? 153 PHE A CG  1 
ATOM   1179 C  CD1 . PHE A 1 153 ? -14.313 -0.141  10.294  1.00 35.21  ? 153 PHE A CD1 1 
ATOM   1180 C  CD2 . PHE A 1 153 ? -15.614 1.395   11.568  1.00 33.62  ? 153 PHE A CD2 1 
ATOM   1181 C  CE1 . PHE A 1 153 ? -13.160 0.335   10.890  1.00 38.64  ? 153 PHE A CE1 1 
ATOM   1182 C  CE2 . PHE A 1 153 ? -14.466 1.875   12.170  1.00 35.37  ? 153 PHE A CE2 1 
ATOM   1183 C  CZ  . PHE A 1 153 ? -13.237 1.344   11.829  1.00 37.83  ? 153 PHE A CZ  1 
ATOM   1184 N  N   . ASN A 1 154 ? -19.059 -2.587  9.432   1.00 43.08  ? 154 ASN A N   1 
ATOM   1185 C  CA  . ASN A 1 154 ? -20.401 -3.021  9.073   1.00 51.23  ? 154 ASN A CA  1 
ATOM   1186 C  C   . ASN A 1 154 ? -20.901 -4.151  9.962   1.00 47.27  ? 154 ASN A C   1 
ATOM   1187 O  O   . ASN A 1 154 ? -22.055 -4.569  9.820   1.00 50.79  ? 154 ASN A O   1 
ATOM   1188 C  CB  . ASN A 1 154 ? -20.442 -3.457  7.605   1.00 50.10  ? 154 ASN A CB  1 
ATOM   1189 C  CG  . ASN A 1 154 ? -20.221 -2.303  6.647   1.00 54.77  ? 154 ASN A CG  1 
ATOM   1190 O  OD1 . ASN A 1 154 ? -20.879 -1.266  6.744   1.00 65.61  ? 154 ASN A OD1 1 
ATOM   1191 N  ND2 . ASN A 1 154 ? -19.292 -2.476  5.714   1.00 58.98  ? 154 ASN A ND2 1 
ATOM   1192 N  N   . SER A 1 155 ? -20.066 -4.645  10.876  1.00 41.42  ? 155 SER A N   1 
ATOM   1193 C  CA  . SER A 1 155 ? -20.437 -5.741  11.759  1.00 45.47  ? 155 SER A CA  1 
ATOM   1194 C  C   . SER A 1 155 ? -20.785 -5.291  13.171  1.00 46.29  ? 155 SER A C   1 
ATOM   1195 O  O   . SER A 1 155 ? -21.390 -6.069  13.917  1.00 45.30  ? 155 SER A O   1 
ATOM   1196 C  CB  . SER A 1 155 ? -19.303 -6.772  11.830  1.00 40.89  ? 155 SER A CB  1 
ATOM   1197 O  OG  . SER A 1 155 ? -19.147 -7.442  10.591  1.00 47.30  ? 155 SER A OG  1 
ATOM   1198 N  N   . SER A 1 156 ? -20.420 -4.070  13.556  1.00 39.36  ? 156 SER A N   1 
ATOM   1199 C  CA  . SER A 1 156 ? -20.750 -3.563  14.881  1.00 43.72  ? 156 SER A CA  1 
ATOM   1200 C  C   . SER A 1 156 ? -20.736 -2.042  14.848  1.00 49.28  ? 156 SER A C   1 
ATOM   1201 O  O   . SER A 1 156 ? -20.017 -1.431  14.053  1.00 40.87  ? 156 SER A O   1 
ATOM   1202 C  CB  . SER A 1 156 ? -19.773 -4.081  15.942  1.00 41.91  ? 156 SER A CB  1 
ATOM   1203 O  OG  . SER A 1 156 ? -19.806 -3.268  17.103  1.00 39.52  ? 156 SER A OG  1 
ATOM   1204 N  N   . ASN A 1 157 ? -21.540 -1.442  15.724  1.00 49.32  ? 157 ASN A N   1 
ATOM   1205 C  CA  . ASN A 1 157 ? -21.617 0.007   15.858  1.00 43.43  ? 157 ASN A CA  1 
ATOM   1206 C  C   . ASN A 1 157 ? -20.872 0.520   17.083  1.00 50.68  ? 157 ASN A C   1 
ATOM   1207 O  O   . ASN A 1 157 ? -21.035 1.688   17.452  1.00 51.76  ? 157 ASN A O   1 
ATOM   1208 C  CB  . ASN A 1 157 ? -23.079 0.455   15.909  1.00 41.45  ? 157 ASN A CB  1 
ATOM   1209 C  CG  . ASN A 1 157 ? -23.806 0.223   14.597  1.00 62.14  ? 157 ASN A CG  1 
ATOM   1210 O  OD1 . ASN A 1 157 ? -25.004 -0.061  14.579  1.00 66.62  ? 157 ASN A OD1 1 
ATOM   1211 N  ND2 . ASN A 1 157 ? -23.079 0.345   13.491  1.00 61.98  ? 157 ASN A ND2 1 
ATOM   1212 N  N   . ASP A 1 158 ? -20.060 -0.320  17.715  1.00 39.65  ? 158 ASP A N   1 
ATOM   1213 C  CA  . ASP A 1 158 ? -19.327 0.031   18.927  1.00 40.86  ? 158 ASP A CA  1 
ATOM   1214 C  C   . ASP A 1 158 ? -17.846 0.102   18.576  1.00 34.62  ? 158 ASP A C   1 
ATOM   1215 O  O   . ASP A 1 158 ? -17.226 -0.923  18.272  1.00 36.65  ? 158 ASP A O   1 
ATOM   1216 C  CB  . ASP A 1 158 ? -19.593 -0.996  20.028  1.00 39.24  ? 158 ASP A CB  1 
ATOM   1217 C  CG  . ASP A 1 158 ? -19.052 -0.565  21.378  1.00 40.01  ? 158 ASP A CG  1 
ATOM   1218 O  OD1 . ASP A 1 158 ? -17.815 -0.464  21.522  1.00 41.58  ? 158 ASP A OD1 1 
ATOM   1219 O  OD2 . ASP A 1 158 ? -19.863 -0.343  22.301  1.00 46.95  ? 158 ASP A OD2 1 
ATOM   1220 N  N   . LYS A 1 159 ? -17.282 1.313   18.622  1.00 35.95  ? 159 LYS A N   1 
ATOM   1221 C  CA  . LYS A 1 159 ? -15.879 1.492   18.258  1.00 36.56  ? 159 LYS A CA  1 
ATOM   1222 C  C   . LYS A 1 159 ? -14.962 0.639   19.124  1.00 39.12  ? 159 LYS A C   1 
ATOM   1223 O  O   . LYS A 1 159 ? -13.941 0.132   18.645  1.00 34.77  ? 159 LYS A O   1 
ATOM   1224 C  CB  . LYS A 1 159 ? -15.488 2.964   18.369  1.00 35.60  ? 159 LYS A CB  1 
ATOM   1225 C  CG  . LYS A 1 159 ? -15.577 3.729   17.068  1.00 52.40  ? 159 LYS A CG  1 
ATOM   1226 C  CD  . LYS A 1 159 ? -15.940 5.178   17.320  1.00 56.13  ? 159 LYS A CD  1 
ATOM   1227 C  CE  . LYS A 1 159 ? -14.707 5.979   17.678  1.00 45.18  ? 159 LYS A CE  1 
ATOM   1228 N  NZ  . LYS A 1 159 ? -14.559 7.189   16.822  1.00 40.41  ? 159 LYS A NZ  1 
ATOM   1229 N  N   . LEU A 1 160 ? -15.308 0.468   20.403  1.00 39.30  ? 160 LEU A N   1 
ATOM   1230 C  CA  . LEU A 1 160 ? -14.438 -0.294  21.294  1.00 35.46  ? 160 LEU A CA  1 
ATOM   1231 C  C   . LEU A 1 160 ? -14.499 -1.789  21.003  1.00 36.07  ? 160 LEU A C   1 
ATOM   1232 O  O   . LEU A 1 160 ? -13.512 -2.501  21.224  1.00 39.99  ? 160 LEU A O   1 
ATOM   1233 C  CB  . LEU A 1 160 ? -14.797 -0.011  22.750  1.00 36.91  ? 160 LEU A CB  1 
ATOM   1234 C  CG  . LEU A 1 160 ? -14.464 1.392   23.259  1.00 38.69  ? 160 LEU A CG  1 
ATOM   1235 C  CD1 . LEU A 1 160 ? -14.712 1.492   24.754  1.00 44.21  ? 160 LEU A CD1 1 
ATOM   1236 C  CD2 . LEU A 1 160 ? -13.027 1.755   22.926  1.00 36.86  ? 160 LEU A CD2 1 
ATOM   1237 N  N   . ILE A 1 161 ? -15.634 -2.287  20.509  1.00 32.09  ? 161 ILE A N   1 
ATOM   1238 C  CA  . ILE A 1 161 ? -15.685 -3.675  20.058  1.00 35.10  ? 161 ILE A CA  1 
ATOM   1239 C  C   . ILE A 1 161 ? -14.805 -3.858  18.829  1.00 39.68  ? 161 ILE A C   1 
ATOM   1240 O  O   . ILE A 1 161 ? -14.013 -4.804  18.742  1.00 41.37  ? 161 ILE A O   1 
ATOM   1241 C  CB  . ILE A 1 161 ? -17.136 -4.102  19.774  1.00 35.98  ? 161 ILE A CB  1 
ATOM   1242 C  CG1 . ILE A 1 161 ? -17.966 -4.038  21.052  1.00 42.03  ? 161 ILE A CG1 1 
ATOM   1243 C  CG2 . ILE A 1 161 ? -17.167 -5.509  19.213  1.00 34.44  ? 161 ILE A CG2 1 
ATOM   1244 C  CD1 . ILE A 1 161 ? -17.261 -4.636  22.231  1.00 43.42  ? 161 ILE A CD1 1 
ATOM   1245 N  N   . ILE A 1 162 ? -14.939 -2.952  17.859  1.00 39.12  ? 162 ILE A N   1 
ATOM   1246 C  CA  . ILE A 1 162 ? -14.096 -2.985  16.668  1.00 32.40  ? 162 ILE A CA  1 
ATOM   1247 C  C   . ILE A 1 162 ? -12.627 -2.906  17.058  1.00 36.34  ? 162 ILE A C   1 
ATOM   1248 O  O   . ILE A 1 162 ? -11.792 -3.678  16.570  1.00 38.91  ? 162 ILE A O   1 
ATOM   1249 C  CB  . ILE A 1 162 ? -14.490 -1.846  15.712  1.00 32.17  ? 162 ILE A CB  1 
ATOM   1250 C  CG1 . ILE A 1 162 ? -15.972 -1.960  15.340  1.00 34.52  ? 162 ILE A CG1 1 
ATOM   1251 C  CG2 . ILE A 1 162 ? -13.599 -1.849  14.477  1.00 29.81  ? 162 ILE A CG2 1 
ATOM   1252 C  CD1 . ILE A 1 162 ? -16.503 -0.783  14.558  1.00 32.38  ? 162 ILE A CD1 1 
ATOM   1253 N  N   . GLU A 1 163 ? -12.294 -1.973  17.954  1.00 33.25  ? 163 GLU A N   1 
ATOM   1254 C  CA  . GLU A 1 163 ? -10.921 -1.827  18.425  1.00 37.83  ? 163 GLU A CA  1 
ATOM   1255 C  C   . GLU A 1 163 ? -10.384 -3.135  18.991  1.00 41.31  ? 163 GLU A C   1 
ATOM   1256 O  O   . GLU A 1 163 ? -9.279  -3.569  18.646  1.00 39.36  ? 163 GLU A O   1 
ATOM   1257 C  CB  . GLU A 1 163 ? -10.850 -0.722  19.478  1.00 35.09  ? 163 GLU A CB  1 
ATOM   1258 C  CG  . GLU A 1 163 ? -10.569 0.644   18.897  1.00 36.76  ? 163 GLU A CG  1 
ATOM   1259 C  CD  . GLU A 1 163 ? -9.133  0.773   18.433  1.00 42.14  ? 163 GLU A CD  1 
ATOM   1260 O  OE1 . GLU A 1 163 ? -8.235  0.891   19.294  1.00 51.57  ? 163 GLU A OE1 1 
ATOM   1261 O  OE2 . GLU A 1 163 ? -8.902  0.738   17.208  1.00 42.77  ? 163 GLU A OE2 1 
ATOM   1262 N  N   . GLU A 1 164 ? -11.160 -3.778  19.865  1.00 38.37  ? 164 GLU A N   1 
ATOM   1263 C  CA  . GLU A 1 164 ? -10.722 -5.038  20.455  1.00 41.71  ? 164 GLU A CA  1 
ATOM   1264 C  C   . GLU A 1 164 ? -10.533 -6.111  19.390  1.00 44.05  ? 164 GLU A C   1 
ATOM   1265 O  O   . GLU A 1 164 ? -9.590  -6.908  19.461  1.00 46.48  ? 164 GLU A O   1 
ATOM   1266 C  CB  . GLU A 1 164 ? -11.724 -5.497  21.512  1.00 38.00  ? 164 GLU A CB  1 
ATOM   1267 C  CG  . GLU A 1 164 ? -11.125 -6.394  22.575  1.00 62.62  ? 164 GLU A CG  1 
ATOM   1268 C  CD  . GLU A 1 164 ? -12.137 -7.360  23.154  1.00 82.63  ? 164 GLU A CD  1 
ATOM   1269 O  OE1 . GLU A 1 164 ? -11.717 -8.354  23.784  1.00 96.80  ? 164 GLU A OE1 1 
ATOM   1270 O  OE2 . GLU A 1 164 ? -13.352 -7.124  22.980  1.00 71.00  ? 164 GLU A OE2 1 
ATOM   1271 N  N   . THR A 1 165 ? -11.415 -6.142  18.389  1.00 40.83  ? 165 THR A N   1 
ATOM   1272 C  CA  . THR A 1 165 ? -11.265 -7.110  17.307  1.00 43.91  ? 165 THR A CA  1 
ATOM   1273 C  C   . THR A 1 165 ? -10.018 -6.823  16.477  1.00 49.23  ? 165 THR A C   1 
ATOM   1274 O  O   . THR A 1 165 ? -9.352  -7.752  16.006  1.00 50.18  ? 165 THR A O   1 
ATOM   1275 C  CB  . THR A 1 165 ? -12.514 -7.107  16.424  1.00 41.05  ? 165 THR A CB  1 
ATOM   1276 O  OG1 . THR A 1 165 ? -13.675 -7.318  17.238  1.00 47.40  ? 165 THR A OG1 1 
ATOM   1277 C  CG2 . THR A 1 165 ? -12.429 -8.201  15.369  1.00 38.81  ? 165 THR A CG2 1 
ATOM   1278 N  N   . ILE A 1 166 ? -9.684  -5.545  16.291  1.00 41.59  ? 166 ILE A N   1 
ATOM   1279 C  CA  . ILE A 1 166 ? -8.476  -5.197  15.548  1.00 47.32  ? 166 ILE A CA  1 
ATOM   1280 C  C   . ILE A 1 166 ? -7.236  -5.668  16.296  1.00 49.95  ? 166 ILE A C   1 
ATOM   1281 O  O   . ILE A 1 166 ? -6.263  -6.131  15.687  1.00 55.51  ? 166 ILE A O   1 
ATOM   1282 C  CB  . ILE A 1 166 ? -8.429  -3.681  15.275  1.00 38.87  ? 166 ILE A CB  1 
ATOM   1283 C  CG1 . ILE A 1 166 ? -9.535  -3.271  14.303  1.00 32.35  ? 166 ILE A CG1 1 
ATOM   1284 C  CG2 . ILE A 1 166 ? -7.077  -3.271  14.722  1.00 35.15  ? 166 ILE A CG2 1 
ATOM   1285 C  CD1 . ILE A 1 166 ? -9.675  -1.773  14.150  1.00 38.51  ? 166 ILE A CD1 1 
ATOM   1286 N  N   . LYS A 1 167 ? -7.256  -5.574  17.628  1.00 45.65  ? 167 LYS A N   1 
ATOM   1287 C  CA  . LYS A 1 167 ? -6.092  -5.921  18.435  1.00 55.74  ? 167 LYS A CA  1 
ATOM   1288 C  C   . LYS A 1 167 ? -5.661  -7.372  18.246  1.00 65.72  ? 167 LYS A C   1 
ATOM   1289 O  O   . LYS A 1 167 ? -4.484  -7.690  18.451  1.00 74.17  ? 167 LYS A O   1 
ATOM   1290 C  CB  . LYS A 1 167 ? -6.393  -5.629  19.908  1.00 53.41  ? 167 LYS A CB  1 
ATOM   1291 C  CG  . LYS A 1 167 ? -5.274  -5.965  20.873  1.00 61.70  ? 167 LYS A CG  1 
ATOM   1292 C  CD  . LYS A 1 167 ? -5.563  -5.386  22.243  1.00 59.80  ? 167 LYS A CD  1 
ATOM   1293 C  CE  . LYS A 1 167 ? -5.075  -6.294  23.351  1.00 70.51  ? 167 LYS A CE  1 
ATOM   1294 N  NZ  . LYS A 1 167 ? -6.079  -6.372  24.441  1.00 83.85  ? 167 LYS A NZ  1 
ATOM   1295 N  N   . GLU A 1 168 ? -6.567  -8.256  17.850  1.00 65.52  ? 168 GLU A N   1 
ATOM   1296 C  CA  . GLU A 1 168 ? -6.253  -9.664  17.619  1.00 69.57  ? 168 GLU A CA  1 
ATOM   1297 C  C   . GLU A 1 168 ? -5.969  -9.945  16.165  1.00 79.69  ? 168 GLU A C   1 
ATOM   1298 O  O   . GLU A 1 168 ? -5.492  -11.010 15.812  1.00 81.07  ? 168 GLU A O   1 
ATOM   1299 C  CB  . GLU A 1 168 ? -7.396  -10.520 18.100  1.00 59.42  ? 168 GLU A CB  1 
ATOM   1300 C  CG  . GLU A 1 168 ? -7.286  -10.868 19.575  1.00 77.81  ? 168 GLU A CG  1 
ATOM   1301 C  CD  . GLU A 1 168 ? -8.190  -10.035 20.458  1.00 90.95  ? 168 GLU A CD  1 
ATOM   1302 O  OE1 . GLU A 1 168 ? -9.403  -9.990  20.193  1.00 85.23  ? 168 GLU A OE1 1 
ATOM   1303 O  OE2 . GLU A 1 168 ? -7.696  -9.436  21.430  1.00 88.37  ? 168 GLU A OE2 1 
ATOM   1304 N  N   . MET A 1 169 ? -6.247  -8.986  15.307  1.00 80.21  ? 169 MET A N   1 
ATOM   1305 C  CA  . MET A 1 169 ? -5.943  -9.105  13.901  1.00 74.99  ? 169 MET A CA  1 
ATOM   1306 C  C   . MET A 1 169 ? -4.590  -8.503  13.687  1.00 84.85  ? 169 MET A C   1 
ATOM   1307 O  O   . MET A 1 169 ? -4.143  -8.407  12.551  1.00 85.01  ? 169 MET A O   1 
ATOM   1308 C  CB  . MET A 1 169 ? -6.858  -8.209  13.106  1.00 72.63  ? 169 MET A CB  1 
ATOM   1309 C  CG  . MET A 1 169 ? -8.245  -8.695  12.870  1.00 63.46  ? 169 MET A CG  1 
ATOM   1310 S  SD  . MET A 1 169 ? -8.881  -7.510  11.699  1.00 65.02  ? 169 MET A SD  1 
ATOM   1311 C  CE  . MET A 1 169 ? -10.390 -8.363  11.303  1.00 60.89  ? 169 MET A CE  1 
ATOM   1312 N  N   . VAL A 1 170 ? -3.955  -8.054  14.757  1.00 88.84  ? 170 VAL A N   1 
ATOM   1313 C  CA  . VAL A 1 170 ? -2.668  -7.401  14.670  1.00 92.70  ? 170 VAL A CA  1 
ATOM   1314 C  C   . VAL A 1 170 ? -2.776  -6.159  13.778  1.00 86.91  ? 170 VAL A C   1 
ATOM   1315 O  O   . VAL A 1 170 ? -2.603  -5.028  14.237  1.00 76.98  ? 170 VAL A O   1 
ATOM   1316 C  CB  . VAL A 1 170 ? -1.542  -8.397  14.274  1.00 93.94  ? 170 VAL A CB  1 
ATOM   1317 C  CG1 . VAL A 1 170 ? -0.653  -7.817  13.186  1.00 91.06  ? 170 VAL A CG1 1 
ATOM   1318 C  CG2 . VAL A 1 170 ? -0.731  -8.778  15.501  1.00 87.77  ? 170 VAL A CG2 1 
HETATM 1319 FE FE  . FE  B 2 .   ? 2.658   -5.287  1.498   1.00 56.88  ? 201 FE  A FE  1 
HETATM 1320 FE FE  . FE  C 2 .   ? 2.106   -7.841  3.172   1.00 97.35  ? 202 FE  A FE  1 
HETATM 1321 FE FE  . FE  D 2 .   ? -15.168 -8.231  24.438  0.25 95.23  ? 203 FE  A FE  1 
HETATM 1322 FE FE  . FE  E 2 .   ? -13.130 -9.453  24.944  0.25 89.14  ? 204 FE  A FE  1 
HETATM 1323 FE FE  . FE  F 2 .   ? -10.664 -10.260 23.043  1.00 118.48 ? 205 FE  A FE  1 
HETATM 1324 FE FE  . FE  G 2 .   ? -9.011  -12.606 23.762  1.00 133.74 ? 206 FE  A FE  1 
HETATM 1325 FE FE  . FE  H 2 .   ? 4.453   -7.258  3.766   1.00 101.02 ? 207 FE  A FE  1 
HETATM 1326 FE FE  . FE  I 2 .   ? -19.215 6.992   7.504   1.00 116.87 ? 208 FE  A FE  1 
HETATM 1327 FE FE  . FE  J 2 .   ? -2.173  5.976   22.263  1.00 117.19 ? 209 FE  A FE  1 
HETATM 1328 FE FE  . FE  K 2 .   ? -0.045  12.479  -5.730  1.00 112.56 ? 210 FE  A FE  1 
HETATM 1329 MG MG  . MG  L 3 .   ? 5.344   -12.656 -26.721 1.00 67.97  ? 211 MG  A MG  1 
HETATM 1330 CL CL  . CL  M 4 .   ? -0.680  15.335  -3.524  1.00 55.31  ? 212 CL  A CL  1 
HETATM 1331 CL CL  . CL  N 4 .   ? 14.654  -12.569 -18.704 1.00 54.10  ? 213 CL  A CL  1 
HETATM 1332 O  O   . HOH O 5 .   ? -18.222 5.206   4.667   1.00 48.87  ? 301 HOH A O   1 
HETATM 1333 O  O   . HOH O 5 .   ? 6.957   -13.942 -25.859 1.00 52.58  ? 302 HOH A O   1 
HETATM 1334 O  O   . HOH O 5 .   ? 10.411  7.213   -8.767  1.00 38.25  ? 303 HOH A O   1 
HETATM 1335 O  O   . HOH O 5 .   ? 5.928   -3.367  -25.013 1.00 57.98  ? 304 HOH A O   1 
HETATM 1336 O  O   . HOH O 5 .   ? -2.744  15.216  16.511  1.00 50.33  ? 305 HOH A O   1 
HETATM 1337 O  O   . HOH O 5 .   ? -22.501 -1.128  11.504  1.00 48.13  ? 306 HOH A O   1 
HETATM 1338 O  O   . HOH O 5 .   ? 6.460   2.162   -18.783 1.00 38.80  ? 307 HOH A O   1 
HETATM 1339 O  O   . HOH O 5 .   ? -22.036 -1.697  22.247  1.00 45.93  ? 308 HOH A O   1 
HETATM 1340 O  O   . HOH O 5 .   ? 6.189   -13.590 -22.765 1.00 47.18  ? 309 HOH A O   1 
HETATM 1341 O  O   . HOH O 5 .   ? 5.603   5.179   8.396   1.00 38.97  ? 310 HOH A O   1 
HETATM 1342 O  O   . HOH O 5 .   ? 15.323  2.835   -1.807  1.00 44.66  ? 311 HOH A O   1 
HETATM 1343 O  O   . HOH O 5 .   ? -9.599  13.283  19.966  1.00 63.07  ? 312 HOH A O   1 
HETATM 1344 O  O   . HOH O 5 .   ? 7.224   -11.519 -27.283 1.00 48.68  ? 313 HOH A O   1 
HETATM 1345 O  O   . HOH O 5 .   ? -12.811 6.318   -0.307  1.00 45.78  ? 314 HOH A O   1 
HETATM 1346 O  O   . HOH O 5 .   ? 0.847   -2.952  -19.196 1.00 41.54  ? 315 HOH A O   1 
HETATM 1347 O  O   . HOH O 5 .   ? 14.345  7.611   -2.632  1.00 30.89  ? 316 HOH A O   1 
HETATM 1348 O  O   . HOH O 5 .   ? 14.807  -7.072  -4.569  1.00 49.78  ? 317 HOH A O   1 
HETATM 1349 O  O   . HOH O 5 .   ? 9.242   15.266  -12.991 1.00 69.70  ? 318 HOH A O   1 
HETATM 1350 O  O   . HOH O 5 .   ? 1.440   17.350  -4.218  1.00 46.64  ? 319 HOH A O   1 
HETATM 1351 O  O   . HOH O 5 .   ? 1.391   -9.129  -22.104 1.00 43.39  ? 320 HOH A O   1 
HETATM 1352 O  O   . HOH O 5 .   ? -13.914 6.844   2.311   1.00 39.56  ? 321 HOH A O   1 
HETATM 1353 O  O   . HOH O 5 .   ? 2.855   -2.708  -4.263  1.00 32.31  ? 322 HOH A O   1 
HETATM 1354 O  O   . HOH O 5 .   ? -23.983 -6.637  14.553  1.00 44.34  ? 323 HOH A O   1 
HETATM 1355 O  O   . HOH O 5 .   ? -1.997  4.170   17.168  1.00 42.74  ? 324 HOH A O   1 
HETATM 1356 O  O   . HOH O 5 .   ? -1.455  17.788  6.033   1.00 39.98  ? 325 HOH A O   1 
HETATM 1357 O  O   . HOH O 5 .   ? 1.392   -13.781 -12.038 1.00 39.90  ? 326 HOH A O   1 
HETATM 1358 O  O   . HOH O 5 .   ? 5.144   -11.032 -25.496 1.00 59.99  ? 327 HOH A O   1 
HETATM 1359 O  O   . HOH O 5 .   ? -21.887 1.536   22.475  1.00 54.62  ? 328 HOH A O   1 
HETATM 1360 O  O   . HOH O 5 .   ? -5.551  14.109  14.697  1.00 53.30  ? 329 HOH A O   1 
HETATM 1361 O  O   . HOH O 5 .   ? 1.830   8.148   12.290  1.00 40.10  ? 330 HOH A O   1 
HETATM 1362 O  O   . HOH O 5 .   ? -3.970  -2.724  -15.158 1.00 45.72  ? 331 HOH A O   1 
HETATM 1363 O  O   . HOH O 5 .   ? 2.231   11.843  -7.435  1.00 60.77  ? 332 HOH A O   1 
HETATM 1364 O  O   . HOH O 5 .   ? 8.844   -12.229 -6.701  1.00 52.36  ? 333 HOH A O   1 
HETATM 1365 O  O   . HOH O 5 .   ? 18.123  -14.571 -15.611 1.00 42.22  ? 334 HOH A O   1 
HETATM 1366 O  O   . HOH O 5 .   ? 9.841   8.771   -6.714  1.00 36.88  ? 335 HOH A O   1 
HETATM 1367 O  O   . HOH O 5 .   ? -21.836 -7.258  8.959   1.00 59.59  ? 336 HOH A O   1 
HETATM 1368 O  O   . HOH O 5 .   ? -14.897 7.904   14.078  1.00 25.99  ? 337 HOH A O   1 
HETATM 1369 O  O   . HOH O 5 .   ? 19.230  -6.240  -17.529 1.00 53.75  ? 338 HOH A O   1 
HETATM 1370 O  O   . HOH O 5 .   ? 20.406  0.839   -1.228  1.00 47.15  ? 339 HOH A O   1 
HETATM 1371 O  O   . HOH O 5 .   ? -2.217  10.848  -2.779  1.00 48.26  ? 340 HOH A O   1 
HETATM 1372 O  O   . HOH O 5 .   ? -2.090  -7.389  -9.482  1.00 38.06  ? 341 HOH A O   1 
HETATM 1373 O  O   . HOH O 5 .   ? -0.905  -3.601  8.581   1.00 44.40  ? 342 HOH A O   1 
HETATM 1374 O  O   . HOH O 5 .   ? 1.927   0.035   -13.813 1.00 45.75  ? 343 HOH A O   1 
HETATM 1375 O  O   . HOH O 5 .   ? -10.215 17.487  6.072   1.00 49.44  ? 344 HOH A O   1 
HETATM 1376 O  O   . HOH O 5 .   ? -6.442  -7.518  9.001   1.00 46.99  ? 345 HOH A O   1 
HETATM 1377 O  O   . HOH O 5 .   ? -18.413 -1.403  3.116   1.00 60.16  ? 346 HOH A O   1 
HETATM 1378 O  O   . HOH O 5 .   ? 0.101   -4.374  -1.727  1.00 53.33  ? 347 HOH A O   1 
HETATM 1379 O  O   . HOH O 5 .   ? 20.226  4.822   -10.135 1.00 33.79  ? 348 HOH A O   1 
HETATM 1380 O  O   . HOH O 5 .   ? 3.434   1.353   -12.356 1.00 39.96  ? 349 HOH A O   1 
HETATM 1381 O  O   . HOH O 5 .   ? -5.626  14.930  0.154   1.00 26.47  ? 350 HOH A O   1 
HETATM 1382 O  O   . HOH O 5 .   ? 12.542  6.523   -20.389 1.00 55.87  ? 351 HOH A O   1 
HETATM 1383 O  O   . HOH O 5 .   ? -12.780 15.742  7.952   1.00 60.89  ? 352 HOH A O   1 
HETATM 1384 O  O   . HOH O 5 .   ? -13.147 -9.493  9.577   1.00 46.48  ? 353 HOH A O   1 
HETATM 1385 O  O   . HOH O 5 .   ? -24.352 -3.562  8.035   1.00 57.25  ? 354 HOH A O   1 
HETATM 1386 O  O   . HOH O 5 .   ? 1.800   -4.987  -4.099  1.00 50.71  ? 355 HOH A O   1 
HETATM 1387 O  O   . HOH O 5 .   ? 10.487  -10.399 -5.759  1.00 47.83  ? 356 HOH A O   1 
HETATM 1388 O  O   . HOH O 5 .   ? -3.511  -6.185  -24.908 1.00 55.36  ? 357 HOH A O   1 
HETATM 1389 O  O   . HOH O 5 .   ? 7.318   4.610   -20.546 1.00 53.50  ? 358 HOH A O   1 
HETATM 1390 O  O   . HOH O 5 .   ? 9.252   8.440   -10.947 1.00 47.70  ? 359 HOH A O   1 
HETATM 1391 O  O   . HOH O 5 .   ? 4.008   -9.668  3.792   1.00 75.47  ? 360 HOH A O   1 
HETATM 1392 O  O   . HOH O 5 .   ? 8.082   4.485   11.523  1.00 53.04  ? 361 HOH A O   1 
HETATM 1393 O  O   . HOH O 5 .   ? -15.375 11.118  4.230   1.00 42.47  ? 362 HOH A O   1 
HETATM 1394 O  O   . HOH O 5 .   ? 0.827   -9.144  3.897   1.00 78.16  ? 363 HOH A O   1 
HETATM 1395 O  O   . HOH O 5 .   ? 9.023   -3.239  5.556   1.00 49.98  ? 364 HOH A O   1 
HETATM 1396 O  O   . HOH O 5 .   ? -0.939  4.217   19.766  1.00 54.41  ? 365 HOH A O   1 
HETATM 1397 O  O   . HOH O 5 .   ? -0.866  1.349   -14.722 1.00 47.63  ? 366 HOH A O   1 
HETATM 1398 O  O   . HOH O 5 .   ? 2.470   2.328   -10.144 1.00 28.60  ? 367 HOH A O   1 
HETATM 1399 O  O   . HOH O 5 .   ? 13.769  13.340  -10.267 1.00 51.92  ? 368 HOH A O   1 
HETATM 1400 O  O   . HOH O 5 .   ? 11.496  -0.657  -23.551 1.00 53.96  ? 369 HOH A O   1 
HETATM 1401 O  O   . HOH O 5 .   ? -20.632 0.327   3.832   1.00 63.98  ? 370 HOH A O   1 
HETATM 1402 O  O   . HOH O 5 .   ? -8.444  -13.845 6.487   1.00 68.55  ? 371 HOH A O   1 
HETATM 1403 O  O   . HOH O 5 .   ? 1.659   -8.138  6.958   1.00 70.31  ? 372 HOH A O   1 
HETATM 1404 O  O   . HOH O 5 .   ? -5.043  -5.692  -18.779 1.00 42.35  ? 373 HOH A O   1 
HETATM 1405 O  O   . HOH O 5 .   ? -16.777 5.295   12.128  1.00 35.47  ? 374 HOH A O   1 
HETATM 1406 O  O   . HOH O 5 .   ? -10.757 -1.481  -9.623  1.00 53.41  ? 375 HOH A O   1 
HETATM 1407 O  O   . HOH O 5 .   ? -23.702 -3.394  12.620  1.00 49.44  ? 376 HOH A O   1 
HETATM 1408 O  O   . HOH O 5 .   ? 3.339   -6.680  6.337   1.00 62.49  ? 377 HOH A O   1 
HETATM 1409 O  O   . HOH O 5 .   ? 0.032   4.256   15.235  1.00 42.21  ? 378 HOH A O   1 
HETATM 1410 O  O   . HOH O 5 .   ? -11.288 13.217  2.284   1.00 46.39  ? 379 HOH A O   1 
HETATM 1411 O  O   . HOH O 5 .   ? -10.324 -11.140 25.696  0.25 81.66  ? 380 HOH A O   1 
HETATM 1412 O  O   . HOH O 5 .   ? -4.775  15.985  10.315  1.00 40.03  ? 381 HOH A O   1 
HETATM 1413 O  O   . HOH O 5 .   ? 11.107  -7.984  -27.098 1.00 57.16  ? 382 HOH A O   1 
HETATM 1414 O  O   . HOH O 5 .   ? 13.257  -2.209  4.093   1.00 56.81  ? 383 HOH A O   1 
HETATM 1415 O  O   . HOH O 5 .   ? -3.183  -4.077  -17.292 1.00 40.97  ? 384 HOH A O   1 
HETATM 1416 O  O   . HOH O 5 .   ? 10.120  -5.540  -27.055 1.00 60.03  ? 385 HOH A O   1 
HETATM 1417 O  O   . HOH O 5 .   ? 1.195   4.950   -10.155 1.00 44.62  ? 386 HOH A O   1 
HETATM 1418 O  O   . HOH O 5 .   ? -12.351 0.581   -4.218  1.00 46.66  ? 387 HOH A O   1 
HETATM 1419 O  O   . HOH O 5 .   ? 1.688   -4.051  -21.962 1.00 32.70  ? 388 HOH A O   1 
HETATM 1420 O  O   . HOH O 5 .   ? 20.203  -7.364  -21.662 1.00 58.20  ? 389 HOH A O   1 
HETATM 1421 O  O   . HOH O 5 .   ? 3.727   -13.998 -23.454 1.00 48.64  ? 390 HOH A O   1 
HETATM 1422 O  O   . HOH O 5 .   ? 3.660   3.277   -15.349 1.00 50.82  ? 391 HOH A O   1 
HETATM 1423 O  O   . HOH O 5 .   ? -21.287 5.049   5.034   1.00 58.87  ? 392 HOH A O   1 
HETATM 1424 O  O   . HOH O 5 .   ? -13.831 10.169  2.512   1.00 46.89  ? 393 HOH A O   1 
HETATM 1425 O  O   . HOH O 5 .   ? -1.999  -2.276  -18.853 1.00 43.61  ? 394 HOH A O   1 
HETATM 1426 O  O   . HOH O 5 .   ? 2.738   0.528   -16.402 1.00 51.84  ? 395 HOH A O   1 
HETATM 1427 O  O   . HOH O 5 .   ? 4.583   -11.088 -28.011 1.00 66.23  ? 396 HOH A O   1 
HETATM 1428 O  O   . HOH O 5 .   ? -24.576 -0.170  23.071  1.00 62.53  ? 397 HOH A O   1 
HETATM 1429 O  O   . HOH O 5 .   ? 10.487  -0.257  9.272   1.00 59.87  ? 398 HOH A O   1 
HETATM 1430 O  O   . HOH O 5 .   ? -1.860  -9.176  -24.881 1.00 66.89  ? 399 HOH A O   1 
HETATM 1431 O  O   . HOH O 5 .   ? 4.127   0.992   -20.633 1.00 47.10  ? 400 HOH A O   1 
HETATM 1432 O  O   . HOH O 5 .   ? 3.409   -13.567 -26.190 1.00 59.42  ? 401 HOH A O   1 
HETATM 1433 O  O   . HOH O 5 .   ? -6.852  -13.222 26.570  0.25 67.45  ? 402 HOH A O   1 
# 
